data_1VFQ
# 
_entry.id   1VFQ 
# 
_audit_conform.dict_name       mmcif_pdbx.dic 
_audit_conform.dict_version    5.383 
_audit_conform.dict_location   http://mmcif.pdb.org/dictionaries/ascii/mmcif_pdbx.dic 
# 
loop_
_database_2.database_id 
_database_2.database_code 
_database_2.pdbx_database_accession 
_database_2.pdbx_DOI 
PDB   1VFQ         pdb_00001vfq 10.2210/pdb1vfq/pdb 
RCSB  RCSB006566   ?            ?                   
WWPDB D_1000006566 ?            ?                   
# 
loop_
_pdbx_audit_revision_history.ordinal 
_pdbx_audit_revision_history.data_content_type 
_pdbx_audit_revision_history.major_revision 
_pdbx_audit_revision_history.minor_revision 
_pdbx_audit_revision_history.revision_date 
1 'Structure model' 1 0 2005-01-25 
2 'Structure model' 1 1 2008-04-27 
3 'Structure model' 1 2 2011-07-13 
4 'Structure model' 1 3 2023-12-27 
# 
_pdbx_audit_revision_details.ordinal             1 
_pdbx_audit_revision_details.revision_ordinal    1 
_pdbx_audit_revision_details.data_content_type   'Structure model' 
_pdbx_audit_revision_details.provider            repository 
_pdbx_audit_revision_details.type                'Initial release' 
_pdbx_audit_revision_details.description         ? 
_pdbx_audit_revision_details.details             ? 
# 
loop_
_pdbx_audit_revision_group.ordinal 
_pdbx_audit_revision_group.revision_ordinal 
_pdbx_audit_revision_group.data_content_type 
_pdbx_audit_revision_group.group 
1 2 'Structure model' 'Version format compliance' 
2 3 'Structure model' 'Version format compliance' 
3 4 'Structure model' 'Data collection'           
4 4 'Structure model' 'Database references'       
# 
loop_
_pdbx_audit_revision_category.ordinal 
_pdbx_audit_revision_category.revision_ordinal 
_pdbx_audit_revision_category.data_content_type 
_pdbx_audit_revision_category.category 
1 4 'Structure model' chem_comp_atom     
2 4 'Structure model' chem_comp_bond     
3 4 'Structure model' database_2         
4 4 'Structure model' struct_ref_seq_dif 
# 
loop_
_pdbx_audit_revision_item.ordinal 
_pdbx_audit_revision_item.revision_ordinal 
_pdbx_audit_revision_item.data_content_type 
_pdbx_audit_revision_item.item 
1 4 'Structure model' '_database_2.pdbx_DOI'                
2 4 'Structure model' '_database_2.pdbx_database_accession' 
3 4 'Structure model' '_struct_ref_seq_dif.details'         
# 
_pdbx_database_status.status_code                     REL 
_pdbx_database_status.entry_id                        1VFQ 
_pdbx_database_status.recvd_initial_deposition_date   2004-04-19 
_pdbx_database_status.deposit_site                    PDBJ 
_pdbx_database_status.process_site                    PDBJ 
_pdbx_database_status.status_code_sf                  REL 
_pdbx_database_status.status_code_mr                  ? 
_pdbx_database_status.SG_entry                        ? 
_pdbx_database_status.pdb_format_compatible           Y 
_pdbx_database_status.status_code_cs                  ? 
_pdbx_database_status.status_code_nmr_data            ? 
_pdbx_database_status.methods_development_category    ? 
# 
loop_
_audit_author.name 
_audit_author.pdbx_ordinal 
'Li, X.'  1 
'Liu, Y.' 2 
'Liu, X.' 3 
'Lou, Z.' 4 
# 
_citation.id                        primary 
_citation.title                     'Crystal structure of human coactosin-like protein at 1.9 A resolution' 
_citation.journal_abbrev            'PROTEIN SCI.' 
_citation.journal_volume            13 
_citation.page_first                2845 
_citation.page_last                 2851 
_citation.year                      2004 
_citation.journal_id_ASTM           PRCIEI 
_citation.country                   US 
_citation.journal_id_ISSN           0961-8368 
_citation.journal_id_CSD            0795 
_citation.book_publisher            ? 
_citation.pdbx_database_id_PubMed   15459340 
_citation.pdbx_database_id_DOI      10.1110/ps.04937304 
# 
loop_
_citation_author.citation_id 
_citation_author.name 
_citation_author.ordinal 
_citation_author.identifier_ORCID 
primary 'Li, X.'   1 ? 
primary 'Liu, X.'  2 ? 
primary 'Lou, Z.'  3 ? 
primary 'Duan, X.' 4 ? 
primary 'Wu, H.'   5 ? 
primary 'Liu, Y.'  6 ? 
primary 'Rao, Z.'  7 ? 
# 
loop_
_entity.id 
_entity.type 
_entity.src_method 
_entity.pdbx_description 
_entity.formula_weight 
_entity.pdbx_number_of_molecules 
_entity.pdbx_ec 
_entity.pdbx_mutation 
_entity.pdbx_fragment 
_entity.details 
1 polymer man 'Coactosin-like protein' 16053.041 1   ? ? ? ? 
2 water   nat water                    18.015    110 ? ? ? ? 
# 
_entity_name_com.entity_id   1 
_entity_name_com.name        CLP 
# 
_entity_poly.entity_id                      1 
_entity_poly.type                           'polypeptide(L)' 
_entity_poly.nstd_linkage                   no 
_entity_poly.nstd_monomer                   no 
_entity_poly.pdbx_seq_one_letter_code       
;SMATKIDKEACRAAYNLVRDDGSAVIWVTFKYDGSTIVPGEQGAEYQHFIQQCTDDVRLFAFVRFTTGDAMSKRSKFALI
TWIGENVSGLQRAKTGTDKTLVKEVVQNFAKEFVISDRKELEEDFIKSELKKAGGANYDAQTE
;
_entity_poly.pdbx_seq_one_letter_code_can   
;SMATKIDKEACRAAYNLVRDDGSAVIWVTFKYDGSTIVPGEQGAEYQHFIQQCTDDVRLFAFVRFTTGDAMSKRSKFALI
TWIGENVSGLQRAKTGTDKTLVKEVVQNFAKEFVISDRKELEEDFIKSELKKAGGANYDAQTE
;
_entity_poly.pdbx_strand_id                 A 
_entity_poly.pdbx_target_identifier         ? 
# 
_pdbx_entity_nonpoly.entity_id   2 
_pdbx_entity_nonpoly.name        water 
_pdbx_entity_nonpoly.comp_id     HOH 
# 
loop_
_entity_poly_seq.entity_id 
_entity_poly_seq.num 
_entity_poly_seq.mon_id 
_entity_poly_seq.hetero 
1 1   SER n 
1 2   MET n 
1 3   ALA n 
1 4   THR n 
1 5   LYS n 
1 6   ILE n 
1 7   ASP n 
1 8   LYS n 
1 9   GLU n 
1 10  ALA n 
1 11  CYS n 
1 12  ARG n 
1 13  ALA n 
1 14  ALA n 
1 15  TYR n 
1 16  ASN n 
1 17  LEU n 
1 18  VAL n 
1 19  ARG n 
1 20  ASP n 
1 21  ASP n 
1 22  GLY n 
1 23  SER n 
1 24  ALA n 
1 25  VAL n 
1 26  ILE n 
1 27  TRP n 
1 28  VAL n 
1 29  THR n 
1 30  PHE n 
1 31  LYS n 
1 32  TYR n 
1 33  ASP n 
1 34  GLY n 
1 35  SER n 
1 36  THR n 
1 37  ILE n 
1 38  VAL n 
1 39  PRO n 
1 40  GLY n 
1 41  GLU n 
1 42  GLN n 
1 43  GLY n 
1 44  ALA n 
1 45  GLU n 
1 46  TYR n 
1 47  GLN n 
1 48  HIS n 
1 49  PHE n 
1 50  ILE n 
1 51  GLN n 
1 52  GLN n 
1 53  CYS n 
1 54  THR n 
1 55  ASP n 
1 56  ASP n 
1 57  VAL n 
1 58  ARG n 
1 59  LEU n 
1 60  PHE n 
1 61  ALA n 
1 62  PHE n 
1 63  VAL n 
1 64  ARG n 
1 65  PHE n 
1 66  THR n 
1 67  THR n 
1 68  GLY n 
1 69  ASP n 
1 70  ALA n 
1 71  MET n 
1 72  SER n 
1 73  LYS n 
1 74  ARG n 
1 75  SER n 
1 76  LYS n 
1 77  PHE n 
1 78  ALA n 
1 79  LEU n 
1 80  ILE n 
1 81  THR n 
1 82  TRP n 
1 83  ILE n 
1 84  GLY n 
1 85  GLU n 
1 86  ASN n 
1 87  VAL n 
1 88  SER n 
1 89  GLY n 
1 90  LEU n 
1 91  GLN n 
1 92  ARG n 
1 93  ALA n 
1 94  LYS n 
1 95  THR n 
1 96  GLY n 
1 97  THR n 
1 98  ASP n 
1 99  LYS n 
1 100 THR n 
1 101 LEU n 
1 102 VAL n 
1 103 LYS n 
1 104 GLU n 
1 105 VAL n 
1 106 VAL n 
1 107 GLN n 
1 108 ASN n 
1 109 PHE n 
1 110 ALA n 
1 111 LYS n 
1 112 GLU n 
1 113 PHE n 
1 114 VAL n 
1 115 ILE n 
1 116 SER n 
1 117 ASP n 
1 118 ARG n 
1 119 LYS n 
1 120 GLU n 
1 121 LEU n 
1 122 GLU n 
1 123 GLU n 
1 124 ASP n 
1 125 PHE n 
1 126 ILE n 
1 127 LYS n 
1 128 SER n 
1 129 GLU n 
1 130 LEU n 
1 131 LYS n 
1 132 LYS n 
1 133 ALA n 
1 134 GLY n 
1 135 GLY n 
1 136 ALA n 
1 137 ASN n 
1 138 TYR n 
1 139 ASP n 
1 140 ALA n 
1 141 GLN n 
1 142 THR n 
1 143 GLU n 
# 
_entity_src_gen.entity_id                          1 
_entity_src_gen.pdbx_src_id                        1 
_entity_src_gen.pdbx_alt_source_flag               sample 
_entity_src_gen.pdbx_seq_type                      ? 
_entity_src_gen.pdbx_beg_seq_num                   ? 
_entity_src_gen.pdbx_end_seq_num                   ? 
_entity_src_gen.gene_src_common_name               human 
_entity_src_gen.gene_src_genus                     Homo 
_entity_src_gen.pdbx_gene_src_gene                 ? 
_entity_src_gen.gene_src_species                   ? 
_entity_src_gen.gene_src_strain                    ? 
_entity_src_gen.gene_src_tissue                    ? 
_entity_src_gen.gene_src_tissue_fraction           ? 
_entity_src_gen.gene_src_details                   ? 
_entity_src_gen.pdbx_gene_src_fragment             ? 
_entity_src_gen.pdbx_gene_src_scientific_name      'Homo sapiens' 
_entity_src_gen.pdbx_gene_src_ncbi_taxonomy_id     9606 
_entity_src_gen.pdbx_gene_src_variant              ? 
_entity_src_gen.pdbx_gene_src_cell_line            ? 
_entity_src_gen.pdbx_gene_src_atcc                 ? 
_entity_src_gen.pdbx_gene_src_organ                ? 
_entity_src_gen.pdbx_gene_src_organelle            ? 
_entity_src_gen.pdbx_gene_src_cell                 ? 
_entity_src_gen.pdbx_gene_src_cellular_location    ? 
_entity_src_gen.host_org_common_name               ? 
_entity_src_gen.pdbx_host_org_scientific_name      'Escherichia coli' 
_entity_src_gen.pdbx_host_org_ncbi_taxonomy_id     562 
_entity_src_gen.host_org_genus                     Escherichia 
_entity_src_gen.pdbx_host_org_gene                 ? 
_entity_src_gen.pdbx_host_org_organ                ? 
_entity_src_gen.host_org_species                   ? 
_entity_src_gen.pdbx_host_org_tissue               ? 
_entity_src_gen.pdbx_host_org_tissue_fraction      ? 
_entity_src_gen.pdbx_host_org_strain               ? 
_entity_src_gen.pdbx_host_org_variant              ? 
_entity_src_gen.pdbx_host_org_cell_line            ? 
_entity_src_gen.pdbx_host_org_atcc                 ? 
_entity_src_gen.pdbx_host_org_culture_collection   ? 
_entity_src_gen.pdbx_host_org_cell                 ? 
_entity_src_gen.pdbx_host_org_organelle            ? 
_entity_src_gen.pdbx_host_org_cellular_location    ? 
_entity_src_gen.pdbx_host_org_vector_type          plasmid 
_entity_src_gen.pdbx_host_org_vector               ? 
_entity_src_gen.host_org_details                   ? 
_entity_src_gen.expression_system_id               ? 
_entity_src_gen.plasmid_name                       pGEX-6p-1 
_entity_src_gen.plasmid_details                    ? 
_entity_src_gen.pdbx_description                   ? 
# 
loop_
_chem_comp.id 
_chem_comp.type 
_chem_comp.mon_nstd_flag 
_chem_comp.name 
_chem_comp.pdbx_synonyms 
_chem_comp.formula 
_chem_comp.formula_weight 
ALA 'L-peptide linking' y ALANINE         ? 'C3 H7 N O2'     89.093  
ARG 'L-peptide linking' y ARGININE        ? 'C6 H15 N4 O2 1' 175.209 
ASN 'L-peptide linking' y ASPARAGINE      ? 'C4 H8 N2 O3'    132.118 
ASP 'L-peptide linking' y 'ASPARTIC ACID' ? 'C4 H7 N O4'     133.103 
CYS 'L-peptide linking' y CYSTEINE        ? 'C3 H7 N O2 S'   121.158 
GLN 'L-peptide linking' y GLUTAMINE       ? 'C5 H10 N2 O3'   146.144 
GLU 'L-peptide linking' y 'GLUTAMIC ACID' ? 'C5 H9 N O4'     147.129 
GLY 'peptide linking'   y GLYCINE         ? 'C2 H5 N O2'     75.067  
HIS 'L-peptide linking' y HISTIDINE       ? 'C6 H10 N3 O2 1' 156.162 
HOH non-polymer         . WATER           ? 'H2 O'           18.015  
ILE 'L-peptide linking' y ISOLEUCINE      ? 'C6 H13 N O2'    131.173 
LEU 'L-peptide linking' y LEUCINE         ? 'C6 H13 N O2'    131.173 
LYS 'L-peptide linking' y LYSINE          ? 'C6 H15 N2 O2 1' 147.195 
MET 'L-peptide linking' y METHIONINE      ? 'C5 H11 N O2 S'  149.211 
PHE 'L-peptide linking' y PHENYLALANINE   ? 'C9 H11 N O2'    165.189 
PRO 'L-peptide linking' y PROLINE         ? 'C5 H9 N O2'     115.130 
SER 'L-peptide linking' y SERINE          ? 'C3 H7 N O3'     105.093 
THR 'L-peptide linking' y THREONINE       ? 'C4 H9 N O3'     119.119 
TRP 'L-peptide linking' y TRYPTOPHAN      ? 'C11 H12 N2 O2'  204.225 
TYR 'L-peptide linking' y TYROSINE        ? 'C9 H11 N O3'    181.189 
VAL 'L-peptide linking' y VALINE          ? 'C5 H11 N O2'    117.146 
# 
loop_
_pdbx_poly_seq_scheme.asym_id 
_pdbx_poly_seq_scheme.entity_id 
_pdbx_poly_seq_scheme.seq_id 
_pdbx_poly_seq_scheme.mon_id 
_pdbx_poly_seq_scheme.ndb_seq_num 
_pdbx_poly_seq_scheme.pdb_seq_num 
_pdbx_poly_seq_scheme.auth_seq_num 
_pdbx_poly_seq_scheme.pdb_mon_id 
_pdbx_poly_seq_scheme.auth_mon_id 
_pdbx_poly_seq_scheme.pdb_strand_id 
_pdbx_poly_seq_scheme.pdb_ins_code 
_pdbx_poly_seq_scheme.hetero 
A 1 1   SER 1   0   0   SER SER A . n 
A 1 2   MET 2   1   1   MET MET A . n 
A 1 3   ALA 3   2   2   ALA ALA A . n 
A 1 4   THR 4   3   3   THR THR A . n 
A 1 5   LYS 5   4   4   LYS LYS A . n 
A 1 6   ILE 6   5   5   ILE ILE A . n 
A 1 7   ASP 7   6   6   ASP ASP A . n 
A 1 8   LYS 8   7   7   LYS LYS A . n 
A 1 9   GLU 9   8   8   GLU GLU A . n 
A 1 10  ALA 10  9   9   ALA ALA A . n 
A 1 11  CYS 11  10  10  CYS CYS A . n 
A 1 12  ARG 12  11  11  ARG ARG A . n 
A 1 13  ALA 13  12  12  ALA ALA A . n 
A 1 14  ALA 14  13  13  ALA ALA A . n 
A 1 15  TYR 15  14  14  TYR TYR A . n 
A 1 16  ASN 16  15  15  ASN ASN A . n 
A 1 17  LEU 17  16  16  LEU LEU A . n 
A 1 18  VAL 18  17  17  VAL VAL A . n 
A 1 19  ARG 19  18  18  ARG ARG A . n 
A 1 20  ASP 20  19  19  ASP ASP A . n 
A 1 21  ASP 21  20  20  ASP ASP A . n 
A 1 22  GLY 22  21  21  GLY GLY A . n 
A 1 23  SER 23  22  22  SER SER A . n 
A 1 24  ALA 24  23  23  ALA ALA A . n 
A 1 25  VAL 25  24  24  VAL VAL A . n 
A 1 26  ILE 26  25  25  ILE ILE A . n 
A 1 27  TRP 27  26  26  TRP TRP A . n 
A 1 28  VAL 28  27  27  VAL VAL A . n 
A 1 29  THR 29  28  28  THR THR A . n 
A 1 30  PHE 30  29  29  PHE PHE A . n 
A 1 31  LYS 31  30  30  LYS LYS A . n 
A 1 32  TYR 32  31  31  TYR TYR A . n 
A 1 33  ASP 33  32  32  ASP ASP A . n 
A 1 34  GLY 34  33  33  GLY GLY A . n 
A 1 35  SER 35  34  34  SER SER A . n 
A 1 36  THR 36  35  35  THR THR A . n 
A 1 37  ILE 37  36  36  ILE ILE A . n 
A 1 38  VAL 38  37  37  VAL VAL A . n 
A 1 39  PRO 39  38  38  PRO PRO A . n 
A 1 40  GLY 40  39  39  GLY GLY A . n 
A 1 41  GLU 41  40  40  GLU GLU A . n 
A 1 42  GLN 42  41  41  GLN GLN A . n 
A 1 43  GLY 43  42  42  GLY GLY A . n 
A 1 44  ALA 44  43  43  ALA ALA A . n 
A 1 45  GLU 45  44  44  GLU GLU A . n 
A 1 46  TYR 46  45  45  TYR TYR A . n 
A 1 47  GLN 47  46  46  GLN GLN A . n 
A 1 48  HIS 48  47  47  HIS HIS A . n 
A 1 49  PHE 49  48  48  PHE PHE A . n 
A 1 50  ILE 50  49  49  ILE ILE A . n 
A 1 51  GLN 51  50  50  GLN GLN A . n 
A 1 52  GLN 52  51  51  GLN GLN A . n 
A 1 53  CYS 53  52  52  CYS CYS A . n 
A 1 54  THR 54  53  53  THR THR A . n 
A 1 55  ASP 55  54  54  ASP ASP A . n 
A 1 56  ASP 56  55  55  ASP ASP A . n 
A 1 57  VAL 57  56  56  VAL VAL A . n 
A 1 58  ARG 58  57  57  ARG ARG A . n 
A 1 59  LEU 59  58  58  LEU LEU A . n 
A 1 60  PHE 60  59  59  PHE PHE A . n 
A 1 61  ALA 61  60  60  ALA ALA A . n 
A 1 62  PHE 62  61  61  PHE PHE A . n 
A 1 63  VAL 63  62  62  VAL VAL A . n 
A 1 64  ARG 64  63  63  ARG ARG A . n 
A 1 65  PHE 65  64  64  PHE PHE A . n 
A 1 66  THR 66  65  65  THR THR A . n 
A 1 67  THR 67  66  66  THR THR A . n 
A 1 68  GLY 68  67  67  GLY GLY A . n 
A 1 69  ASP 69  68  68  ASP ASP A . n 
A 1 70  ALA 70  69  69  ALA ALA A . n 
A 1 71  MET 71  70  70  MET MET A . n 
A 1 72  SER 72  71  71  SER SER A . n 
A 1 73  LYS 73  72  72  LYS LYS A . n 
A 1 74  ARG 74  73  73  ARG ARG A . n 
A 1 75  SER 75  74  74  SER SER A . n 
A 1 76  LYS 76  75  75  LYS LYS A . n 
A 1 77  PHE 77  76  76  PHE PHE A . n 
A 1 78  ALA 78  77  77  ALA ALA A . n 
A 1 79  LEU 79  78  78  LEU LEU A . n 
A 1 80  ILE 80  79  79  ILE ILE A . n 
A 1 81  THR 81  80  80  THR THR A . n 
A 1 82  TRP 82  81  81  TRP TRP A . n 
A 1 83  ILE 83  82  82  ILE ILE A . n 
A 1 84  GLY 84  83  83  GLY GLY A . n 
A 1 85  GLU 85  84  84  GLU GLU A . n 
A 1 86  ASN 86  85  85  ASN ASN A . n 
A 1 87  VAL 87  86  86  VAL VAL A . n 
A 1 88  SER 88  87  87  SER SER A . n 
A 1 89  GLY 89  88  88  GLY GLY A . n 
A 1 90  LEU 90  89  89  LEU LEU A . n 
A 1 91  GLN 91  90  90  GLN GLN A . n 
A 1 92  ARG 92  91  91  ARG ARG A . n 
A 1 93  ALA 93  92  92  ALA ALA A . n 
A 1 94  LYS 94  93  93  LYS LYS A . n 
A 1 95  THR 95  94  94  THR THR A . n 
A 1 96  GLY 96  95  95  GLY GLY A . n 
A 1 97  THR 97  96  96  THR THR A . n 
A 1 98  ASP 98  97  97  ASP ASP A . n 
A 1 99  LYS 99  98  98  LYS LYS A . n 
A 1 100 THR 100 99  99  THR THR A . n 
A 1 101 LEU 101 100 100 LEU LEU A . n 
A 1 102 VAL 102 101 101 VAL VAL A . n 
A 1 103 LYS 103 102 102 LYS LYS A . n 
A 1 104 GLU 104 103 103 GLU GLU A . n 
A 1 105 VAL 105 104 104 VAL VAL A . n 
A 1 106 VAL 106 105 105 VAL VAL A . n 
A 1 107 GLN 107 106 106 GLN GLN A . n 
A 1 108 ASN 108 107 107 ASN ASN A . n 
A 1 109 PHE 109 108 108 PHE PHE A . n 
A 1 110 ALA 110 109 109 ALA ALA A . n 
A 1 111 LYS 111 110 110 LYS LYS A . n 
A 1 112 GLU 112 111 111 GLU GLU A . n 
A 1 113 PHE 113 112 112 PHE PHE A . n 
A 1 114 VAL 114 113 113 VAL VAL A . n 
A 1 115 ILE 115 114 114 ILE ILE A . n 
A 1 116 SER 116 115 115 SER SER A . n 
A 1 117 ASP 117 116 116 ASP ASP A . n 
A 1 118 ARG 118 117 117 ARG ARG A . n 
A 1 119 LYS 119 118 118 LYS LYS A . n 
A 1 120 GLU 120 119 119 GLU GLU A . n 
A 1 121 LEU 121 120 120 LEU LEU A . n 
A 1 122 GLU 122 121 121 GLU GLU A . n 
A 1 123 GLU 123 122 122 GLU GLU A . n 
A 1 124 ASP 124 123 123 ASP ASP A . n 
A 1 125 PHE 125 124 124 PHE PHE A . n 
A 1 126 ILE 126 125 125 ILE ILE A . n 
A 1 127 LYS 127 126 126 LYS LYS A . n 
A 1 128 SER 128 127 127 SER SER A . n 
A 1 129 GLU 129 128 128 GLU GLU A . n 
A 1 130 LEU 130 129 129 LEU LEU A . n 
A 1 131 LYS 131 130 130 LYS LYS A . n 
A 1 132 LYS 132 131 131 LYS LYS A . n 
A 1 133 ALA 133 132 ?   ?   ?   A . n 
A 1 134 GLY 134 133 ?   ?   ?   A . n 
A 1 135 GLY 135 134 ?   ?   ?   A . n 
A 1 136 ALA 136 135 ?   ?   ?   A . n 
A 1 137 ASN 137 136 ?   ?   ?   A . n 
A 1 138 TYR 138 137 ?   ?   ?   A . n 
A 1 139 ASP 139 138 ?   ?   ?   A . n 
A 1 140 ALA 140 139 ?   ?   ?   A . n 
A 1 141 GLN 141 140 ?   ?   ?   A . n 
A 1 142 THR 142 141 ?   ?   ?   A . n 
A 1 143 GLU 143 142 ?   ?   ?   A . n 
# 
loop_
_pdbx_nonpoly_scheme.asym_id 
_pdbx_nonpoly_scheme.entity_id 
_pdbx_nonpoly_scheme.mon_id 
_pdbx_nonpoly_scheme.ndb_seq_num 
_pdbx_nonpoly_scheme.pdb_seq_num 
_pdbx_nonpoly_scheme.auth_seq_num 
_pdbx_nonpoly_scheme.pdb_mon_id 
_pdbx_nonpoly_scheme.auth_mon_id 
_pdbx_nonpoly_scheme.pdb_strand_id 
_pdbx_nonpoly_scheme.pdb_ins_code 
B 2 HOH 1   143 1   HOH TIP A . 
B 2 HOH 2   144 2   HOH TIP A . 
B 2 HOH 3   145 3   HOH TIP A . 
B 2 HOH 4   146 4   HOH TIP A . 
B 2 HOH 5   147 5   HOH TIP A . 
B 2 HOH 6   148 6   HOH TIP A . 
B 2 HOH 7   149 7   HOH TIP A . 
B 2 HOH 8   150 8   HOH TIP A . 
B 2 HOH 9   151 9   HOH TIP A . 
B 2 HOH 10  152 10  HOH TIP A . 
B 2 HOH 11  153 11  HOH TIP A . 
B 2 HOH 12  154 12  HOH TIP A . 
B 2 HOH 13  155 13  HOH TIP A . 
B 2 HOH 14  156 14  HOH TIP A . 
B 2 HOH 15  157 15  HOH TIP A . 
B 2 HOH 16  158 16  HOH TIP A . 
B 2 HOH 17  159 17  HOH TIP A . 
B 2 HOH 18  160 18  HOH TIP A . 
B 2 HOH 19  161 19  HOH TIP A . 
B 2 HOH 20  162 20  HOH TIP A . 
B 2 HOH 21  163 22  HOH TIP A . 
B 2 HOH 22  164 23  HOH TIP A . 
B 2 HOH 23  165 24  HOH TIP A . 
B 2 HOH 24  166 25  HOH TIP A . 
B 2 HOH 25  167 26  HOH TIP A . 
B 2 HOH 26  168 27  HOH TIP A . 
B 2 HOH 27  169 28  HOH TIP A . 
B 2 HOH 28  170 29  HOH TIP A . 
B 2 HOH 29  171 30  HOH TIP A . 
B 2 HOH 30  172 31  HOH TIP A . 
B 2 HOH 31  173 32  HOH TIP A . 
B 2 HOH 32  174 34  HOH TIP A . 
B 2 HOH 33  175 35  HOH TIP A . 
B 2 HOH 34  176 36  HOH TIP A . 
B 2 HOH 35  177 37  HOH TIP A . 
B 2 HOH 36  178 38  HOH TIP A . 
B 2 HOH 37  179 39  HOH TIP A . 
B 2 HOH 38  180 40  HOH TIP A . 
B 2 HOH 39  181 41  HOH TIP A . 
B 2 HOH 40  182 42  HOH TIP A . 
B 2 HOH 41  183 43  HOH TIP A . 
B 2 HOH 42  184 44  HOH TIP A . 
B 2 HOH 43  185 45  HOH TIP A . 
B 2 HOH 44  186 46  HOH TIP A . 
B 2 HOH 45  187 47  HOH TIP A . 
B 2 HOH 46  188 48  HOH TIP A . 
B 2 HOH 47  189 49  HOH TIP A . 
B 2 HOH 48  190 50  HOH TIP A . 
B 2 HOH 49  191 51  HOH TIP A . 
B 2 HOH 50  192 52  HOH TIP A . 
B 2 HOH 51  193 53  HOH TIP A . 
B 2 HOH 52  194 54  HOH TIP A . 
B 2 HOH 53  195 55  HOH TIP A . 
B 2 HOH 54  196 56  HOH TIP A . 
B 2 HOH 55  197 57  HOH TIP A . 
B 2 HOH 56  198 58  HOH TIP A . 
B 2 HOH 57  199 59  HOH TIP A . 
B 2 HOH 58  200 60  HOH TIP A . 
B 2 HOH 59  201 61  HOH TIP A . 
B 2 HOH 60  202 62  HOH TIP A . 
B 2 HOH 61  203 63  HOH TIP A . 
B 2 HOH 62  204 64  HOH TIP A . 
B 2 HOH 63  205 65  HOH TIP A . 
B 2 HOH 64  206 66  HOH TIP A . 
B 2 HOH 65  207 67  HOH TIP A . 
B 2 HOH 66  208 68  HOH TIP A . 
B 2 HOH 67  209 69  HOH TIP A . 
B 2 HOH 68  210 70  HOH TIP A . 
B 2 HOH 69  211 71  HOH TIP A . 
B 2 HOH 70  212 72  HOH TIP A . 
B 2 HOH 71  213 73  HOH TIP A . 
B 2 HOH 72  214 74  HOH TIP A . 
B 2 HOH 73  215 75  HOH TIP A . 
B 2 HOH 74  216 76  HOH TIP A . 
B 2 HOH 75  217 77  HOH TIP A . 
B 2 HOH 76  218 78  HOH TIP A . 
B 2 HOH 77  219 79  HOH TIP A . 
B 2 HOH 78  220 80  HOH TIP A . 
B 2 HOH 79  221 81  HOH TIP A . 
B 2 HOH 80  222 82  HOH TIP A . 
B 2 HOH 81  223 83  HOH TIP A . 
B 2 HOH 82  224 84  HOH TIP A . 
B 2 HOH 83  225 85  HOH TIP A . 
B 2 HOH 84  226 86  HOH TIP A . 
B 2 HOH 85  227 87  HOH TIP A . 
B 2 HOH 86  228 88  HOH TIP A . 
B 2 HOH 87  229 89  HOH TIP A . 
B 2 HOH 88  230 90  HOH TIP A . 
B 2 HOH 89  231 91  HOH TIP A . 
B 2 HOH 90  232 92  HOH TIP A . 
B 2 HOH 91  233 93  HOH TIP A . 
B 2 HOH 92  234 94  HOH TIP A . 
B 2 HOH 93  235 95  HOH TIP A . 
B 2 HOH 94  236 96  HOH TIP A . 
B 2 HOH 95  237 97  HOH TIP A . 
B 2 HOH 96  238 98  HOH TIP A . 
B 2 HOH 97  239 99  HOH TIP A . 
B 2 HOH 98  240 100 HOH TIP A . 
B 2 HOH 99  241 101 HOH TIP A . 
B 2 HOH 100 242 102 HOH TIP A . 
B 2 HOH 101 243 103 HOH TIP A . 
B 2 HOH 102 244 104 HOH TIP A . 
B 2 HOH 103 245 105 HOH TIP A . 
B 2 HOH 104 246 106 HOH TIP A . 
B 2 HOH 105 247 107 HOH TIP A . 
B 2 HOH 106 248 108 HOH TIP A . 
B 2 HOH 107 249 109 HOH TIP A . 
B 2 HOH 108 250 110 HOH TIP A . 
B 2 HOH 109 251 111 HOH TIP A . 
B 2 HOH 110 252 112 HOH TIP A . 
# 
loop_
_software.name 
_software.classification 
_software.version 
_software.citation_id 
_software.pdbx_ordinal 
DENZO     'data reduction' . ? 1 
SCALEPACK 'data scaling'   . ? 2 
CNS       refinement       . ? 3 
CNS       phasing          . ? 4 
# 
_cell.entry_id           1VFQ 
_cell.length_a           25.610 
_cell.length_b           55.158 
_cell.length_c           37.426 
_cell.angle_alpha        90.00 
_cell.angle_beta         95.96 
_cell.angle_gamma        90.00 
_cell.Z_PDB              2 
_cell.pdbx_unique_axis   ? 
# 
_symmetry.entry_id                         1VFQ 
_symmetry.space_group_name_H-M             'P 1 21 1' 
_symmetry.pdbx_full_space_group_name_H-M   ? 
_symmetry.cell_setting                     ? 
_symmetry.Int_Tables_number                4 
_symmetry.space_group_name_Hall            ? 
# 
_exptl.entry_id          1VFQ 
_exptl.method            'X-RAY DIFFRACTION' 
_exptl.crystals_number   1 
# 
_exptl_crystal.id                    1 
_exptl_crystal.density_meas          ? 
_exptl_crystal.density_Matthews      1.6 
_exptl_crystal.density_percent_sol   24 
_exptl_crystal.description           ? 
_exptl_crystal.F_000                 ? 
_exptl_crystal.preparation           ? 
# 
_exptl_crystal_grow.crystal_id      1 
_exptl_crystal_grow.method          'VAPOR DIFFUSION, HANGING DROP' 
_exptl_crystal_grow.temp            291 
_exptl_crystal_grow.temp_details    ? 
_exptl_crystal_grow.pH              8.5 
_exptl_crystal_grow.pdbx_details    '30% PEG4000, 0.1M Tris-HCL, pH 8.5, VAPOR DIFFUSION, HANGING DROP, temperature 291K' 
_exptl_crystal_grow.pdbx_pH_range   . 
# 
_diffrn.id                     1 
_diffrn.ambient_temp           100 
_diffrn.ambient_temp_details   ? 
_diffrn.crystal_id             1 
# 
_diffrn_detector.diffrn_id              1 
_diffrn_detector.detector               'AREA DETECTOR' 
_diffrn_detector.type                   MARRESEARCH 
_diffrn_detector.pdbx_collection_date   2003-06-17 
_diffrn_detector.details                ? 
# 
_diffrn_radiation.diffrn_id                        1 
_diffrn_radiation.wavelength_id                    1 
_diffrn_radiation.pdbx_monochromatic_or_laue_m_l   M 
_diffrn_radiation.monochromator                    'osmic mirror' 
_diffrn_radiation.pdbx_diffrn_protocol             'SINGLE WAVELENGTH' 
_diffrn_radiation.pdbx_scattering_type             x-ray 
# 
_diffrn_radiation_wavelength.id           1 
_diffrn_radiation_wavelength.wavelength   1.5418 
_diffrn_radiation_wavelength.wt           1.0 
# 
_diffrn_source.diffrn_id                   1 
_diffrn_source.source                      'ROTATING ANODE' 
_diffrn_source.type                        RIGAKU 
_diffrn_source.pdbx_synchrotron_site       ? 
_diffrn_source.pdbx_synchrotron_beamline   ? 
_diffrn_source.pdbx_wavelength             ? 
_diffrn_source.pdbx_wavelength_list        1.5418 
# 
_reflns.entry_id                     1VFQ 
_reflns.observed_criterion_sigma_F   2 
_reflns.observed_criterion_sigma_I   2 
_reflns.d_resolution_high            1.9 
_reflns.d_resolution_low             50 
_reflns.number_all                   8223 
_reflns.number_obs                   7524 
_reflns.percent_possible_obs         91.5 
_reflns.pdbx_Rmerge_I_obs            0.262 
_reflns.pdbx_Rsym_value              ? 
_reflns.pdbx_netI_over_sigmaI        13.8 
_reflns.B_iso_Wilson_estimate        41.3 
_reflns.pdbx_redundancy              3.3 
_reflns.R_free_details               ? 
_reflns.limit_h_max                  ? 
_reflns.limit_h_min                  ? 
_reflns.limit_k_max                  ? 
_reflns.limit_k_min                  ? 
_reflns.limit_l_max                  ? 
_reflns.limit_l_min                  ? 
_reflns.observed_criterion_F_max     ? 
_reflns.observed_criterion_F_min     ? 
_reflns.pdbx_chi_squared             ? 
_reflns.pdbx_scaling_rejects         ? 
_reflns.pdbx_diffrn_id               1 
_reflns.pdbx_ordinal                 1 
# 
_reflns_shell.d_res_high             1.9 
_reflns_shell.d_res_low              1.97 
_reflns_shell.percent_possible_all   91.5 
_reflns_shell.Rmerge_I_obs           ? 
_reflns_shell.pdbx_Rsym_value        ? 
_reflns_shell.meanI_over_sigI_obs    ? 
_reflns_shell.pdbx_redundancy        ? 
_reflns_shell.percent_possible_obs   ? 
_reflns_shell.number_unique_all      ? 
_reflns_shell.number_measured_all    ? 
_reflns_shell.number_measured_obs    ? 
_reflns_shell.number_unique_obs      ? 
_reflns_shell.pdbx_chi_squared       ? 
_reflns_shell.pdbx_diffrn_id         ? 
_reflns_shell.pdbx_ordinal           1 
# 
_refine.entry_id                                 1VFQ 
_refine.ls_d_res_high                            1.9 
_refine.ls_d_res_low                             23.12 
_refine.pdbx_ls_sigma_F                          0 
_refine.pdbx_ls_sigma_I                          ? 
_refine.ls_number_reflns_all                     8223 
_refine.ls_number_reflns_obs                     7524 
_refine.ls_number_reflns_R_free                  404 
_refine.ls_percent_reflns_obs                    ? 
_refine.ls_R_factor_all                          0.171 
_refine.ls_R_factor_obs                          0.168 
_refine.ls_R_factor_R_work                       0.166 
_refine.ls_R_factor_R_free                       0.218 
_refine.ls_redundancy_reflns_obs                 ? 
_refine.pdbx_data_cutoff_high_absF               ? 
_refine.pdbx_data_cutoff_low_absF                ? 
_refine.ls_number_parameters                     ? 
_refine.ls_number_restraints                     ? 
_refine.ls_percent_reflns_R_free                 ? 
_refine.ls_R_factor_R_free_error                 ? 
_refine.ls_R_factor_R_free_error_details         ? 
_refine.pdbx_method_to_determine_struct          'MOLECULAR REPLACEMENT' 
_refine.pdbx_starting_model                      ? 
_refine.pdbx_ls_cross_valid_method               ? 
_refine.pdbx_R_Free_selection_details            random 
_refine.pdbx_stereochem_target_val_spec_case     ? 
_refine.pdbx_stereochemistry_target_values       'Engh & Huber' 
_refine.solvent_model_details                    ? 
_refine.solvent_model_param_bsol                 ? 
_refine.solvent_model_param_ksol                 ? 
_refine.occupancy_max                            ? 
_refine.occupancy_min                            ? 
_refine.pdbx_isotropic_thermal_model             ? 
_refine.B_iso_mean                               ? 
_refine.aniso_B[1][1]                            ? 
_refine.aniso_B[1][2]                            ? 
_refine.aniso_B[1][3]                            ? 
_refine.aniso_B[2][2]                            ? 
_refine.aniso_B[2][3]                            ? 
_refine.aniso_B[3][3]                            ? 
_refine.details                                  ? 
_refine.B_iso_min                                ? 
_refine.B_iso_max                                ? 
_refine.correlation_coeff_Fo_to_Fc               ? 
_refine.correlation_coeff_Fo_to_Fc_free          ? 
_refine.pdbx_solvent_vdw_probe_radii             ? 
_refine.pdbx_solvent_ion_probe_radii             ? 
_refine.pdbx_solvent_shrinkage_radii             ? 
_refine.overall_SU_R_Cruickshank_DPI             ? 
_refine.overall_SU_R_free                        ? 
_refine.overall_SU_B                             ? 
_refine.overall_SU_ML                            ? 
_refine.pdbx_overall_ESU_R                       ? 
_refine.pdbx_overall_ESU_R_Free                  ? 
_refine.pdbx_data_cutoff_high_rms_absF           ? 
_refine.ls_wR_factor_R_free                      ? 
_refine.ls_wR_factor_R_work                      ? 
_refine.overall_FOM_free_R_set                   ? 
_refine.overall_FOM_work_R_set                   ? 
_refine.pdbx_refine_id                           'X-RAY DIFFRACTION' 
_refine.pdbx_diffrn_id                           1 
_refine.pdbx_TLS_residual_ADP_flag               ? 
_refine.pdbx_overall_phase_error                 ? 
_refine.pdbx_overall_SU_R_free_Cruickshank_DPI   ? 
_refine.pdbx_overall_SU_R_Blow_DPI               ? 
_refine.pdbx_overall_SU_R_free_Blow_DPI          ? 
# 
_refine_hist.pdbx_refine_id                   'X-RAY DIFFRACTION' 
_refine_hist.cycle_id                         LAST 
_refine_hist.pdbx_number_atoms_protein        1052 
_refine_hist.pdbx_number_atoms_nucleic_acid   0 
_refine_hist.pdbx_number_atoms_ligand         0 
_refine_hist.number_atoms_solvent             110 
_refine_hist.number_atoms_total               1162 
_refine_hist.d_res_high                       1.9 
_refine_hist.d_res_low                        23.12 
# 
loop_
_refine_ls_restr.type 
_refine_ls_restr.dev_ideal 
_refine_ls_restr.dev_ideal_target 
_refine_ls_restr.weight 
_refine_ls_restr.number 
_refine_ls_restr.pdbx_refine_id 
_refine_ls_restr.pdbx_restraint_function 
c_angle_deg 1.66  ? ? ? 'X-RAY DIFFRACTION' ? 
c_bond_d    0.013 ? ? ? 'X-RAY DIFFRACTION' ? 
# 
_struct.entry_id                  1VFQ 
_struct.title                     'The Crystal Structure of Human Coactosin-like Protein at 1.9 A Resolution' 
_struct.pdbx_model_details        ? 
_struct.pdbx_CASP_flag            ? 
_struct.pdbx_model_type_details   ? 
# 
_struct_keywords.entry_id        1VFQ 
_struct_keywords.pdbx_keywords   'PROTEIN BINDING' 
_struct_keywords.text            'Cytoskeleton, Actin-binding protein, PROTEIN BINDING' 
# 
loop_
_struct_asym.id 
_struct_asym.pdbx_blank_PDB_chainid_flag 
_struct_asym.pdbx_modified 
_struct_asym.entity_id 
_struct_asym.details 
A N N 1 ? 
B N N 2 ? 
# 
_struct_ref.id                         1 
_struct_ref.db_name                    UNP 
_struct_ref.db_code                    COTL1_HUMAN 
_struct_ref.pdbx_db_accession          Q14019 
_struct_ref.entity_id                  1 
_struct_ref.pdbx_seq_one_letter_code   
;MATKIDKEACRAAYNLVRDDGSAVIWVTFKYDGSTIVPGEQGAEYQHFIQQCTDDVRLFAFVRFTTGDAMSKRSKFALIT
WIGENVSGLQRAKTGTDKTLVKEVVQNFAKEFVISDRKELEEDFIKSELKKAGGANYDAQTE
;
_struct_ref.pdbx_align_begin           1 
_struct_ref.pdbx_db_isoform            ? 
# 
_struct_ref_seq.align_id                      1 
_struct_ref_seq.ref_id                        1 
_struct_ref_seq.pdbx_PDB_id_code              1VFQ 
_struct_ref_seq.pdbx_strand_id                A 
_struct_ref_seq.seq_align_beg                 2 
_struct_ref_seq.pdbx_seq_align_beg_ins_code   ? 
_struct_ref_seq.seq_align_end                 143 
_struct_ref_seq.pdbx_seq_align_end_ins_code   ? 
_struct_ref_seq.pdbx_db_accession             Q14019 
_struct_ref_seq.db_align_beg                  1 
_struct_ref_seq.pdbx_db_align_beg_ins_code    ? 
_struct_ref_seq.db_align_end                  142 
_struct_ref_seq.pdbx_db_align_end_ins_code    ? 
_struct_ref_seq.pdbx_auth_seq_align_beg       1 
_struct_ref_seq.pdbx_auth_seq_align_end       142 
# 
_struct_ref_seq_dif.align_id                     1 
_struct_ref_seq_dif.pdbx_pdb_id_code             1VFQ 
_struct_ref_seq_dif.mon_id                       SER 
_struct_ref_seq_dif.pdbx_pdb_strand_id           A 
_struct_ref_seq_dif.seq_num                      1 
_struct_ref_seq_dif.pdbx_pdb_ins_code            ? 
_struct_ref_seq_dif.pdbx_seq_db_name             UNP 
_struct_ref_seq_dif.pdbx_seq_db_accession_code   Q14019 
_struct_ref_seq_dif.db_mon_id                    ? 
_struct_ref_seq_dif.pdbx_seq_db_seq_num          ? 
_struct_ref_seq_dif.details                      'cloning artifact' 
_struct_ref_seq_dif.pdbx_auth_seq_num            0 
_struct_ref_seq_dif.pdbx_ordinal                 1 
# 
_pdbx_struct_assembly.id                   1 
_pdbx_struct_assembly.details              author_defined_assembly 
_pdbx_struct_assembly.method_details       ? 
_pdbx_struct_assembly.oligomeric_details   monomeric 
_pdbx_struct_assembly.oligomeric_count     1 
# 
_pdbx_struct_assembly_gen.assembly_id       1 
_pdbx_struct_assembly_gen.oper_expression   1 
_pdbx_struct_assembly_gen.asym_id_list      A,B 
# 
_pdbx_struct_oper_list.id                   1 
_pdbx_struct_oper_list.type                 'identity operation' 
_pdbx_struct_oper_list.name                 1_555 
_pdbx_struct_oper_list.symmetry_operation   x,y,z 
_pdbx_struct_oper_list.matrix[1][1]         1.0000000000 
_pdbx_struct_oper_list.matrix[1][2]         0.0000000000 
_pdbx_struct_oper_list.matrix[1][3]         0.0000000000 
_pdbx_struct_oper_list.vector[1]            0.0000000000 
_pdbx_struct_oper_list.matrix[2][1]         0.0000000000 
_pdbx_struct_oper_list.matrix[2][2]         1.0000000000 
_pdbx_struct_oper_list.matrix[2][3]         0.0000000000 
_pdbx_struct_oper_list.vector[2]            0.0000000000 
_pdbx_struct_oper_list.matrix[3][1]         0.0000000000 
_pdbx_struct_oper_list.matrix[3][2]         0.0000000000 
_pdbx_struct_oper_list.matrix[3][3]         1.0000000000 
_pdbx_struct_oper_list.vector[3]            0.0000000000 
# 
loop_
_struct_conf.conf_type_id 
_struct_conf.id 
_struct_conf.pdbx_PDB_helix_id 
_struct_conf.beg_label_comp_id 
_struct_conf.beg_label_asym_id 
_struct_conf.beg_label_seq_id 
_struct_conf.pdbx_beg_PDB_ins_code 
_struct_conf.end_label_comp_id 
_struct_conf.end_label_asym_id 
_struct_conf.end_label_seq_id 
_struct_conf.pdbx_end_PDB_ins_code 
_struct_conf.beg_auth_comp_id 
_struct_conf.beg_auth_asym_id 
_struct_conf.beg_auth_seq_id 
_struct_conf.end_auth_comp_id 
_struct_conf.end_auth_asym_id 
_struct_conf.end_auth_seq_id 
_struct_conf.pdbx_PDB_helix_class 
_struct_conf.details 
_struct_conf.pdbx_PDB_helix_length 
HELX_P HELX_P1 1 ASP A 7   ? ASP A 20  ? ASP A 6   ASP A 19  1 ? 14 
HELX_P HELX_P2 2 GLU A 45  ? CYS A 53  ? GLU A 44  CYS A 52  1 ? 9  
HELX_P HELX_P3 3 SER A 88  ? LYS A 103 ? SER A 87  LYS A 102 1 ? 16 
HELX_P HELX_P4 4 ASP A 117 ? LEU A 121 ? ASP A 116 LEU A 120 5 ? 5  
HELX_P HELX_P5 5 GLU A 122 ? LYS A 131 ? GLU A 121 LYS A 130 1 ? 10 
# 
_struct_conf_type.id          HELX_P 
_struct_conf_type.criteria    ? 
_struct_conf_type.reference   ? 
# 
_struct_sheet.id               A 
_struct_sheet.type             ? 
_struct_sheet.number_strands   6 
_struct_sheet.details          ? 
# 
loop_
_struct_sheet_order.sheet_id 
_struct_sheet_order.range_id_1 
_struct_sheet_order.range_id_2 
_struct_sheet_order.offset 
_struct_sheet_order.sense 
A 1 2 ? parallel      
A 2 3 ? anti-parallel 
A 3 4 ? anti-parallel 
A 4 5 ? anti-parallel 
A 5 6 ? parallel      
# 
loop_
_struct_sheet_range.sheet_id 
_struct_sheet_range.id 
_struct_sheet_range.beg_label_comp_id 
_struct_sheet_range.beg_label_asym_id 
_struct_sheet_range.beg_label_seq_id 
_struct_sheet_range.pdbx_beg_PDB_ins_code 
_struct_sheet_range.end_label_comp_id 
_struct_sheet_range.end_label_asym_id 
_struct_sheet_range.end_label_seq_id 
_struct_sheet_range.pdbx_end_PDB_ins_code 
_struct_sheet_range.beg_auth_comp_id 
_struct_sheet_range.beg_auth_asym_id 
_struct_sheet_range.beg_auth_seq_id 
_struct_sheet_range.end_auth_comp_id 
_struct_sheet_range.end_auth_asym_id 
_struct_sheet_range.end_auth_seq_id 
A 1 LYS A 5   ? ILE A 6   ? LYS A 4   ILE A 5   
A 2 THR A 36  ? GLY A 43  ? THR A 35  GLY A 42  
A 3 TRP A 27  ? ASP A 33  ? TRP A 26  ASP A 32  
A 4 ARG A 58  ? THR A 67  ? ARG A 57  THR A 66  
A 5 ARG A 74  ? ILE A 83  ? ARG A 73  ILE A 82  
A 6 LYS A 111 ? ILE A 115 ? LYS A 110 ILE A 114 
# 
loop_
_pdbx_struct_sheet_hbond.sheet_id 
_pdbx_struct_sheet_hbond.range_id_1 
_pdbx_struct_sheet_hbond.range_id_2 
_pdbx_struct_sheet_hbond.range_1_label_atom_id 
_pdbx_struct_sheet_hbond.range_1_label_comp_id 
_pdbx_struct_sheet_hbond.range_1_label_asym_id 
_pdbx_struct_sheet_hbond.range_1_label_seq_id 
_pdbx_struct_sheet_hbond.range_1_PDB_ins_code 
_pdbx_struct_sheet_hbond.range_1_auth_atom_id 
_pdbx_struct_sheet_hbond.range_1_auth_comp_id 
_pdbx_struct_sheet_hbond.range_1_auth_asym_id 
_pdbx_struct_sheet_hbond.range_1_auth_seq_id 
_pdbx_struct_sheet_hbond.range_2_label_atom_id 
_pdbx_struct_sheet_hbond.range_2_label_comp_id 
_pdbx_struct_sheet_hbond.range_2_label_asym_id 
_pdbx_struct_sheet_hbond.range_2_label_seq_id 
_pdbx_struct_sheet_hbond.range_2_PDB_ins_code 
_pdbx_struct_sheet_hbond.range_2_auth_atom_id 
_pdbx_struct_sheet_hbond.range_2_auth_comp_id 
_pdbx_struct_sheet_hbond.range_2_auth_asym_id 
_pdbx_struct_sheet_hbond.range_2_auth_seq_id 
A 1 2 N LYS A 5  ? N LYS A 4  O ILE A 37  ? O ILE A 36  
A 2 3 O THR A 36 ? O THR A 35 N ASP A 33  ? N ASP A 32  
A 3 4 N PHE A 30 ? N PHE A 29 O PHE A 60  ? O PHE A 59  
A 4 5 N PHE A 65 ? N PHE A 64 O LYS A 76  ? O LYS A 75  
A 5 6 N THR A 81 ? N THR A 80 O ILE A 115 ? O ILE A 114 
# 
_pdbx_validate_close_contact.id               1 
_pdbx_validate_close_contact.PDB_model_num    1 
_pdbx_validate_close_contact.auth_atom_id_1   OD2 
_pdbx_validate_close_contact.auth_asym_id_1   A 
_pdbx_validate_close_contact.auth_comp_id_1   ASP 
_pdbx_validate_close_contact.auth_seq_id_1    20 
_pdbx_validate_close_contact.PDB_ins_code_1   ? 
_pdbx_validate_close_contact.label_alt_id_1   ? 
_pdbx_validate_close_contact.auth_atom_id_2   O 
_pdbx_validate_close_contact.auth_asym_id_2   A 
_pdbx_validate_close_contact.auth_comp_id_2   HOH 
_pdbx_validate_close_contact.auth_seq_id_2    161 
_pdbx_validate_close_contact.PDB_ins_code_2   ? 
_pdbx_validate_close_contact.label_alt_id_2   ? 
_pdbx_validate_close_contact.dist             1.99 
# 
loop_
_pdbx_unobs_or_zero_occ_residues.id 
_pdbx_unobs_or_zero_occ_residues.PDB_model_num 
_pdbx_unobs_or_zero_occ_residues.polymer_flag 
_pdbx_unobs_or_zero_occ_residues.occupancy_flag 
_pdbx_unobs_or_zero_occ_residues.auth_asym_id 
_pdbx_unobs_or_zero_occ_residues.auth_comp_id 
_pdbx_unobs_or_zero_occ_residues.auth_seq_id 
_pdbx_unobs_or_zero_occ_residues.PDB_ins_code 
_pdbx_unobs_or_zero_occ_residues.label_asym_id 
_pdbx_unobs_or_zero_occ_residues.label_comp_id 
_pdbx_unobs_or_zero_occ_residues.label_seq_id 
1  1 Y 1 A ALA 132 ? A ALA 133 
2  1 Y 1 A GLY 133 ? A GLY 134 
3  1 Y 1 A GLY 134 ? A GLY 135 
4  1 Y 1 A ALA 135 ? A ALA 136 
5  1 Y 1 A ASN 136 ? A ASN 137 
6  1 Y 1 A TYR 137 ? A TYR 138 
7  1 Y 1 A ASP 138 ? A ASP 139 
8  1 Y 1 A ALA 139 ? A ALA 140 
9  1 Y 1 A GLN 140 ? A GLN 141 
10 1 Y 1 A THR 141 ? A THR 142 
11 1 Y 1 A GLU 142 ? A GLU 143 
# 
loop_
_chem_comp_atom.comp_id 
_chem_comp_atom.atom_id 
_chem_comp_atom.type_symbol 
_chem_comp_atom.pdbx_aromatic_flag 
_chem_comp_atom.pdbx_stereo_config 
_chem_comp_atom.pdbx_ordinal 
ALA N    N N N 1   
ALA CA   C N S 2   
ALA C    C N N 3   
ALA O    O N N 4   
ALA CB   C N N 5   
ALA OXT  O N N 6   
ALA H    H N N 7   
ALA H2   H N N 8   
ALA HA   H N N 9   
ALA HB1  H N N 10  
ALA HB2  H N N 11  
ALA HB3  H N N 12  
ALA HXT  H N N 13  
ARG N    N N N 14  
ARG CA   C N S 15  
ARG C    C N N 16  
ARG O    O N N 17  
ARG CB   C N N 18  
ARG CG   C N N 19  
ARG CD   C N N 20  
ARG NE   N N N 21  
ARG CZ   C N N 22  
ARG NH1  N N N 23  
ARG NH2  N N N 24  
ARG OXT  O N N 25  
ARG H    H N N 26  
ARG H2   H N N 27  
ARG HA   H N N 28  
ARG HB2  H N N 29  
ARG HB3  H N N 30  
ARG HG2  H N N 31  
ARG HG3  H N N 32  
ARG HD2  H N N 33  
ARG HD3  H N N 34  
ARG HE   H N N 35  
ARG HH11 H N N 36  
ARG HH12 H N N 37  
ARG HH21 H N N 38  
ARG HH22 H N N 39  
ARG HXT  H N N 40  
ASN N    N N N 41  
ASN CA   C N S 42  
ASN C    C N N 43  
ASN O    O N N 44  
ASN CB   C N N 45  
ASN CG   C N N 46  
ASN OD1  O N N 47  
ASN ND2  N N N 48  
ASN OXT  O N N 49  
ASN H    H N N 50  
ASN H2   H N N 51  
ASN HA   H N N 52  
ASN HB2  H N N 53  
ASN HB3  H N N 54  
ASN HD21 H N N 55  
ASN HD22 H N N 56  
ASN HXT  H N N 57  
ASP N    N N N 58  
ASP CA   C N S 59  
ASP C    C N N 60  
ASP O    O N N 61  
ASP CB   C N N 62  
ASP CG   C N N 63  
ASP OD1  O N N 64  
ASP OD2  O N N 65  
ASP OXT  O N N 66  
ASP H    H N N 67  
ASP H2   H N N 68  
ASP HA   H N N 69  
ASP HB2  H N N 70  
ASP HB3  H N N 71  
ASP HD2  H N N 72  
ASP HXT  H N N 73  
CYS N    N N N 74  
CYS CA   C N R 75  
CYS C    C N N 76  
CYS O    O N N 77  
CYS CB   C N N 78  
CYS SG   S N N 79  
CYS OXT  O N N 80  
CYS H    H N N 81  
CYS H2   H N N 82  
CYS HA   H N N 83  
CYS HB2  H N N 84  
CYS HB3  H N N 85  
CYS HG   H N N 86  
CYS HXT  H N N 87  
GLN N    N N N 88  
GLN CA   C N S 89  
GLN C    C N N 90  
GLN O    O N N 91  
GLN CB   C N N 92  
GLN CG   C N N 93  
GLN CD   C N N 94  
GLN OE1  O N N 95  
GLN NE2  N N N 96  
GLN OXT  O N N 97  
GLN H    H N N 98  
GLN H2   H N N 99  
GLN HA   H N N 100 
GLN HB2  H N N 101 
GLN HB3  H N N 102 
GLN HG2  H N N 103 
GLN HG3  H N N 104 
GLN HE21 H N N 105 
GLN HE22 H N N 106 
GLN HXT  H N N 107 
GLU N    N N N 108 
GLU CA   C N S 109 
GLU C    C N N 110 
GLU O    O N N 111 
GLU CB   C N N 112 
GLU CG   C N N 113 
GLU CD   C N N 114 
GLU OE1  O N N 115 
GLU OE2  O N N 116 
GLU OXT  O N N 117 
GLU H    H N N 118 
GLU H2   H N N 119 
GLU HA   H N N 120 
GLU HB2  H N N 121 
GLU HB3  H N N 122 
GLU HG2  H N N 123 
GLU HG3  H N N 124 
GLU HE2  H N N 125 
GLU HXT  H N N 126 
GLY N    N N N 127 
GLY CA   C N N 128 
GLY C    C N N 129 
GLY O    O N N 130 
GLY OXT  O N N 131 
GLY H    H N N 132 
GLY H2   H N N 133 
GLY HA2  H N N 134 
GLY HA3  H N N 135 
GLY HXT  H N N 136 
HIS N    N N N 137 
HIS CA   C N S 138 
HIS C    C N N 139 
HIS O    O N N 140 
HIS CB   C N N 141 
HIS CG   C Y N 142 
HIS ND1  N Y N 143 
HIS CD2  C Y N 144 
HIS CE1  C Y N 145 
HIS NE2  N Y N 146 
HIS OXT  O N N 147 
HIS H    H N N 148 
HIS H2   H N N 149 
HIS HA   H N N 150 
HIS HB2  H N N 151 
HIS HB3  H N N 152 
HIS HD1  H N N 153 
HIS HD2  H N N 154 
HIS HE1  H N N 155 
HIS HE2  H N N 156 
HIS HXT  H N N 157 
HOH O    O N N 158 
HOH H1   H N N 159 
HOH H2   H N N 160 
ILE N    N N N 161 
ILE CA   C N S 162 
ILE C    C N N 163 
ILE O    O N N 164 
ILE CB   C N S 165 
ILE CG1  C N N 166 
ILE CG2  C N N 167 
ILE CD1  C N N 168 
ILE OXT  O N N 169 
ILE H    H N N 170 
ILE H2   H N N 171 
ILE HA   H N N 172 
ILE HB   H N N 173 
ILE HG12 H N N 174 
ILE HG13 H N N 175 
ILE HG21 H N N 176 
ILE HG22 H N N 177 
ILE HG23 H N N 178 
ILE HD11 H N N 179 
ILE HD12 H N N 180 
ILE HD13 H N N 181 
ILE HXT  H N N 182 
LEU N    N N N 183 
LEU CA   C N S 184 
LEU C    C N N 185 
LEU O    O N N 186 
LEU CB   C N N 187 
LEU CG   C N N 188 
LEU CD1  C N N 189 
LEU CD2  C N N 190 
LEU OXT  O N N 191 
LEU H    H N N 192 
LEU H2   H N N 193 
LEU HA   H N N 194 
LEU HB2  H N N 195 
LEU HB3  H N N 196 
LEU HG   H N N 197 
LEU HD11 H N N 198 
LEU HD12 H N N 199 
LEU HD13 H N N 200 
LEU HD21 H N N 201 
LEU HD22 H N N 202 
LEU HD23 H N N 203 
LEU HXT  H N N 204 
LYS N    N N N 205 
LYS CA   C N S 206 
LYS C    C N N 207 
LYS O    O N N 208 
LYS CB   C N N 209 
LYS CG   C N N 210 
LYS CD   C N N 211 
LYS CE   C N N 212 
LYS NZ   N N N 213 
LYS OXT  O N N 214 
LYS H    H N N 215 
LYS H2   H N N 216 
LYS HA   H N N 217 
LYS HB2  H N N 218 
LYS HB3  H N N 219 
LYS HG2  H N N 220 
LYS HG3  H N N 221 
LYS HD2  H N N 222 
LYS HD3  H N N 223 
LYS HE2  H N N 224 
LYS HE3  H N N 225 
LYS HZ1  H N N 226 
LYS HZ2  H N N 227 
LYS HZ3  H N N 228 
LYS HXT  H N N 229 
MET N    N N N 230 
MET CA   C N S 231 
MET C    C N N 232 
MET O    O N N 233 
MET CB   C N N 234 
MET CG   C N N 235 
MET SD   S N N 236 
MET CE   C N N 237 
MET OXT  O N N 238 
MET H    H N N 239 
MET H2   H N N 240 
MET HA   H N N 241 
MET HB2  H N N 242 
MET HB3  H N N 243 
MET HG2  H N N 244 
MET HG3  H N N 245 
MET HE1  H N N 246 
MET HE2  H N N 247 
MET HE3  H N N 248 
MET HXT  H N N 249 
PHE N    N N N 250 
PHE CA   C N S 251 
PHE C    C N N 252 
PHE O    O N N 253 
PHE CB   C N N 254 
PHE CG   C Y N 255 
PHE CD1  C Y N 256 
PHE CD2  C Y N 257 
PHE CE1  C Y N 258 
PHE CE2  C Y N 259 
PHE CZ   C Y N 260 
PHE OXT  O N N 261 
PHE H    H N N 262 
PHE H2   H N N 263 
PHE HA   H N N 264 
PHE HB2  H N N 265 
PHE HB3  H N N 266 
PHE HD1  H N N 267 
PHE HD2  H N N 268 
PHE HE1  H N N 269 
PHE HE2  H N N 270 
PHE HZ   H N N 271 
PHE HXT  H N N 272 
PRO N    N N N 273 
PRO CA   C N S 274 
PRO C    C N N 275 
PRO O    O N N 276 
PRO CB   C N N 277 
PRO CG   C N N 278 
PRO CD   C N N 279 
PRO OXT  O N N 280 
PRO H    H N N 281 
PRO HA   H N N 282 
PRO HB2  H N N 283 
PRO HB3  H N N 284 
PRO HG2  H N N 285 
PRO HG3  H N N 286 
PRO HD2  H N N 287 
PRO HD3  H N N 288 
PRO HXT  H N N 289 
SER N    N N N 290 
SER CA   C N S 291 
SER C    C N N 292 
SER O    O N N 293 
SER CB   C N N 294 
SER OG   O N N 295 
SER OXT  O N N 296 
SER H    H N N 297 
SER H2   H N N 298 
SER HA   H N N 299 
SER HB2  H N N 300 
SER HB3  H N N 301 
SER HG   H N N 302 
SER HXT  H N N 303 
THR N    N N N 304 
THR CA   C N S 305 
THR C    C N N 306 
THR O    O N N 307 
THR CB   C N R 308 
THR OG1  O N N 309 
THR CG2  C N N 310 
THR OXT  O N N 311 
THR H    H N N 312 
THR H2   H N N 313 
THR HA   H N N 314 
THR HB   H N N 315 
THR HG1  H N N 316 
THR HG21 H N N 317 
THR HG22 H N N 318 
THR HG23 H N N 319 
THR HXT  H N N 320 
TRP N    N N N 321 
TRP CA   C N S 322 
TRP C    C N N 323 
TRP O    O N N 324 
TRP CB   C N N 325 
TRP CG   C Y N 326 
TRP CD1  C Y N 327 
TRP CD2  C Y N 328 
TRP NE1  N Y N 329 
TRP CE2  C Y N 330 
TRP CE3  C Y N 331 
TRP CZ2  C Y N 332 
TRP CZ3  C Y N 333 
TRP CH2  C Y N 334 
TRP OXT  O N N 335 
TRP H    H N N 336 
TRP H2   H N N 337 
TRP HA   H N N 338 
TRP HB2  H N N 339 
TRP HB3  H N N 340 
TRP HD1  H N N 341 
TRP HE1  H N N 342 
TRP HE3  H N N 343 
TRP HZ2  H N N 344 
TRP HZ3  H N N 345 
TRP HH2  H N N 346 
TRP HXT  H N N 347 
TYR N    N N N 348 
TYR CA   C N S 349 
TYR C    C N N 350 
TYR O    O N N 351 
TYR CB   C N N 352 
TYR CG   C Y N 353 
TYR CD1  C Y N 354 
TYR CD2  C Y N 355 
TYR CE1  C Y N 356 
TYR CE2  C Y N 357 
TYR CZ   C Y N 358 
TYR OH   O N N 359 
TYR OXT  O N N 360 
TYR H    H N N 361 
TYR H2   H N N 362 
TYR HA   H N N 363 
TYR HB2  H N N 364 
TYR HB3  H N N 365 
TYR HD1  H N N 366 
TYR HD2  H N N 367 
TYR HE1  H N N 368 
TYR HE2  H N N 369 
TYR HH   H N N 370 
TYR HXT  H N N 371 
VAL N    N N N 372 
VAL CA   C N S 373 
VAL C    C N N 374 
VAL O    O N N 375 
VAL CB   C N N 376 
VAL CG1  C N N 377 
VAL CG2  C N N 378 
VAL OXT  O N N 379 
VAL H    H N N 380 
VAL H2   H N N 381 
VAL HA   H N N 382 
VAL HB   H N N 383 
VAL HG11 H N N 384 
VAL HG12 H N N 385 
VAL HG13 H N N 386 
VAL HG21 H N N 387 
VAL HG22 H N N 388 
VAL HG23 H N N 389 
VAL HXT  H N N 390 
# 
loop_
_chem_comp_bond.comp_id 
_chem_comp_bond.atom_id_1 
_chem_comp_bond.atom_id_2 
_chem_comp_bond.value_order 
_chem_comp_bond.pdbx_aromatic_flag 
_chem_comp_bond.pdbx_stereo_config 
_chem_comp_bond.pdbx_ordinal 
ALA N   CA   sing N N 1   
ALA N   H    sing N N 2   
ALA N   H2   sing N N 3   
ALA CA  C    sing N N 4   
ALA CA  CB   sing N N 5   
ALA CA  HA   sing N N 6   
ALA C   O    doub N N 7   
ALA C   OXT  sing N N 8   
ALA CB  HB1  sing N N 9   
ALA CB  HB2  sing N N 10  
ALA CB  HB3  sing N N 11  
ALA OXT HXT  sing N N 12  
ARG N   CA   sing N N 13  
ARG N   H    sing N N 14  
ARG N   H2   sing N N 15  
ARG CA  C    sing N N 16  
ARG CA  CB   sing N N 17  
ARG CA  HA   sing N N 18  
ARG C   O    doub N N 19  
ARG C   OXT  sing N N 20  
ARG CB  CG   sing N N 21  
ARG CB  HB2  sing N N 22  
ARG CB  HB3  sing N N 23  
ARG CG  CD   sing N N 24  
ARG CG  HG2  sing N N 25  
ARG CG  HG3  sing N N 26  
ARG CD  NE   sing N N 27  
ARG CD  HD2  sing N N 28  
ARG CD  HD3  sing N N 29  
ARG NE  CZ   sing N N 30  
ARG NE  HE   sing N N 31  
ARG CZ  NH1  sing N N 32  
ARG CZ  NH2  doub N N 33  
ARG NH1 HH11 sing N N 34  
ARG NH1 HH12 sing N N 35  
ARG NH2 HH21 sing N N 36  
ARG NH2 HH22 sing N N 37  
ARG OXT HXT  sing N N 38  
ASN N   CA   sing N N 39  
ASN N   H    sing N N 40  
ASN N   H2   sing N N 41  
ASN CA  C    sing N N 42  
ASN CA  CB   sing N N 43  
ASN CA  HA   sing N N 44  
ASN C   O    doub N N 45  
ASN C   OXT  sing N N 46  
ASN CB  CG   sing N N 47  
ASN CB  HB2  sing N N 48  
ASN CB  HB3  sing N N 49  
ASN CG  OD1  doub N N 50  
ASN CG  ND2  sing N N 51  
ASN ND2 HD21 sing N N 52  
ASN ND2 HD22 sing N N 53  
ASN OXT HXT  sing N N 54  
ASP N   CA   sing N N 55  
ASP N   H    sing N N 56  
ASP N   H2   sing N N 57  
ASP CA  C    sing N N 58  
ASP CA  CB   sing N N 59  
ASP CA  HA   sing N N 60  
ASP C   O    doub N N 61  
ASP C   OXT  sing N N 62  
ASP CB  CG   sing N N 63  
ASP CB  HB2  sing N N 64  
ASP CB  HB3  sing N N 65  
ASP CG  OD1  doub N N 66  
ASP CG  OD2  sing N N 67  
ASP OD2 HD2  sing N N 68  
ASP OXT HXT  sing N N 69  
CYS N   CA   sing N N 70  
CYS N   H    sing N N 71  
CYS N   H2   sing N N 72  
CYS CA  C    sing N N 73  
CYS CA  CB   sing N N 74  
CYS CA  HA   sing N N 75  
CYS C   O    doub N N 76  
CYS C   OXT  sing N N 77  
CYS CB  SG   sing N N 78  
CYS CB  HB2  sing N N 79  
CYS CB  HB3  sing N N 80  
CYS SG  HG   sing N N 81  
CYS OXT HXT  sing N N 82  
GLN N   CA   sing N N 83  
GLN N   H    sing N N 84  
GLN N   H2   sing N N 85  
GLN CA  C    sing N N 86  
GLN CA  CB   sing N N 87  
GLN CA  HA   sing N N 88  
GLN C   O    doub N N 89  
GLN C   OXT  sing N N 90  
GLN CB  CG   sing N N 91  
GLN CB  HB2  sing N N 92  
GLN CB  HB3  sing N N 93  
GLN CG  CD   sing N N 94  
GLN CG  HG2  sing N N 95  
GLN CG  HG3  sing N N 96  
GLN CD  OE1  doub N N 97  
GLN CD  NE2  sing N N 98  
GLN NE2 HE21 sing N N 99  
GLN NE2 HE22 sing N N 100 
GLN OXT HXT  sing N N 101 
GLU N   CA   sing N N 102 
GLU N   H    sing N N 103 
GLU N   H2   sing N N 104 
GLU CA  C    sing N N 105 
GLU CA  CB   sing N N 106 
GLU CA  HA   sing N N 107 
GLU C   O    doub N N 108 
GLU C   OXT  sing N N 109 
GLU CB  CG   sing N N 110 
GLU CB  HB2  sing N N 111 
GLU CB  HB3  sing N N 112 
GLU CG  CD   sing N N 113 
GLU CG  HG2  sing N N 114 
GLU CG  HG3  sing N N 115 
GLU CD  OE1  doub N N 116 
GLU CD  OE2  sing N N 117 
GLU OE2 HE2  sing N N 118 
GLU OXT HXT  sing N N 119 
GLY N   CA   sing N N 120 
GLY N   H    sing N N 121 
GLY N   H2   sing N N 122 
GLY CA  C    sing N N 123 
GLY CA  HA2  sing N N 124 
GLY CA  HA3  sing N N 125 
GLY C   O    doub N N 126 
GLY C   OXT  sing N N 127 
GLY OXT HXT  sing N N 128 
HIS N   CA   sing N N 129 
HIS N   H    sing N N 130 
HIS N   H2   sing N N 131 
HIS CA  C    sing N N 132 
HIS CA  CB   sing N N 133 
HIS CA  HA   sing N N 134 
HIS C   O    doub N N 135 
HIS C   OXT  sing N N 136 
HIS CB  CG   sing N N 137 
HIS CB  HB2  sing N N 138 
HIS CB  HB3  sing N N 139 
HIS CG  ND1  sing Y N 140 
HIS CG  CD2  doub Y N 141 
HIS ND1 CE1  doub Y N 142 
HIS ND1 HD1  sing N N 143 
HIS CD2 NE2  sing Y N 144 
HIS CD2 HD2  sing N N 145 
HIS CE1 NE2  sing Y N 146 
HIS CE1 HE1  sing N N 147 
HIS NE2 HE2  sing N N 148 
HIS OXT HXT  sing N N 149 
HOH O   H1   sing N N 150 
HOH O   H2   sing N N 151 
ILE N   CA   sing N N 152 
ILE N   H    sing N N 153 
ILE N   H2   sing N N 154 
ILE CA  C    sing N N 155 
ILE CA  CB   sing N N 156 
ILE CA  HA   sing N N 157 
ILE C   O    doub N N 158 
ILE C   OXT  sing N N 159 
ILE CB  CG1  sing N N 160 
ILE CB  CG2  sing N N 161 
ILE CB  HB   sing N N 162 
ILE CG1 CD1  sing N N 163 
ILE CG1 HG12 sing N N 164 
ILE CG1 HG13 sing N N 165 
ILE CG2 HG21 sing N N 166 
ILE CG2 HG22 sing N N 167 
ILE CG2 HG23 sing N N 168 
ILE CD1 HD11 sing N N 169 
ILE CD1 HD12 sing N N 170 
ILE CD1 HD13 sing N N 171 
ILE OXT HXT  sing N N 172 
LEU N   CA   sing N N 173 
LEU N   H    sing N N 174 
LEU N   H2   sing N N 175 
LEU CA  C    sing N N 176 
LEU CA  CB   sing N N 177 
LEU CA  HA   sing N N 178 
LEU C   O    doub N N 179 
LEU C   OXT  sing N N 180 
LEU CB  CG   sing N N 181 
LEU CB  HB2  sing N N 182 
LEU CB  HB3  sing N N 183 
LEU CG  CD1  sing N N 184 
LEU CG  CD2  sing N N 185 
LEU CG  HG   sing N N 186 
LEU CD1 HD11 sing N N 187 
LEU CD1 HD12 sing N N 188 
LEU CD1 HD13 sing N N 189 
LEU CD2 HD21 sing N N 190 
LEU CD2 HD22 sing N N 191 
LEU CD2 HD23 sing N N 192 
LEU OXT HXT  sing N N 193 
LYS N   CA   sing N N 194 
LYS N   H    sing N N 195 
LYS N   H2   sing N N 196 
LYS CA  C    sing N N 197 
LYS CA  CB   sing N N 198 
LYS CA  HA   sing N N 199 
LYS C   O    doub N N 200 
LYS C   OXT  sing N N 201 
LYS CB  CG   sing N N 202 
LYS CB  HB2  sing N N 203 
LYS CB  HB3  sing N N 204 
LYS CG  CD   sing N N 205 
LYS CG  HG2  sing N N 206 
LYS CG  HG3  sing N N 207 
LYS CD  CE   sing N N 208 
LYS CD  HD2  sing N N 209 
LYS CD  HD3  sing N N 210 
LYS CE  NZ   sing N N 211 
LYS CE  HE2  sing N N 212 
LYS CE  HE3  sing N N 213 
LYS NZ  HZ1  sing N N 214 
LYS NZ  HZ2  sing N N 215 
LYS NZ  HZ3  sing N N 216 
LYS OXT HXT  sing N N 217 
MET N   CA   sing N N 218 
MET N   H    sing N N 219 
MET N   H2   sing N N 220 
MET CA  C    sing N N 221 
MET CA  CB   sing N N 222 
MET CA  HA   sing N N 223 
MET C   O    doub N N 224 
MET C   OXT  sing N N 225 
MET CB  CG   sing N N 226 
MET CB  HB2  sing N N 227 
MET CB  HB3  sing N N 228 
MET CG  SD   sing N N 229 
MET CG  HG2  sing N N 230 
MET CG  HG3  sing N N 231 
MET SD  CE   sing N N 232 
MET CE  HE1  sing N N 233 
MET CE  HE2  sing N N 234 
MET CE  HE3  sing N N 235 
MET OXT HXT  sing N N 236 
PHE N   CA   sing N N 237 
PHE N   H    sing N N 238 
PHE N   H2   sing N N 239 
PHE CA  C    sing N N 240 
PHE CA  CB   sing N N 241 
PHE CA  HA   sing N N 242 
PHE C   O    doub N N 243 
PHE C   OXT  sing N N 244 
PHE CB  CG   sing N N 245 
PHE CB  HB2  sing N N 246 
PHE CB  HB3  sing N N 247 
PHE CG  CD1  doub Y N 248 
PHE CG  CD2  sing Y N 249 
PHE CD1 CE1  sing Y N 250 
PHE CD1 HD1  sing N N 251 
PHE CD2 CE2  doub Y N 252 
PHE CD2 HD2  sing N N 253 
PHE CE1 CZ   doub Y N 254 
PHE CE1 HE1  sing N N 255 
PHE CE2 CZ   sing Y N 256 
PHE CE2 HE2  sing N N 257 
PHE CZ  HZ   sing N N 258 
PHE OXT HXT  sing N N 259 
PRO N   CA   sing N N 260 
PRO N   CD   sing N N 261 
PRO N   H    sing N N 262 
PRO CA  C    sing N N 263 
PRO CA  CB   sing N N 264 
PRO CA  HA   sing N N 265 
PRO C   O    doub N N 266 
PRO C   OXT  sing N N 267 
PRO CB  CG   sing N N 268 
PRO CB  HB2  sing N N 269 
PRO CB  HB3  sing N N 270 
PRO CG  CD   sing N N 271 
PRO CG  HG2  sing N N 272 
PRO CG  HG3  sing N N 273 
PRO CD  HD2  sing N N 274 
PRO CD  HD3  sing N N 275 
PRO OXT HXT  sing N N 276 
SER N   CA   sing N N 277 
SER N   H    sing N N 278 
SER N   H2   sing N N 279 
SER CA  C    sing N N 280 
SER CA  CB   sing N N 281 
SER CA  HA   sing N N 282 
SER C   O    doub N N 283 
SER C   OXT  sing N N 284 
SER CB  OG   sing N N 285 
SER CB  HB2  sing N N 286 
SER CB  HB3  sing N N 287 
SER OG  HG   sing N N 288 
SER OXT HXT  sing N N 289 
THR N   CA   sing N N 290 
THR N   H    sing N N 291 
THR N   H2   sing N N 292 
THR CA  C    sing N N 293 
THR CA  CB   sing N N 294 
THR CA  HA   sing N N 295 
THR C   O    doub N N 296 
THR C   OXT  sing N N 297 
THR CB  OG1  sing N N 298 
THR CB  CG2  sing N N 299 
THR CB  HB   sing N N 300 
THR OG1 HG1  sing N N 301 
THR CG2 HG21 sing N N 302 
THR CG2 HG22 sing N N 303 
THR CG2 HG23 sing N N 304 
THR OXT HXT  sing N N 305 
TRP N   CA   sing N N 306 
TRP N   H    sing N N 307 
TRP N   H2   sing N N 308 
TRP CA  C    sing N N 309 
TRP CA  CB   sing N N 310 
TRP CA  HA   sing N N 311 
TRP C   O    doub N N 312 
TRP C   OXT  sing N N 313 
TRP CB  CG   sing N N 314 
TRP CB  HB2  sing N N 315 
TRP CB  HB3  sing N N 316 
TRP CG  CD1  doub Y N 317 
TRP CG  CD2  sing Y N 318 
TRP CD1 NE1  sing Y N 319 
TRP CD1 HD1  sing N N 320 
TRP CD2 CE2  doub Y N 321 
TRP CD2 CE3  sing Y N 322 
TRP NE1 CE2  sing Y N 323 
TRP NE1 HE1  sing N N 324 
TRP CE2 CZ2  sing Y N 325 
TRP CE3 CZ3  doub Y N 326 
TRP CE3 HE3  sing N N 327 
TRP CZ2 CH2  doub Y N 328 
TRP CZ2 HZ2  sing N N 329 
TRP CZ3 CH2  sing Y N 330 
TRP CZ3 HZ3  sing N N 331 
TRP CH2 HH2  sing N N 332 
TRP OXT HXT  sing N N 333 
TYR N   CA   sing N N 334 
TYR N   H    sing N N 335 
TYR N   H2   sing N N 336 
TYR CA  C    sing N N 337 
TYR CA  CB   sing N N 338 
TYR CA  HA   sing N N 339 
TYR C   O    doub N N 340 
TYR C   OXT  sing N N 341 
TYR CB  CG   sing N N 342 
TYR CB  HB2  sing N N 343 
TYR CB  HB3  sing N N 344 
TYR CG  CD1  doub Y N 345 
TYR CG  CD2  sing Y N 346 
TYR CD1 CE1  sing Y N 347 
TYR CD1 HD1  sing N N 348 
TYR CD2 CE2  doub Y N 349 
TYR CD2 HD2  sing N N 350 
TYR CE1 CZ   doub Y N 351 
TYR CE1 HE1  sing N N 352 
TYR CE2 CZ   sing Y N 353 
TYR CE2 HE2  sing N N 354 
TYR CZ  OH   sing N N 355 
TYR OH  HH   sing N N 356 
TYR OXT HXT  sing N N 357 
VAL N   CA   sing N N 358 
VAL N   H    sing N N 359 
VAL N   H2   sing N N 360 
VAL CA  C    sing N N 361 
VAL CA  CB   sing N N 362 
VAL CA  HA   sing N N 363 
VAL C   O    doub N N 364 
VAL C   OXT  sing N N 365 
VAL CB  CG1  sing N N 366 
VAL CB  CG2  sing N N 367 
VAL CB  HB   sing N N 368 
VAL CG1 HG11 sing N N 369 
VAL CG1 HG12 sing N N 370 
VAL CG1 HG13 sing N N 371 
VAL CG2 HG21 sing N N 372 
VAL CG2 HG22 sing N N 373 
VAL CG2 HG23 sing N N 374 
VAL OXT HXT  sing N N 375 
# 
_atom_sites.entry_id                    1VFQ 
_atom_sites.fract_transf_matrix[1][1]   0.03149165 
_atom_sites.fract_transf_matrix[1][2]   -0.01164028 
_atom_sites.fract_transf_matrix[1][3]   0.02034851 
_atom_sites.fract_transf_matrix[2][1]   -0.00806323 
_atom_sites.fract_transf_matrix[2][2]   0.00512255 
_atom_sites.fract_transf_matrix[2][3]   0.01540911 
_atom_sites.fract_transf_matrix[3][1]   -0.00840910 
_atom_sites.fract_transf_matrix[3][2]   -0.02520297 
_atom_sites.fract_transf_matrix[3][3]   0.00397810 
_atom_sites.fract_transf_vector[1]      -2.599913 
_atom_sites.fract_transf_vector[2]      0.047801 
_atom_sites.fract_transf_vector[3]      0.268136 
# 
loop_
_atom_type.symbol 
C 
N 
O 
S 
# 
loop_
_atom_site.group_PDB 
_atom_site.id 
_atom_site.type_symbol 
_atom_site.label_atom_id 
_atom_site.label_alt_id 
_atom_site.label_comp_id 
_atom_site.label_asym_id 
_atom_site.label_entity_id 
_atom_site.label_seq_id 
_atom_site.pdbx_PDB_ins_code 
_atom_site.Cartn_x 
_atom_site.Cartn_y 
_atom_site.Cartn_z 
_atom_site.occupancy 
_atom_site.B_iso_or_equiv 
_atom_site.pdbx_formal_charge 
_atom_site.auth_seq_id 
_atom_site.auth_comp_id 
_atom_site.auth_asym_id 
_atom_site.auth_atom_id 
_atom_site.pdbx_PDB_model_num 
ATOM   1    N N   . SER A 1 1   ? 18.936  -8.456  -17.042 1.00 43.48 ? 0   SER A N   1 
ATOM   2    C CA  . SER A 1 1   ? 17.971  -8.199  -15.931 1.00 44.66 ? 0   SER A CA  1 
ATOM   3    C C   . SER A 1 1   ? 17.355  -6.800  -16.053 1.00 43.49 ? 0   SER A C   1 
ATOM   4    O O   . SER A 1 1   ? 18.067  -5.796  -16.018 1.00 43.51 ? 0   SER A O   1 
ATOM   5    C CB  . SER A 1 1   ? 18.681  -8.338  -14.586 1.00 45.39 ? 0   SER A CB  1 
ATOM   6    O OG  . SER A 1 1   ? 19.786  -7.451  -14.512 1.00 47.53 ? 0   SER A OG  1 
ATOM   7    N N   . MET A 1 2   ? 16.030  -6.749  -16.168 1.00 42.95 ? 1   MET A N   1 
ATOM   8    C CA  . MET A 1 2   ? 15.292  -5.494  -16.330 1.00 41.15 ? 1   MET A CA  1 
ATOM   9    C C   . MET A 1 2   ? 15.047  -4.677  -15.065 1.00 38.86 ? 1   MET A C   1 
ATOM   10   O O   . MET A 1 2   ? 14.459  -5.157  -14.098 1.00 38.85 ? 1   MET A O   1 
ATOM   11   C CB  . MET A 1 2   ? 13.950  -5.768  -17.014 1.00 44.05 ? 1   MET A CB  1 
ATOM   12   C CG  . MET A 1 2   ? 13.858  -5.227  -18.444 1.00 49.60 ? 1   MET A CG  1 
ATOM   13   S SD  . MET A 1 2   ? 12.779  -6.217  -19.544 1.00 54.56 ? 1   MET A SD  1 
ATOM   14   C CE  . MET A 1 2   ? 11.255  -5.281  -19.511 1.00 53.06 ? 1   MET A CE  1 
ATOM   15   N N   . ALA A 1 3   ? 15.497  -3.428  -15.092 1.00 35.29 ? 2   ALA A N   1 
ATOM   16   C CA  . ALA A 1 3   ? 15.313  -2.509  -13.977 1.00 33.03 ? 2   ALA A CA  1 
ATOM   17   C C   . ALA A 1 3   ? 13.814  -2.175  -13.861 1.00 31.11 ? 2   ALA A C   1 
ATOM   18   O O   . ALA A 1 3   ? 13.068  -2.234  -14.837 1.00 30.15 ? 2   ALA A O   1 
ATOM   19   C CB  . ALA A 1 3   ? 16.116  -1.240  -14.217 1.00 31.91 ? 2   ALA A CB  1 
ATOM   20   N N   . THR A 1 4   ? 13.375  -1.834  -12.663 1.00 31.08 ? 3   THR A N   1 
ATOM   21   C CA  . THR A 1 4   ? 11.963  -1.512  -12.468 1.00 31.05 ? 3   THR A CA  1 
ATOM   22   C C   . THR A 1 4   ? 11.572  -0.151  -13.054 1.00 30.45 ? 3   THR A C   1 
ATOM   23   O O   . THR A 1 4   ? 12.341  0.796   -13.010 1.00 32.76 ? 3   THR A O   1 
ATOM   24   C CB  . THR A 1 4   ? 11.603  -1.526  -10.974 1.00 28.29 ? 3   THR A CB  1 
ATOM   25   O OG1 . THR A 1 4   ? 11.853  -2.831  -10.450 1.00 28.11 ? 3   THR A OG1 1 
ATOM   26   C CG2 . THR A 1 4   ? 10.109  -1.168  -10.762 1.00 25.49 ? 3   THR A CG2 1 
ATOM   27   N N   . LYS A 1 5   ? 10.379  -0.079  -13.621 1.00 29.93 ? 4   LYS A N   1 
ATOM   28   C CA  . LYS A 1 5   ? 9.855   1.159   -14.175 1.00 30.67 ? 4   LYS A CA  1 
ATOM   29   C C   . LYS A 1 5   ? 8.550   1.412   -13.430 1.00 29.66 ? 4   LYS A C   1 
ATOM   30   O O   . LYS A 1 5   ? 8.019   0.495   -12.789 1.00 26.37 ? 4   LYS A O   1 
ATOM   31   C CB  . LYS A 1 5   ? 9.558   1.000   -15.658 1.00 32.23 ? 4   LYS A CB  1 
ATOM   32   C CG  . LYS A 1 5   ? 10.755  0.533   -16.499 1.00 36.56 ? 4   LYS A CG  1 
ATOM   33   C CD  . LYS A 1 5   ? 10.645  1.091   -17.920 1.00 39.07 ? 4   LYS A CD  1 
ATOM   34   C CE  . LYS A 1 5   ? 9.455   0.501   -18.653 1.00 41.11 ? 4   LYS A CE  1 
ATOM   35   N NZ  . LYS A 1 5   ? 9.088   1.264   -19.887 1.00 40.76 ? 4   LYS A NZ  1 
ATOM   36   N N   . ILE A 1 6   ? 8.046   2.645   -13.488 1.00 27.90 ? 5   ILE A N   1 
ATOM   37   C CA  . ILE A 1 6   ? 6.789   2.968   -12.813 1.00 25.16 ? 5   ILE A CA  1 
ATOM   38   C C   . ILE A 1 6   ? 5.987   3.893   -13.724 1.00 24.84 ? 5   ILE A C   1 
ATOM   39   O O   . ILE A 1 6   ? 6.548   4.769   -14.398 1.00 24.64 ? 5   ILE A O   1 
ATOM   40   C CB  . ILE A 1 6   ? 7.046   3.611   -11.357 1.00 26.52 ? 5   ILE A CB  1 
ATOM   41   C CG1 . ILE A 1 6   ? 5.713   3.825   -10.601 1.00 22.47 ? 5   ILE A CG1 1 
ATOM   42   C CG2 . ILE A 1 6   ? 7.802   4.976   -11.454 1.00 26.15 ? 5   ILE A CG2 1 
ATOM   43   C CD1 . ILE A 1 6   ? 5.864   3.929   -9.057  1.00 20.93 ? 5   ILE A CD1 1 
ATOM   44   N N   . ASP A 1 7   ? 4.684   3.650   -13.817 1.00 22.78 ? 6   ASP A N   1 
ATOM   45   C CA  . ASP A 1 7   ? 3.798   4.497   -14.607 1.00 21.69 ? 6   ASP A CA  1 
ATOM   46   C C   . ASP A 1 7   ? 3.388   5.572   -13.595 1.00 23.07 ? 6   ASP A C   1 
ATOM   47   O O   . ASP A 1 7   ? 2.380   5.412   -12.879 1.00 21.50 ? 6   ASP A O   1 
ATOM   48   C CB  . ASP A 1 7   ? 2.558   3.727   -15.023 1.00 21.71 ? 6   ASP A CB  1 
ATOM   49   C CG  . ASP A 1 7   ? 1.673   4.510   -15.945 1.00 23.72 ? 6   ASP A CG  1 
ATOM   50   O OD1 . ASP A 1 7   ? 1.713   5.759   -15.929 1.00 23.33 ? 6   ASP A OD1 1 
ATOM   51   O OD2 . ASP A 1 7   ? 0.897   3.874   -16.667 1.00 26.92 ? 6   ASP A OD2 1 
ATOM   52   N N   . LYS A 1 8   ? 4.167   6.645   -13.520 1.00 23.68 ? 7   LYS A N   1 
ATOM   53   C CA  . LYS A 1 8   ? 3.892   7.713   -12.547 1.00 24.86 ? 7   LYS A CA  1 
ATOM   54   C C   . LYS A 1 8   ? 2.525   8.395   -12.671 1.00 23.54 ? 7   LYS A C   1 
ATOM   55   O O   . LYS A 1 8   ? 1.888   8.736   -11.666 1.00 22.83 ? 7   LYS A O   1 
ATOM   56   C CB  . LYS A 1 8   ? 5.001   8.770   -12.581 1.00 25.93 ? 7   LYS A CB  1 
ATOM   57   C CG  . LYS A 1 8   ? 6.339   8.308   -11.981 1.00 29.28 ? 7   LYS A CG  1 
ATOM   58   C CD  . LYS A 1 8   ? 7.023   9.500   -11.301 1.00 34.37 ? 7   LYS A CD  1 
ATOM   59   C CE  . LYS A 1 8   ? 8.455   9.238   -10.861 1.00 36.01 ? 7   LYS A CE  1 
ATOM   60   N NZ  . LYS A 1 8   ? 9.397   9.320   -12.044 1.00 39.76 ? 7   LYS A NZ  1 
ATOM   61   N N   . GLU A 1 9   ? 2.087   8.605   -13.900 1.00 22.82 ? 8   GLU A N   1 
ATOM   62   C CA  . GLU A 1 9   ? 0.796   9.243   -14.155 1.00 23.82 ? 8   GLU A CA  1 
ATOM   63   C C   . GLU A 1 9   ? -0.352  8.400   -13.586 1.00 22.68 ? 8   GLU A C   1 
ATOM   64   O O   . GLU A 1 9   ? -1.243  8.901   -12.897 1.00 21.39 ? 8   GLU A O   1 
ATOM   65   C CB  . GLU A 1 9   ? 0.610   9.378   -15.673 1.00 26.71 ? 8   GLU A CB  1 
ATOM   66   C CG  . GLU A 1 9   ? -0.773  9.791   -16.106 1.00 32.22 ? 8   GLU A CG  1 
ATOM   67   C CD  . GLU A 1 9   ? -0.863  10.010  -17.619 1.00 34.79 ? 8   GLU A CD  1 
ATOM   68   O OE1 . GLU A 1 9   ? 0.064   10.634  -18.192 1.00 37.70 ? 8   GLU A OE1 1 
ATOM   69   O OE2 . GLU A 1 9   ? -1.862  9.570   -18.217 1.00 36.00 ? 8   GLU A OE2 1 
ATOM   70   N N   . ALA A 1 10  ? -0.327  7.111   -13.900 1.00 18.95 ? 9   ALA A N   1 
ATOM   71   C CA  . ALA A 1 10  ? -1.390  6.221   -13.459 1.00 19.20 ? 9   ALA A CA  1 
ATOM   72   C C   . ALA A 1 10  ? -1.288  6.050   -11.957 1.00 18.03 ? 9   ALA A C   1 
ATOM   73   O O   . ALA A 1 10  ? -2.293  6.097   -11.251 1.00 18.03 ? 9   ALA A O   1 
ATOM   74   C CB  . ALA A 1 10  ? -1.274  4.882   -14.166 1.00 15.05 ? 9   ALA A CB  1 
ATOM   75   N N   . CYS A 1 11  ? -0.076  5.843   -11.459 1.00 18.21 ? 10  CYS A N   1 
ATOM   76   C CA  . CYS A 1 11  ? 0.084   5.684   -10.014 1.00 19.19 ? 10  CYS A CA  1 
ATOM   77   C C   . CYS A 1 11  ? -0.286  6.947   -9.232  1.00 19.00 ? 10  CYS A C   1 
ATOM   78   O O   . CYS A 1 11  ? -0.924  6.860   -8.197  1.00 20.61 ? 10  CYS A O   1 
ATOM   79   C CB  . CYS A 1 11  ? 1.500   5.222   -9.685  1.00 18.65 ? 10  CYS A CB  1 
ATOM   80   S SG  . CYS A 1 11  ? 1.842   3.500   -10.213 1.00 16.68 ? 10  CYS A SG  1 
ATOM   81   N N   . ARG A 1 12  ? 0.116   8.118   -9.706  1.00 18.38 ? 11  ARG A N   1 
ATOM   82   C CA  . ARG A 1 12  ? -0.218  9.379   -9.026  1.00 19.63 ? 11  ARG A CA  1 
ATOM   83   C C   . ARG A 1 12  ? -1.751  9.555   -8.947  1.00 19.18 ? 11  ARG A C   1 
ATOM   84   O O   . ARG A 1 12  ? -2.288  10.049  -7.957  1.00 19.54 ? 11  ARG A O   1 
ATOM   85   C CB  . ARG A 1 12  ? 0.356   10.576  -9.799  1.00 20.39 ? 11  ARG A CB  1 
ATOM   86   C CG  . ARG A 1 12  ? 1.497   11.300  -9.137  1.00 26.66 ? 11  ARG A CG  1 
ATOM   87   C CD  . ARG A 1 12  ? 2.122   12.355  -10.109 1.00 29.06 ? 11  ARG A CD  1 
ATOM   88   N NE  . ARG A 1 12  ? 3.562   12.478  -9.871  1.00 30.11 ? 11  ARG A NE  1 
ATOM   89   C CZ  . ARG A 1 12  ? 4.504   12.484  -10.817 1.00 33.10 ? 11  ARG A CZ  1 
ATOM   90   N NH1 . ARG A 1 12  ? 4.189   12.377  -12.108 1.00 34.21 ? 11  ARG A NH1 1 
ATOM   91   N NH2 . ARG A 1 12  ? 5.781   12.577  -10.465 1.00 34.42 ? 11  ARG A NH2 1 
ATOM   92   N N   . ALA A 1 13  ? -2.450  9.182   -10.007 1.00 19.41 ? 12  ALA A N   1 
ATOM   93   C CA  . ALA A 1 13  ? -3.912  9.291   -10.021 1.00 18.62 ? 12  ALA A CA  1 
ATOM   94   C C   . ALA A 1 13  ? -4.554  8.377   -8.944  1.00 17.37 ? 12  ALA A C   1 
ATOM   95   O O   . ALA A 1 13  ? -5.528  8.774   -8.262  1.00 17.03 ? 12  ALA A O   1 
ATOM   96   C CB  . ALA A 1 13  ? -4.432  8.930   -11.405 1.00 20.44 ? 12  ALA A CB  1 
ATOM   97   N N   . ALA A 1 14  ? -4.026  7.162   -8.780  1.00 17.45 ? 13  ALA A N   1 
ATOM   98   C CA  . ALA A 1 14  ? -4.566  6.222   -7.773  1.00 16.75 ? 13  ALA A CA  1 
ATOM   99   C C   . ALA A 1 14  ? -4.299  6.776   -6.352  1.00 18.85 ? 13  ALA A C   1 
ATOM   100  O O   . ALA A 1 14  ? -5.191  6.766   -5.486  1.00 16.89 ? 13  ALA A O   1 
ATOM   101  C CB  . ALA A 1 14  ? -3.933  4.872   -7.930  1.00 16.67 ? 13  ALA A CB  1 
ATOM   102  N N   . TYR A 1 15  ? -3.075  7.257   -6.136  1.00 16.71 ? 14  TYR A N   1 
ATOM   103  C CA  . TYR A 1 15  ? -2.662  7.887   -4.858  1.00 17.94 ? 14  TYR A CA  1 
ATOM   104  C C   . TYR A 1 15  ? -3.570  9.086   -4.511  1.00 17.15 ? 14  TYR A C   1 
ATOM   105  O O   . TYR A 1 15  ? -4.058  9.195   -3.393  1.00 16.14 ? 14  TYR A O   1 
ATOM   106  C CB  . TYR A 1 15  ? -1.217  8.374   -5.005  1.00 18.65 ? 14  TYR A CB  1 
ATOM   107  C CG  . TYR A 1 15  ? -0.712  9.328   -3.932  1.00 17.76 ? 14  TYR A CG  1 
ATOM   108  C CD1 . TYR A 1 15  ? -0.389  8.869   -2.671  1.00 17.34 ? 14  TYR A CD1 1 
ATOM   109  C CD2 . TYR A 1 15  ? -0.491  10.671  -4.219  1.00 19.74 ? 14  TYR A CD2 1 
ATOM   110  C CE1 . TYR A 1 15  ? 0.168   9.729   -1.695  1.00 20.09 ? 14  TYR A CE1 1 
ATOM   111  C CE2 . TYR A 1 15  ? 0.060   11.545  -3.261  1.00 19.73 ? 14  TYR A CE2 1 
ATOM   112  C CZ  . TYR A 1 15  ? 0.385   11.054  -2.006  1.00 20.28 ? 14  TYR A CZ  1 
ATOM   113  O OH  . TYR A 1 15  ? 0.929   11.877  -1.057  1.00 22.85 ? 14  TYR A OH  1 
ATOM   114  N N   . ASN A 1 16  ? -3.767  9.988   -5.479  1.00 15.77 ? 15  ASN A N   1 
ATOM   115  C CA  . ASN A 1 16  ? -4.620  11.165  -5.296  1.00 17.74 ? 15  ASN A CA  1 
ATOM   116  C C   . ASN A 1 16  ? -6.046  10.740  -4.924  1.00 17.40 ? 15  ASN A C   1 
ATOM   117  O O   . ASN A 1 16  ? -6.677  11.359  -4.064  1.00 18.26 ? 15  ASN A O   1 
ATOM   118  C CB  . ASN A 1 16  ? -4.664  12.018  -6.574  1.00 17.03 ? 15  ASN A CB  1 
ATOM   119  C CG  . ASN A 1 16  ? -3.350  12.754  -6.852  1.00 22.63 ? 15  ASN A CG  1 
ATOM   120  O OD1 . ASN A 1 16  ? -3.090  13.185  -8.007  1.00 23.38 ? 15  ASN A OD1 1 
ATOM   121  N ND2 . ASN A 1 16  ? -2.530  12.935  -5.816  1.00 18.61 ? 15  ASN A ND2 1 
ATOM   122  N N   . LEU A 1 17  ? -6.549  9.702   -5.588  1.00 17.22 ? 16  LEU A N   1 
ATOM   123  C CA  . LEU A 1 17  ? -7.872  9.144   -5.331  1.00 18.86 ? 16  LEU A CA  1 
ATOM   124  C C   . LEU A 1 17  ? -8.117  8.864   -3.831  1.00 19.27 ? 16  LEU A C   1 
ATOM   125  O O   . LEU A 1 17  ? -9.168  9.194   -3.274  1.00 20.07 ? 16  LEU A O   1 
ATOM   126  C CB  . LEU A 1 17  ? -8.022  7.845   -6.142  1.00 18.98 ? 16  LEU A CB  1 
ATOM   127  C CG  . LEU A 1 17  ? -9.347  7.071   -6.181  1.00 22.67 ? 16  LEU A CG  1 
ATOM   128  C CD1 . LEU A 1 17  ? -10.473 8.000   -6.707  1.00 22.36 ? 16  LEU A CD1 1 
ATOM   129  C CD2 . LEU A 1 17  ? -9.199  5.838   -7.088  1.00 20.34 ? 16  LEU A CD2 1 
ATOM   130  N N   . VAL A 1 18  ? -7.146  8.272   -3.158  1.00 18.07 ? 17  VAL A N   1 
ATOM   131  C CA  . VAL A 1 18  ? -7.336  7.986   -1.738  1.00 17.40 ? 17  VAL A CA  1 
ATOM   132  C C   . VAL A 1 18  ? -7.342  9.274   -0.919  1.00 18.75 ? 17  VAL A C   1 
ATOM   133  O O   . VAL A 1 18  ? -8.058  9.389   0.079   1.00 19.99 ? 17  VAL A O   1 
ATOM   134  C CB  . VAL A 1 18  ? -6.224  7.045   -1.237  1.00 17.06 ? 17  VAL A CB  1 
ATOM   135  C CG1 . VAL A 1 18  ? -6.315  6.842   0.283   1.00 16.52 ? 17  VAL A CG1 1 
ATOM   136  C CG2 . VAL A 1 18  ? -6.331  5.712   -1.970  1.00 15.00 ? 17  VAL A CG2 1 
ATOM   137  N N   . ARG A 1 19  ? -6.578  10.263  -1.369  1.00 18.58 ? 18  ARG A N   1 
ATOM   138  C CA  . ARG A 1 19  ? -6.459  11.534  -0.660  1.00 21.33 ? 18  ARG A CA  1 
ATOM   139  C C   . ARG A 1 19  ? -7.631  12.487  -0.820  1.00 23.11 ? 18  ARG A C   1 
ATOM   140  O O   . ARG A 1 19  ? -7.883  13.309  0.051   1.00 22.11 ? 18  ARG A O   1 
ATOM   141  C CB  . ARG A 1 19  ? -5.180  12.242  -1.111  1.00 24.81 ? 18  ARG A CB  1 
ATOM   142  C CG  . ARG A 1 19  ? -3.944  11.509  -0.671  1.00 25.99 ? 18  ARG A CG  1 
ATOM   143  C CD  . ARG A 1 19  ? -2.678  12.322  -0.871  1.00 32.66 ? 18  ARG A CD  1 
ATOM   144  N NE  . ARG A 1 19  ? -1.714  11.897  0.136   1.00 37.77 ? 18  ARG A NE  1 
ATOM   145  C CZ  . ARG A 1 19  ? -1.756  12.262  1.420   1.00 38.20 ? 18  ARG A CZ  1 
ATOM   146  N NH1 . ARG A 1 19  ? -2.695  13.089  1.853   1.00 39.19 ? 18  ARG A NH1 1 
ATOM   147  N NH2 . ARG A 1 19  ? -0.903  11.733  2.287   1.00 38.56 ? 18  ARG A NH2 1 
ATOM   148  N N   . ASP A 1 20  ? -8.339  12.334  -1.937  1.00 22.71 ? 19  ASP A N   1 
ATOM   149  C CA  . ASP A 1 20  ? -9.473  13.149  -2.327  1.00 26.03 ? 19  ASP A CA  1 
ATOM   150  C C   . ASP A 1 20  ? -10.671 13.044  -1.388  1.00 26.79 ? 19  ASP A C   1 
ATOM   151  O O   . ASP A 1 20  ? -11.126 11.940  -1.082  1.00 26.80 ? 19  ASP A O   1 
ATOM   152  C CB  . ASP A 1 20  ? -9.894  12.697  -3.738  1.00 26.66 ? 19  ASP A CB  1 
ATOM   153  C CG  . ASP A 1 20  ? -10.526 13.806  -4.539  1.00 31.94 ? 19  ASP A CG  1 
ATOM   154  O OD1 . ASP A 1 20  ? -11.547 14.383  -4.086  1.00 30.32 ? 19  ASP A OD1 1 
ATOM   155  O OD2 . ASP A 1 20  ? -9.989  14.095  -5.632  1.00 33.64 ? 19  ASP A OD2 1 
ATOM   156  N N   . ASP A 1 21  ? -11.216 14.169  -0.936  1.00 29.54 ? 20  ASP A N   1 
ATOM   157  C CA  . ASP A 1 21  ? -12.404 14.059  -0.068  1.00 31.84 ? 20  ASP A CA  1 
ATOM   158  C C   . ASP A 1 21  ? -13.630 13.736  -0.951  1.00 30.19 ? 20  ASP A C   1 
ATOM   159  O O   . ASP A 1 21  ? -14.711 13.444  -0.446  1.00 30.82 ? 20  ASP A O   1 
ATOM   160  C CB  . ASP A 1 21  ? -12.655 15.345  0.741   1.00 35.58 ? 20  ASP A CB  1 
ATOM   161  C CG  . ASP A 1 21  ? -11.598 15.581  1.815   1.00 39.49 ? 20  ASP A CG  1 
ATOM   162  O OD1 . ASP A 1 21  ? -11.235 14.631  2.559   1.00 43.02 ? 20  ASP A OD1 1 
ATOM   163  O OD2 . ASP A 1 21  ? -11.133 16.732  1.923   1.00 42.23 ? 20  ASP A OD2 1 
ATOM   164  N N   . GLY A 1 22  ? -13.445 13.802  -2.269  1.00 27.78 ? 21  GLY A N   1 
ATOM   165  C CA  . GLY A 1 22  ? -14.507 13.461  -3.204  1.00 25.02 ? 21  GLY A CA  1 
ATOM   166  C C   . GLY A 1 22  ? -14.481 11.967  -3.546  1.00 24.74 ? 21  GLY A C   1 
ATOM   167  O O   . GLY A 1 22  ? -15.193 11.525  -4.442  1.00 23.85 ? 21  GLY A O   1 
ATOM   168  N N   . SER A 1 23  ? -13.695 11.172  -2.812  1.00 22.13 ? 22  SER A N   1 
ATOM   169  C CA  . SER A 1 23  ? -13.584 9.747   -3.110  1.00 20.83 ? 22  SER A CA  1 
ATOM   170  C C   . SER A 1 23  ? -14.037 8.768   -2.018  1.00 21.04 ? 22  SER A C   1 
ATOM   171  O O   . SER A 1 23  ? -13.780 8.967   -0.814  1.00 20.54 ? 22  SER A O   1 
ATOM   172  C CB  . SER A 1 23  ? -12.131 9.448   -3.485  1.00 23.96 ? 22  SER A CB  1 
ATOM   173  O OG  . SER A 1 23  ? -11.747 8.132   -3.126  1.00 23.57 ? 22  SER A OG  1 
ATOM   174  N N   . ALA A 1 24  ? -14.684 7.689   -2.454  1.00 19.82 ? 23  ALA A N   1 
ATOM   175  C CA  . ALA A 1 24  ? -15.144 6.656   -1.554  1.00 19.54 ? 23  ALA A CA  1 
ATOM   176  C C   . ALA A 1 24  ? -14.194 5.435   -1.688  1.00 20.05 ? 23  ALA A C   1 
ATOM   177  O O   . ALA A 1 24  ? -14.545 4.286   -1.354  1.00 20.68 ? 23  ALA A O   1 
ATOM   178  C CB  . ALA A 1 24  ? -16.556 6.284   -1.890  1.00 17.73 ? 23  ALA A CB  1 
ATOM   179  N N   . VAL A 1 25  ? -12.995 5.715   -2.181  1.00 17.46 ? 24  VAL A N   1 
ATOM   180  C CA  . VAL A 1 25  ? -11.951 4.698   -2.336  1.00 18.48 ? 24  VAL A CA  1 
ATOM   181  C C   . VAL A 1 25  ? -10.942 4.917   -1.213  1.00 17.59 ? 24  VAL A C   1 
ATOM   182  O O   . VAL A 1 25  ? -10.264 5.941   -1.191  1.00 20.04 ? 24  VAL A O   1 
ATOM   183  C CB  . VAL A 1 25  ? -11.237 4.837   -3.704  1.00 19.31 ? 24  VAL A CB  1 
ATOM   184  C CG1 . VAL A 1 25  ? -10.062 3.844   -3.806  1.00 19.58 ? 24  VAL A CG1 1 
ATOM   185  C CG2 . VAL A 1 25  ? -12.212 4.565   -4.813  1.00 18.10 ? 24  VAL A CG2 1 
ATOM   186  N N   . ILE A 1 26  ? -10.836 3.979   -0.272  1.00 16.61 ? 25  ILE A N   1 
ATOM   187  C CA  . ILE A 1 26  ? -9.876  4.163   0.826   1.00 15.87 ? 25  ILE A CA  1 
ATOM   188  C C   . ILE A 1 26  ? -8.578  3.367   0.646   1.00 15.98 ? 25  ILE A C   1 
ATOM   189  O O   . ILE A 1 26  ? -7.616  3.562   1.419   1.00 15.87 ? 25  ILE A O   1 
ATOM   190  C CB  . ILE A 1 26  ? -10.456 3.789   2.202   1.00 18.61 ? 25  ILE A CB  1 
ATOM   191  C CG1 . ILE A 1 26  ? -10.720 2.286   2.256   1.00 21.02 ? 25  ILE A CG1 1 
ATOM   192  C CG2 . ILE A 1 26  ? -11.711 4.625   2.492   1.00 21.78 ? 25  ILE A CG2 1 
ATOM   193  C CD1 . ILE A 1 26  ? -10.857 1.745   3.661   1.00 24.72 ? 25  ILE A CD1 1 
ATOM   194  N N   . TRP A 1 27  ? -8.553  2.453   -0.325  1.00 15.23 ? 26  TRP A N   1 
ATOM   195  C CA  . TRP A 1 27  ? -7.338  1.708   -0.616  1.00 14.85 ? 26  TRP A CA  1 
ATOM   196  C C   . TRP A 1 27  ? -7.085  1.498   -2.115  1.00 15.07 ? 26  TRP A C   1 
ATOM   197  O O   . TRP A 1 27  ? -8.007  1.295   -2.936  1.00 13.63 ? 26  TRP A O   1 
ATOM   198  C CB  . TRP A 1 27  ? -7.289  0.333   0.104   1.00 13.44 ? 26  TRP A CB  1 
ATOM   199  C CG  . TRP A 1 27  ? -8.285  -0.659  -0.299  1.00 15.18 ? 26  TRP A CG  1 
ATOM   200  C CD1 . TRP A 1 27  ? -9.498  -0.880  0.298   1.00 15.12 ? 26  TRP A CD1 1 
ATOM   201  C CD2 . TRP A 1 27  ? -8.182  -1.621  -1.381  1.00 13.87 ? 26  TRP A CD2 1 
ATOM   202  N NE1 . TRP A 1 27  ? -10.154 -1.921  -0.343  1.00 17.49 ? 26  TRP A NE1 1 
ATOM   203  C CE2 . TRP A 1 27  ? -9.371  -2.393  -1.369  1.00 15.56 ? 26  TRP A CE2 1 
ATOM   204  C CE3 . TRP A 1 27  ? -7.199  -1.905  -2.352  1.00 14.84 ? 26  TRP A CE3 1 
ATOM   205  C CZ2 . TRP A 1 27  ? -9.616  -3.432  -2.293  1.00 15.65 ? 26  TRP A CZ2 1 
ATOM   206  C CZ3 . TRP A 1 27  ? -7.444  -2.957  -3.287  1.00 14.27 ? 26  TRP A CZ3 1 
ATOM   207  C CH2 . TRP A 1 27  ? -8.644  -3.697  -3.243  1.00 16.69 ? 26  TRP A CH2 1 
ATOM   208  N N   . VAL A 1 28  ? -5.818  1.600   -2.471  1.00 13.99 ? 27  VAL A N   1 
ATOM   209  C CA  . VAL A 1 28  ? -5.395  1.333   -3.836  1.00 15.07 ? 27  VAL A CA  1 
ATOM   210  C C   . VAL A 1 28  ? -4.074  0.574   -3.728  1.00 15.99 ? 27  VAL A C   1 
ATOM   211  O O   . VAL A 1 28  ? -3.321  0.763   -2.783  1.00 14.42 ? 27  VAL A O   1 
ATOM   212  C CB  . VAL A 1 28  ? -5.158  2.619   -4.636  1.00 16.16 ? 27  VAL A CB  1 
ATOM   213  C CG1 . VAL A 1 28  ? -6.460  3.482   -4.657  1.00 15.36 ? 27  VAL A CG1 1 
ATOM   214  C CG2 . VAL A 1 28  ? -3.985  3.386   -4.040  1.00 14.90 ? 27  VAL A CG2 1 
ATOM   215  N N   . THR A 1 29  ? -3.810  -0.284  -4.704  1.00 16.23 ? 28  THR A N   1 
ATOM   216  C CA  . THR A 1 29  ? -2.591  -1.041  -4.725  1.00 15.78 ? 28  THR A CA  1 
ATOM   217  C C   . THR A 1 29  ? -1.798  -0.690  -5.982  1.00 16.79 ? 28  THR A C   1 
ATOM   218  O O   . THR A 1 29  ? -2.336  -0.127  -6.966  1.00 17.07 ? 28  THR A O   1 
ATOM   219  C CB  . THR A 1 29  ? -2.866  -2.548  -4.747  1.00 15.19 ? 28  THR A CB  1 
ATOM   220  O OG1 . THR A 1 29  ? -3.613  -2.876  -5.932  1.00 15.43 ? 28  THR A OG1 1 
ATOM   221  C CG2 . THR A 1 29  ? -3.664  -2.962  -3.483  1.00 15.89 ? 28  THR A CG2 1 
ATOM   222  N N   . PHE A 1 30  ? -0.519  -1.048  -5.937  1.00 15.95 ? 29  PHE A N   1 
ATOM   223  C CA  . PHE A 1 30  ? 0.378   -0.816  -7.052  1.00 16.05 ? 29  PHE A CA  1 
ATOM   224  C C   . PHE A 1 30  ? 1.041   -2.160  -7.229  1.00 18.45 ? 29  PHE A C   1 
ATOM   225  O O   . PHE A 1 30  ? 1.585   -2.712  -6.266  1.00 18.39 ? 29  PHE A O   1 
ATOM   226  C CB  . PHE A 1 30  ? 1.379   0.249   -6.689  1.00 14.94 ? 29  PHE A CB  1 
ATOM   227  C CG  . PHE A 1 30  ? 0.737   1.519   -6.240  1.00 17.00 ? 29  PHE A CG  1 
ATOM   228  C CD1 . PHE A 1 30  ? 0.688   1.857   -4.893  1.00 18.92 ? 29  PHE A CD1 1 
ATOM   229  C CD2 . PHE A 1 30  ? 0.148   2.373   -7.166  1.00 17.31 ? 29  PHE A CD2 1 
ATOM   230  C CE1 . PHE A 1 30  ? 0.057   3.036   -4.475  1.00 19.46 ? 29  PHE A CE1 1 
ATOM   231  C CE2 . PHE A 1 30  ? -0.481  3.547   -6.748  1.00 19.96 ? 29  PHE A CE2 1 
ATOM   232  C CZ  . PHE A 1 30  ? -0.525  3.876   -5.404  1.00 16.54 ? 29  PHE A CZ  1 
ATOM   233  N N   . LYS A 1 31  ? 0.938   -2.697  -8.447  1.00 18.01 ? 30  LYS A N   1 
ATOM   234  C CA  . LYS A 1 31  ? 1.457   -4.011  -8.708  1.00 20.64 ? 30  LYS A CA  1 
ATOM   235  C C   . LYS A 1 31  ? 2.420   -4.009  -9.869  1.00 19.21 ? 30  LYS A C   1 
ATOM   236  O O   . LYS A 1 31  ? 2.561   -3.007  -10.561 1.00 17.64 ? 30  LYS A O   1 
ATOM   237  C CB  . LYS A 1 31  ? 0.284   -4.964  -8.996  1.00 22.12 ? 30  LYS A CB  1 
ATOM   238  C CG  . LYS A 1 31  ? -0.651  -4.492  -10.118 1.00 27.77 ? 30  LYS A CG  1 
ATOM   239  C CD  . LYS A 1 31  ? -1.672  -5.575  -10.504 1.00 31.51 ? 30  LYS A CD  1 
ATOM   240  C CE  . LYS A 1 31  ? -2.545  -5.121  -11.680 1.00 33.45 ? 30  LYS A CE  1 
ATOM   241  N NZ  . LYS A 1 31  ? -2.917  -6.274  -12.578 1.00 37.33 ? 30  LYS A NZ  1 
ATOM   242  N N   . TYR A 1 32  ? 3.091   -5.139  -10.081 1.00 19.94 ? 31  TYR A N   1 
ATOM   243  C CA  . TYR A 1 32  ? 4.020   -5.235  -11.208 1.00 19.81 ? 31  TYR A CA  1 
ATOM   244  C C   . TYR A 1 32  ? 3.342   -5.802  -12.431 1.00 20.03 ? 31  TYR A C   1 
ATOM   245  O O   . TYR A 1 32  ? 2.723   -6.866  -12.386 1.00 20.52 ? 31  TYR A O   1 
ATOM   246  C CB  . TYR A 1 32  ? 5.223   -6.110  -10.881 1.00 19.11 ? 31  TYR A CB  1 
ATOM   247  C CG  . TYR A 1 32  ? 6.136   -5.517  -9.862  1.00 22.04 ? 31  TYR A CG  1 
ATOM   248  C CD1 . TYR A 1 32  ? 5.781   -5.512  -8.508  1.00 23.44 ? 31  TYR A CD1 1 
ATOM   249  C CD2 . TYR A 1 32  ? 7.392   -5.010  -10.223 1.00 23.05 ? 31  TYR A CD2 1 
ATOM   250  C CE1 . TYR A 1 32  ? 6.643   -5.050  -7.541  1.00 22.82 ? 31  TYR A CE1 1 
ATOM   251  C CE2 . TYR A 1 32  ? 8.270   -4.528  -9.248  1.00 24.08 ? 31  TYR A CE2 1 
ATOM   252  C CZ  . TYR A 1 32  ? 7.889   -4.561  -7.905  1.00 24.03 ? 31  TYR A CZ  1 
ATOM   253  O OH  . TYR A 1 32  ? 8.767   -4.171  -6.907  1.00 24.60 ? 31  TYR A OH  1 
ATOM   254  N N   . ASP A 1 33  ? 3.460   -5.068  -13.524 1.00 19.11 ? 32  ASP A N   1 
ATOM   255  C CA  . ASP A 1 33  ? 2.921   -5.468  -14.805 1.00 21.75 ? 32  ASP A CA  1 
ATOM   256  C C   . ASP A 1 33  ? 4.244   -5.632  -15.546 1.00 22.31 ? 32  ASP A C   1 
ATOM   257  O O   . ASP A 1 33  ? 4.765   -4.696  -16.146 1.00 20.75 ? 32  ASP A O   1 
ATOM   258  C CB  . ASP A 1 33  ? 2.051   -4.332  -15.395 1.00 23.63 ? 32  ASP A CB  1 
ATOM   259  C CG  . ASP A 1 33  ? 1.722   -4.544  -16.866 1.00 27.96 ? 32  ASP A CG  1 
ATOM   260  O OD1 . ASP A 1 33  ? 1.617   -5.720  -17.299 1.00 30.53 ? 32  ASP A OD1 1 
ATOM   261  O OD2 . ASP A 1 33  ? 1.567   -3.533  -17.588 1.00 28.15 ? 32  ASP A OD2 1 
ATOM   262  N N   . GLY A 1 34  ? 4.807   -6.830  -15.451 1.00 23.17 ? 33  GLY A N   1 
ATOM   263  C CA  . GLY A 1 34  ? 6.088   -7.075  -16.082 1.00 24.03 ? 33  GLY A CA  1 
ATOM   264  C C   . GLY A 1 34  ? 7.038   -6.440  -15.101 1.00 23.13 ? 33  GLY A C   1 
ATOM   265  O O   . GLY A 1 34  ? 7.026   -6.771  -13.917 1.00 25.10 ? 33  GLY A O   1 
ATOM   266  N N   . SER A 1 35  ? 7.850   -5.498  -15.542 1.00 22.83 ? 34  SER A N   1 
ATOM   267  C CA  . SER A 1 35  ? 8.732   -4.906  -14.570 1.00 24.69 ? 34  SER A CA  1 
ATOM   268  C C   . SER A 1 35  ? 8.366   -3.443  -14.368 1.00 24.27 ? 34  SER A C   1 
ATOM   269  O O   . SER A 1 35  ? 9.177   -2.652  -13.909 1.00 28.04 ? 34  SER A O   1 
ATOM   270  C CB  . SER A 1 35  ? 10.209  -5.118  -14.977 1.00 27.60 ? 34  SER A CB  1 
ATOM   271  O OG  . SER A 1 35  ? 10.452  -4.659  -16.293 1.00 31.40 ? 34  SER A OG  1 
ATOM   272  N N   . THR A 1 36  ? 7.118   -3.105  -14.701 1.00 23.44 ? 35  THR A N   1 
ATOM   273  C CA  . THR A 1 36  ? 6.588   -1.749  -14.534 1.00 21.33 ? 35  THR A CA  1 
ATOM   274  C C   . THR A 1 36  ? 5.523   -1.739  -13.451 1.00 20.02 ? 35  THR A C   1 
ATOM   275  O O   . THR A 1 36  ? 4.573   -2.517  -13.504 1.00 18.15 ? 35  THR A O   1 
ATOM   276  C CB  . THR A 1 36  ? 5.891   -1.210  -15.814 1.00 23.71 ? 35  THR A CB  1 
ATOM   277  O OG1 . THR A 1 36  ? 6.839   -1.094  -16.881 1.00 26.09 ? 35  THR A OG1 1 
ATOM   278  C CG2 . THR A 1 36  ? 5.295   0.165   -15.552 1.00 21.45 ? 35  THR A CG2 1 
ATOM   279  N N   . ILE A 1 37  ? 5.665   -0.841  -12.482 1.00 19.58 ? 36  ILE A N   1 
ATOM   280  C CA  . ILE A 1 37  ? 4.696   -0.736  -11.391 1.00 18.99 ? 36  ILE A CA  1 
ATOM   281  C C   . ILE A 1 37  ? 3.512   0.113   -11.883 1.00 18.73 ? 36  ILE A C   1 
ATOM   282  O O   . ILE A 1 37  ? 3.675   1.252   -12.346 1.00 19.79 ? 36  ILE A O   1 
ATOM   283  C CB  . ILE A 1 37  ? 5.334   -0.100  -10.142 1.00 18.25 ? 36  ILE A CB  1 
ATOM   284  C CG1 . ILE A 1 37  ? 6.403   -1.061  -9.580  1.00 20.36 ? 36  ILE A CG1 1 
ATOM   285  C CG2 . ILE A 1 37  ? 4.221   0.267   -9.085  1.00 16.51 ? 36  ILE A CG2 1 
ATOM   286  C CD1 . ILE A 1 37  ? 7.338   -0.449  -8.500  1.00 19.81 ? 36  ILE A CD1 1 
ATOM   287  N N   . VAL A 1 38  ? 2.324   -0.464  -11.796 1.00 17.04 ? 37  VAL A N   1 
ATOM   288  C CA  . VAL A 1 38  ? 1.097   0.188   -12.239 1.00 18.68 ? 37  VAL A CA  1 
ATOM   289  C C   . VAL A 1 38  ? -0.007  -0.017  -11.181 1.00 19.10 ? 37  VAL A C   1 
ATOM   290  O O   . VAL A 1 38  ? 0.131   -0.831  -10.291 1.00 18.59 ? 37  VAL A O   1 
ATOM   291  C CB  . VAL A 1 38  ? 0.619   -0.442  -13.589 1.00 19.98 ? 37  VAL A CB  1 
ATOM   292  C CG1 . VAL A 1 38  ? 1.803   -0.474  -14.595 1.00 18.88 ? 37  VAL A CG1 1 
ATOM   293  C CG2 . VAL A 1 38  ? 0.136   -1.894  -13.366 1.00 19.17 ? 37  VAL A CG2 1 
ATOM   294  N N   . PRO A 1 39  ? -1.115  0.730   -11.281 1.00 19.62 ? 38  PRO A N   1 
ATOM   295  C CA  . PRO A 1 39  ? -2.183  0.549   -10.283 1.00 18.86 ? 38  PRO A CA  1 
ATOM   296  C C   . PRO A 1 39  ? -2.837  -0.826  -10.387 1.00 20.03 ? 38  PRO A C   1 
ATOM   297  O O   . PRO A 1 39  ? -2.997  -1.368  -11.480 1.00 19.61 ? 38  PRO A O   1 
ATOM   298  C CB  . PRO A 1 39  ? -3.170  1.660   -10.617 1.00 19.72 ? 38  PRO A CB  1 
ATOM   299  C CG  . PRO A 1 39  ? -2.305  2.758   -11.178 1.00 18.89 ? 38  PRO A CG  1 
ATOM   300  C CD  . PRO A 1 39  ? -1.289  1.983   -12.044 1.00 19.90 ? 38  PRO A CD  1 
ATOM   301  N N   . GLY A 1 40  ? -3.177  -1.397  -9.240  1.00 19.77 ? 39  GLY A N   1 
ATOM   302  C CA  . GLY A 1 40  ? -3.843  -2.687  -9.187  1.00 20.21 ? 39  GLY A CA  1 
ATOM   303  C C   . GLY A 1 40  ? -5.250  -2.442  -8.680  1.00 19.95 ? 39  GLY A C   1 
ATOM   304  O O   . GLY A 1 40  ? -5.796  -1.375  -8.882  1.00 21.37 ? 39  GLY A O   1 
ATOM   305  N N   . GLU A 1 41  ? -5.843  -3.406  -8.003  1.00 20.74 ? 40  GLU A N   1 
ATOM   306  C CA  . GLU A 1 41  ? -7.203  -3.245  -7.494  1.00 20.63 ? 40  GLU A CA  1 
ATOM   307  C C   . GLU A 1 41  ? -7.352  -2.040  -6.543  1.00 19.81 ? 40  GLU A C   1 
ATOM   308  O O   . GLU A 1 41  ? -6.371  -1.527  -6.001  1.00 17.49 ? 40  GLU A O   1 
ATOM   309  C CB  . GLU A 1 41  ? -7.622  -4.516  -6.765  1.00 23.12 ? 40  GLU A CB  1 
ATOM   310  C CG  . GLU A 1 41  ? -7.554  -5.753  -7.622  1.00 27.56 ? 40  GLU A CG  1 
ATOM   311  C CD  . GLU A 1 41  ? -8.409  -5.637  -8.859  1.00 32.90 ? 40  GLU A CD  1 
ATOM   312  O OE1 . GLU A 1 41  ? -7.825  -5.669  -9.965  1.00 35.34 ? 40  GLU A OE1 1 
ATOM   313  O OE2 . GLU A 1 41  ? -9.660  -5.508  -8.743  1.00 35.88 ? 40  GLU A OE2 1 
ATOM   314  N N   . GLN A 1 42  ? -8.598  -1.627  -6.315  1.00 17.99 ? 41  GLN A N   1 
ATOM   315  C CA  . GLN A 1 42  ? -8.888  -0.484  -5.452  1.00 17.11 ? 41  GLN A CA  1 
ATOM   316  C C   . GLN A 1 42  ? -10.228 -0.792  -4.774  1.00 16.62 ? 41  GLN A C   1 
ATOM   317  O O   . GLN A 1 42  ? -10.996 -1.587  -5.293  1.00 14.99 ? 41  GLN A O   1 
ATOM   318  C CB  . GLN A 1 42  ? -9.024  0.777   -6.322  1.00 18.55 ? 41  GLN A CB  1 
ATOM   319  C CG  . GLN A 1 42  ? -7.894  0.992   -7.325  1.00 20.24 ? 41  GLN A CG  1 
ATOM   320  C CD  . GLN A 1 42  ? -8.081  2.218   -8.181  1.00 22.20 ? 41  GLN A CD  1 
ATOM   321  O OE1 . GLN A 1 42  ? -9.202  2.559   -8.556  1.00 19.59 ? 41  GLN A OE1 1 
ATOM   322  N NE2 . GLN A 1 42  ? -6.976  2.885   -8.519  1.00 20.46 ? 41  GLN A NE2 1 
ATOM   323  N N   . GLY A 1 43  ? -10.487 -0.195  -3.612  1.00 16.37 ? 42  GLY A N   1 
ATOM   324  C CA  . GLY A 1 43  ? -11.774 -0.422  -2.953  1.00 17.32 ? 42  GLY A CA  1 
ATOM   325  C C   . GLY A 1 43  ? -12.116 0.522   -1.808  1.00 15.50 ? 42  GLY A C   1 
ATOM   326  O O   . GLY A 1 43  ? -11.280 1.301   -1.365  1.00 16.26 ? 42  GLY A O   1 
ATOM   327  N N   . ALA A 1 44  ? -13.355 0.400   -1.332  1.00 16.36 ? 43  ALA A N   1 
ATOM   328  C CA  . ALA A 1 44  ? -13.928 1.165   -0.234  1.00 16.16 ? 43  ALA A CA  1 
ATOM   329  C C   . ALA A 1 44  ? -13.807 0.397   1.096   1.00 18.67 ? 43  ALA A C   1 
ATOM   330  O O   . ALA A 1 44  ? -13.892 0.988   2.174   1.00 19.52 ? 43  ALA A O   1 
ATOM   331  C CB  . ALA A 1 44  ? -15.413 1.410   -0.519  1.00 13.39 ? 43  ALA A CB  1 
ATOM   332  N N   . GLU A 1 45  ? -13.649 -0.920  1.017   1.00 18.03 ? 44  GLU A N   1 
ATOM   333  C CA  . GLU A 1 45  ? -13.564 -1.758  2.229   1.00 20.45 ? 44  GLU A CA  1 
ATOM   334  C C   . GLU A 1 45  ? -12.195 -2.429  2.466   1.00 18.36 ? 44  GLU A C   1 
ATOM   335  O O   . GLU A 1 45  ? -11.687 -3.167  1.624   1.00 16.23 ? 44  GLU A O   1 
ATOM   336  C CB  . GLU A 1 45  ? -14.692 -2.795  2.203   1.00 23.20 ? 44  GLU A CB  1 
ATOM   337  C CG  . GLU A 1 45  ? -16.073 -2.112  2.129   1.00 28.75 ? 44  GLU A CG  1 
ATOM   338  C CD  . GLU A 1 45  ? -17.255 -3.073  2.185   1.00 31.60 ? 44  GLU A CD  1 
ATOM   339  O OE1 . GLU A 1 45  ? -17.498 -3.832  1.207   1.00 31.75 ? 44  GLU A OE1 1 
ATOM   340  O OE2 . GLU A 1 45  ? -17.932 -3.056  3.237   1.00 31.52 ? 44  GLU A OE2 1 
ATOM   341  N N   . TYR A 1 46  ? -11.610 -2.140  3.627   1.00 17.29 ? 45  TYR A N   1 
ATOM   342  C CA  . TYR A 1 46  ? -10.283 -2.653  3.998   1.00 17.54 ? 45  TYR A CA  1 
ATOM   343  C C   . TYR A 1 46  ? -10.172 -4.170  3.945   1.00 18.12 ? 45  TYR A C   1 
ATOM   344  O O   . TYR A 1 46  ? -9.168  -4.699  3.532   1.00 19.97 ? 45  TYR A O   1 
ATOM   345  C CB  . TYR A 1 46  ? -9.887  -2.173  5.406   1.00 15.90 ? 45  TYR A CB  1 
ATOM   346  C CG  . TYR A 1 46  ? -8.429  -2.466  5.719   1.00 18.95 ? 45  TYR A CG  1 
ATOM   347  C CD1 . TYR A 1 46  ? -7.411  -1.853  4.997   1.00 16.24 ? 45  TYR A CD1 1 
ATOM   348  C CD2 . TYR A 1 46  ? -8.068  -3.396  6.710   1.00 19.75 ? 45  TYR A CD2 1 
ATOM   349  C CE1 . TYR A 1 46  ? -6.063  -2.148  5.233   1.00 16.48 ? 45  TYR A CE1 1 
ATOM   350  C CE2 . TYR A 1 46  ? -6.715  -3.695  6.962   1.00 18.71 ? 45  TYR A CE2 1 
ATOM   351  C CZ  . TYR A 1 46  ? -5.728  -3.074  6.220   1.00 17.15 ? 45  TYR A CZ  1 
ATOM   352  O OH  . TYR A 1 46  ? -4.411  -3.387  6.418   1.00 18.63 ? 45  TYR A OH  1 
ATOM   353  N N   . GLN A 1 47  ? -11.187 -4.881  4.400   1.00 19.95 ? 46  GLN A N   1 
ATOM   354  C CA  . GLN A 1 47  ? -11.098 -6.327  4.347   1.00 21.82 ? 46  GLN A CA  1 
ATOM   355  C C   . GLN A 1 47  ? -10.822 -6.801  2.923   1.00 20.93 ? 46  GLN A C   1 
ATOM   356  O O   . GLN A 1 47  ? -10.098 -7.777  2.714   1.00 18.93 ? 46  GLN A O   1 
ATOM   357  C CB  . GLN A 1 47  ? -12.383 -6.980  4.847   1.00 24.73 ? 46  GLN A CB  1 
ATOM   358  C CG  . GLN A 1 47  ? -12.106 -8.357  5.445   1.00 31.75 ? 46  GLN A CG  1 
ATOM   359  C CD  . GLN A 1 47  ? -11.200 -8.263  6.669   1.00 33.05 ? 46  GLN A CD  1 
ATOM   360  O OE1 . GLN A 1 47  ? -10.576 -9.243  7.059   1.00 37.74 ? 46  GLN A OE1 1 
ATOM   361  N NE2 . GLN A 1 47  ? -11.135 -7.081  7.284   1.00 34.89 ? 46  GLN A NE2 1 
ATOM   362  N N   . HIS A 1 48  ? -11.407 -6.134  1.937   1.00 18.86 ? 47  HIS A N   1 
ATOM   363  C CA  . HIS A 1 48  ? -11.152 -6.547  0.555   1.00 19.27 ? 47  HIS A CA  1 
ATOM   364  C C   . HIS A 1 48  ? -9.693  -6.314  0.181   1.00 18.12 ? 47  HIS A C   1 
ATOM   365  O O   . HIS A 1 48  ? -9.136  -6.989  -0.693  1.00 16.78 ? 47  HIS A O   1 
ATOM   366  C CB  . HIS A 1 48  ? -12.069 -5.804  -0.404  1.00 23.16 ? 47  HIS A CB  1 
ATOM   367  C CG  . HIS A 1 48  ? -13.491 -6.270  -0.332  1.00 27.61 ? 47  HIS A CG  1 
ATOM   368  N ND1 . HIS A 1 48  ? -13.824 -7.597  -0.166  1.00 29.32 ? 47  HIS A ND1 1 
ATOM   369  C CD2 . HIS A 1 48  ? -14.662 -5.601  -0.448  1.00 28.67 ? 47  HIS A CD2 1 
ATOM   370  C CE1 . HIS A 1 48  ? -15.140 -7.727  -0.188  1.00 29.89 ? 47  HIS A CE1 1 
ATOM   371  N NE2 . HIS A 1 48  ? -15.673 -6.531  -0.356  1.00 30.03 ? 47  HIS A NE2 1 
ATOM   372  N N   . PHE A 1 49  ? -9.062  -5.345  0.832   1.00 17.61 ? 48  PHE A N   1 
ATOM   373  C CA  . PHE A 1 49  ? -7.649  -5.099  0.563   1.00 17.17 ? 48  PHE A CA  1 
ATOM   374  C C   . PHE A 1 49  ? -6.810  -6.298  1.053   1.00 16.94 ? 48  PHE A C   1 
ATOM   375  O O   . PHE A 1 49  ? -5.935  -6.800  0.338   1.00 16.49 ? 48  PHE A O   1 
ATOM   376  C CB  . PHE A 1 49  ? -7.155  -3.843  1.280   1.00 16.66 ? 48  PHE A CB  1 
ATOM   377  C CG  . PHE A 1 49  ? -5.667  -3.772  1.355   1.00 16.83 ? 48  PHE A CG  1 
ATOM   378  C CD1 . PHE A 1 49  ? -4.900  -3.757  0.186   1.00 17.68 ? 48  PHE A CD1 1 
ATOM   379  C CD2 . PHE A 1 49  ? -5.023  -3.868  2.587   1.00 17.59 ? 48  PHE A CD2 1 
ATOM   380  C CE1 . PHE A 1 49  ? -3.504  -3.859  0.249   1.00 19.84 ? 48  PHE A CE1 1 
ATOM   381  C CE2 . PHE A 1 49  ? -3.630  -3.965  2.663   1.00 20.11 ? 48  PHE A CE2 1 
ATOM   382  C CZ  . PHE A 1 49  ? -2.864  -3.965  1.486   1.00 19.13 ? 48  PHE A CZ  1 
ATOM   383  N N   . ILE A 1 50  ? -7.068  -6.739  2.285   1.00 15.90 ? 49  ILE A N   1 
ATOM   384  C CA  . ILE A 1 50  ? -6.335  -7.882  2.831   1.00 16.00 ? 49  ILE A CA  1 
ATOM   385  C C   . ILE A 1 50  ? -6.428  -9.085  1.886   1.00 16.36 ? 49  ILE A C   1 
ATOM   386  O O   . ILE A 1 50  ? -5.477  -9.845  1.742   1.00 15.59 ? 49  ILE A O   1 
ATOM   387  C CB  . ILE A 1 50  ? -6.904  -8.294  4.213   1.00 17.98 ? 49  ILE A CB  1 
ATOM   388  C CG1 . ILE A 1 50  ? -6.646  -7.166  5.217   1.00 19.07 ? 49  ILE A CG1 1 
ATOM   389  C CG2 . ILE A 1 50  ? -6.260  -9.618  4.699   1.00 19.19 ? 49  ILE A CG2 1 
ATOM   390  C CD1 . ILE A 1 50  ? -7.326  -7.356  6.556   1.00 23.99 ? 49  ILE A CD1 1 
ATOM   391  N N   . GLN A 1 51  ? -7.582  -9.259  1.248   1.00 17.52 ? 50  GLN A N   1 
ATOM   392  C CA  . GLN A 1 51  ? -7.750  -10.403 0.360   1.00 18.53 ? 50  GLN A CA  1 
ATOM   393  C C   . GLN A 1 51  ? -6.812  -10.386 -0.829  1.00 19.32 ? 50  GLN A C   1 
ATOM   394  O O   . GLN A 1 51  ? -6.540  -11.457 -1.408  1.00 20.84 ? 50  GLN A O   1 
ATOM   395  C CB  . GLN A 1 51  ? -9.193  -10.506 -0.114  1.00 20.24 ? 50  GLN A CB  1 
ATOM   396  C CG  . GLN A 1 51  ? -10.157 -10.886 1.015   1.00 25.48 ? 50  GLN A CG  1 
ATOM   397  C CD  . GLN A 1 51  ? -11.592 -10.941 0.535   1.00 28.23 ? 50  GLN A CD  1 
ATOM   398  O OE1 . GLN A 1 51  ? -12.148 -9.942  0.131   1.00 28.42 ? 50  GLN A OE1 1 
ATOM   399  N NE2 . GLN A 1 51  ? -12.186 -12.127 0.567   1.00 33.65 ? 50  GLN A NE2 1 
ATOM   400  N N   . GLN A 1 52  ? -6.316  -9.196  -1.185  1.00 18.66 ? 51  GLN A N   1 
ATOM   401  C CA  . GLN A 1 52  ? -5.369  -9.042  -2.303  1.00 19.45 ? 51  GLN A CA  1 
ATOM   402  C C   . GLN A 1 52  ? -3.976  -9.529  -1.905  1.00 19.15 ? 51  GLN A C   1 
ATOM   403  O O   . GLN A 1 52  ? -3.153  -9.895  -2.759  1.00 14.79 ? 51  GLN A O   1 
ATOM   404  C CB  . GLN A 1 52  ? -5.249  -7.559  -2.710  1.00 20.97 ? 51  GLN A CB  1 
ATOM   405  C CG  . GLN A 1 52  ? -6.493  -6.966  -3.379  1.00 24.32 ? 51  GLN A CG  1 
ATOM   406  C CD  . GLN A 1 52  ? -6.848  -7.672  -4.702  1.00 27.92 ? 51  GLN A CD  1 
ATOM   407  O OE1 . GLN A 1 52  ? -8.001  -8.025  -4.936  1.00 28.00 ? 51  GLN A OE1 1 
ATOM   408  N NE2 . GLN A 1 52  ? -5.855  -7.872  -5.566  1.00 27.91 ? 51  GLN A NE2 1 
ATOM   409  N N   . CYS A 1 53  ? -3.697  -9.487  -0.603  1.00 19.35 ? 52  CYS A N   1 
ATOM   410  C CA  . CYS A 1 53  ? -2.376  -9.861  -0.106  1.00 20.33 ? 52  CYS A CA  1 
ATOM   411  C C   . CYS A 1 53  ? -2.112  -11.363 0.108   1.00 19.89 ? 52  CYS A C   1 
ATOM   412  O O   . CYS A 1 53  ? -2.040  -11.857 1.225   1.00 20.21 ? 52  CYS A O   1 
ATOM   413  C CB  . CYS A 1 53  ? -2.054  -9.063  1.178   1.00 17.37 ? 52  CYS A CB  1 
ATOM   414  S SG  . CYS A 1 53  ? -2.088  -7.260  0.886   1.00 19.89 ? 52  CYS A SG  1 
ATOM   415  N N   . THR A 1 54  ? -1.947  -12.054 -1.011  1.00 20.87 ? 53  THR A N   1 
ATOM   416  C CA  . THR A 1 54  ? -1.637  -13.472 -1.060  1.00 22.04 ? 53  THR A CA  1 
ATOM   417  C C   . THR A 1 54  ? -0.146  -13.687 -0.740  1.00 19.20 ? 53  THR A C   1 
ATOM   418  O O   . THR A 1 54  ? 0.658   -12.805 -0.973  1.00 17.07 ? 53  THR A O   1 
ATOM   419  C CB  . THR A 1 54  ? -1.874  -13.967 -2.484  1.00 23.58 ? 53  THR A CB  1 
ATOM   420  O OG1 . THR A 1 54  ? -3.232  -13.659 -2.858  1.00 32.23 ? 53  THR A OG1 1 
ATOM   421  C CG2 . THR A 1 54  ? -1.624  -15.437 -2.584  1.00 29.20 ? 53  THR A CG2 1 
ATOM   422  N N   . ASP A 1 55  ? 0.234   -14.865 -0.253  1.00 19.43 ? 54  ASP A N   1 
ATOM   423  C CA  . ASP A 1 55  ? 1.654   -15.132 0.027   1.00 21.89 ? 54  ASP A CA  1 
ATOM   424  C C   . ASP A 1 55  ? 2.485   -15.264 -1.250  1.00 21.94 ? 54  ASP A C   1 
ATOM   425  O O   . ASP A 1 55  ? 3.715   -15.385 -1.190  1.00 20.42 ? 54  ASP A O   1 
ATOM   426  C CB  . ASP A 1 55  ? 1.812   -16.409 0.848   1.00 23.08 ? 54  ASP A CB  1 
ATOM   427  C CG  . ASP A 1 55  ? 1.275   -16.245 2.271   1.00 28.46 ? 54  ASP A CG  1 
ATOM   428  O OD1 . ASP A 1 55  ? 0.580   -17.154 2.745   1.00 29.94 ? 54  ASP A OD1 1 
ATOM   429  O OD2 . ASP A 1 55  ? 1.547   -15.201 2.896   1.00 29.84 ? 54  ASP A OD2 1 
ATOM   430  N N   . ASP A 1 56  ? 1.822   -15.227 -2.399  1.00 20.38 ? 55  ASP A N   1 
ATOM   431  C CA  . ASP A 1 56  ? 2.516   -15.361 -3.680  1.00 22.40 ? 55  ASP A CA  1 
ATOM   432  C C   . ASP A 1 56  ? 2.786   -14.060 -4.407  1.00 23.26 ? 55  ASP A C   1 
ATOM   433  O O   . ASP A 1 56  ? 3.456   -14.038 -5.451  1.00 26.24 ? 55  ASP A O   1 
ATOM   434  C CB  . ASP A 1 56  ? 1.698   -16.255 -4.600  1.00 21.97 ? 55  ASP A CB  1 
ATOM   435  C CG  . ASP A 1 56  ? 1.644   -17.689 -4.099  1.00 22.71 ? 55  ASP A CG  1 
ATOM   436  O OD1 . ASP A 1 56  ? 0.597   -18.312 -4.281  1.00 25.38 ? 55  ASP A OD1 1 
ATOM   437  O OD2 . ASP A 1 56  ? 2.655   -18.174 -3.532  1.00 22.13 ? 55  ASP A OD2 1 
ATOM   438  N N   . VAL A 1 57  ? 2.276   -12.966 -3.880  1.00 19.47 ? 56  VAL A N   1 
ATOM   439  C CA  . VAL A 1 57  ? 2.460   -11.723 -4.589  1.00 17.70 ? 56  VAL A CA  1 
ATOM   440  C C   . VAL A 1 57  ? 3.162   -10.625 -3.774  1.00 17.77 ? 56  VAL A C   1 
ATOM   441  O O   . VAL A 1 57  ? 3.238   -10.688 -2.555  1.00 16.88 ? 56  VAL A O   1 
ATOM   442  C CB  . VAL A 1 57  ? 1.083   -11.226 -5.016  1.00 18.92 ? 56  VAL A CB  1 
ATOM   443  C CG1 . VAL A 1 57  ? 0.355   -10.634 -3.790  1.00 15.57 ? 56  VAL A CG1 1 
ATOM   444  C CG2 . VAL A 1 57  ? 1.207   -10.244 -6.168  1.00 21.11 ? 56  VAL A CG2 1 
ATOM   445  N N   . ARG A 1 58  ? 3.674   -9.625  -4.467  1.00 17.32 ? 57  ARG A N   1 
ATOM   446  C CA  . ARG A 1 58  ? 4.290   -8.485  -3.798  1.00 19.69 ? 57  ARG A CA  1 
ATOM   447  C C   . ARG A 1 58  ? 3.514   -7.295  -4.365  1.00 18.53 ? 57  ARG A C   1 
ATOM   448  O O   . ARG A 1 58  ? 3.159   -7.279  -5.553  1.00 20.11 ? 57  ARG A O   1 
ATOM   449  C CB  . ARG A 1 58  ? 5.780   -8.380  -4.150  1.00 25.04 ? 57  ARG A CB  1 
ATOM   450  C CG  . ARG A 1 58  ? 6.059   -8.143  -5.600  1.00 24.54 ? 57  ARG A CG  1 
ATOM   451  C CD  . ARG A 1 58  ? 6.877   -9.279  -6.213  1.00 30.50 ? 57  ARG A CD  1 
ATOM   452  N NE  . ARG A 1 58  ? 7.107   -9.049  -7.638  1.00 32.71 ? 57  ARG A NE  1 
ATOM   453  C CZ  . ARG A 1 58  ? 8.013   -8.200  -8.127  1.00 33.30 ? 57  ARG A CZ  1 
ATOM   454  N NH1 . ARG A 1 58  ? 8.793   -7.495  -7.311  1.00 34.97 ? 57  ARG A NH1 1 
ATOM   455  N NH2 . ARG A 1 58  ? 8.124   -8.035  -9.426  1.00 32.37 ? 57  ARG A NH2 1 
ATOM   456  N N   . LEU A 1 59  ? 3.126   -6.362  -3.505  1.00 16.22 ? 58  LEU A N   1 
ATOM   457  C CA  . LEU A 1 59  ? 2.401   -5.185  -3.980  1.00 14.74 ? 58  LEU A CA  1 
ATOM   458  C C   . LEU A 1 59  ? 2.654   -4.064  -2.999  1.00 14.35 ? 58  LEU A C   1 
ATOM   459  O O   . LEU A 1 59  ? 3.207   -4.284  -1.933  1.00 14.74 ? 58  LEU A O   1 
ATOM   460  C CB  . LEU A 1 59  ? 0.893   -5.447  -4.077  1.00 15.29 ? 58  LEU A CB  1 
ATOM   461  C CG  . LEU A 1 59  ? 0.174   -5.973  -2.836  1.00 13.17 ? 58  LEU A CG  1 
ATOM   462  C CD1 . LEU A 1 59  ? -0.161  -4.834  -1.874  1.00 18.94 ? 58  LEU A CD1 1 
ATOM   463  C CD2 . LEU A 1 59  ? -1.127  -6.655  -3.274  1.00 18.25 ? 58  LEU A CD2 1 
ATOM   464  N N   . PHE A 1 60  ? 2.315   -2.851  -3.402  1.00 11.97 ? 59  PHE A N   1 
ATOM   465  C CA  . PHE A 1 60  ? 2.440   -1.713  -2.524  1.00 11.79 ? 59  PHE A CA  1 
ATOM   466  C C   . PHE A 1 60  ? 1.006   -1.229  -2.374  1.00 12.01 ? 59  PHE A C   1 
ATOM   467  O O   . PHE A 1 60  ? 0.173   -1.438  -3.267  1.00 14.74 ? 59  PHE A O   1 
ATOM   468  C CB  . PHE A 1 60  ? 3.303   -0.651  -3.176  1.00 12.50 ? 59  PHE A CB  1 
ATOM   469  C CG  . PHE A 1 60  ? 4.679   -1.150  -3.549  1.00 16.30 ? 59  PHE A CG  1 
ATOM   470  C CD1 . PHE A 1 60  ? 4.910   -1.746  -4.791  1.00 15.49 ? 59  PHE A CD1 1 
ATOM   471  C CD2 . PHE A 1 60  ? 5.747   -0.996  -2.665  1.00 14.32 ? 59  PHE A CD2 1 
ATOM   472  C CE1 . PHE A 1 60  ? 6.210   -2.177  -5.148  1.00 17.62 ? 59  PHE A CE1 1 
ATOM   473  C CE2 . PHE A 1 60  ? 7.045   -1.422  -3.019  1.00 17.90 ? 59  PHE A CE2 1 
ATOM   474  C CZ  . PHE A 1 60  ? 7.267   -2.006  -4.253  1.00 16.96 ? 59  PHE A CZ  1 
ATOM   475  N N   . ALA A 1 61  ? 0.695   -0.574  -1.263  1.00 12.19 ? 60  ALA A N   1 
ATOM   476  C CA  . ALA A 1 61  ? -0.664  -0.095  -1.107  1.00 10.96 ? 60  ALA A CA  1 
ATOM   477  C C   . ALA A 1 61  ? -0.671  1.236   -0.382  1.00 12.59 ? 60  ALA A C   1 
ATOM   478  O O   . ALA A 1 61  ? 0.195   1.515   0.436   1.00 11.52 ? 60  ALA A O   1 
ATOM   479  C CB  . ALA A 1 61  ? -1.469  -1.101  -0.327  1.00 11.49 ? 60  ALA A CB  1 
ATOM   480  N N   . PHE A 1 62  ? -1.669  2.041   -0.683  1.00 12.32 ? 61  PHE A N   1 
ATOM   481  C CA  . PHE A 1 62  ? -1.815  3.338   -0.043  1.00 13.87 ? 61  PHE A CA  1 
ATOM   482  C C   . PHE A 1 62  ? -3.212  3.280   0.497   1.00 12.37 ? 61  PHE A C   1 
ATOM   483  O O   . PHE A 1 62  ? -4.173  3.099   -0.253  1.00 11.37 ? 61  PHE A O   1 
ATOM   484  C CB  . PHE A 1 62  ? -1.679  4.501   -1.033  1.00 13.38 ? 61  PHE A CB  1 
ATOM   485  C CG  . PHE A 1 62  ? -1.749  5.874   -0.367  1.00 13.37 ? 61  PHE A CG  1 
ATOM   486  C CD1 . PHE A 1 62  ? -0.782  6.253   0.582   1.00 12.34 ? 61  PHE A CD1 1 
ATOM   487  C CD2 . PHE A 1 62  ? -2.751  6.775   -0.709  1.00 11.91 ? 61  PHE A CD2 1 
ATOM   488  C CE1 . PHE A 1 62  ? -0.808  7.521   1.180   1.00 13.99 ? 61  PHE A CE1 1 
ATOM   489  C CE2 . PHE A 1 62  ? -2.806  8.061   -0.124  1.00 11.61 ? 61  PHE A CE2 1 
ATOM   490  C CZ  . PHE A 1 62  ? -1.829  8.440   0.827   1.00 14.05 ? 61  PHE A CZ  1 
ATOM   491  N N   . VAL A 1 63  ? -3.317  3.442   1.809   1.00 13.02 ? 62  VAL A N   1 
ATOM   492  C CA  . VAL A 1 63  ? -4.585  3.313   2.497   1.00 12.49 ? 62  VAL A CA  1 
ATOM   493  C C   . VAL A 1 63  ? -4.952  4.447   3.464   1.00 16.08 ? 62  VAL A C   1 
ATOM   494  O O   . VAL A 1 63  ? -4.096  4.973   4.201   1.00 15.91 ? 62  VAL A O   1 
ATOM   495  C CB  . VAL A 1 63  ? -4.560  1.985   3.320   1.00 15.22 ? 62  VAL A CB  1 
ATOM   496  C CG1 . VAL A 1 63  ? -5.944  1.723   3.932   1.00 14.88 ? 62  VAL A CG1 1 
ATOM   497  C CG2 . VAL A 1 63  ? -4.066  0.809   2.413   1.00 15.00 ? 62  VAL A CG2 1 
ATOM   498  N N   . ARG A 1 64  ? -6.232  4.794   3.475   1.00 15.48 ? 63  ARG A N   1 
ATOM   499  C CA  . ARG A 1 64  ? -6.731  5.829   4.357   1.00 18.33 ? 63  ARG A CA  1 
ATOM   500  C C   . ARG A 1 64  ? -7.447  5.128   5.525   1.00 18.98 ? 63  ARG A C   1 
ATOM   501  O O   . ARG A 1 64  ? -8.494  4.504   5.325   1.00 16.80 ? 63  ARG A O   1 
ATOM   502  C CB  . ARG A 1 64  ? -7.731  6.709   3.610   1.00 19.25 ? 63  ARG A CB  1 
ATOM   503  C CG  . ARG A 1 64  ? -8.259  7.889   4.426   1.00 24.49 ? 63  ARG A CG  1 
ATOM   504  C CD  . ARG A 1 64  ? -9.080  8.808   3.484   1.00 28.81 ? 63  ARG A CD  1 
ATOM   505  N NE  . ARG A 1 64  ? -9.524  10.012  4.151   1.00 33.50 ? 63  ARG A NE  1 
ATOM   506  C CZ  . ARG A 1 64  ? -9.688  11.185  3.555   1.00 35.06 ? 63  ARG A CZ  1 
ATOM   507  N NH1 . ARG A 1 64  ? -9.432  11.320  2.250   1.00 34.43 ? 63  ARG A NH1 1 
ATOM   508  N NH2 . ARG A 1 64  ? -10.123 12.214  4.270   1.00 36.65 ? 63  ARG A NH2 1 
ATOM   509  N N   . PHE A 1 65  ? -6.870  5.219   6.718   1.00 18.23 ? 64  PHE A N   1 
ATOM   510  C CA  . PHE A 1 65  ? -7.465  4.606   7.916   1.00 18.70 ? 64  PHE A CA  1 
ATOM   511  C C   . PHE A 1 65  ? -8.203  5.680   8.743   1.00 19.94 ? 64  PHE A C   1 
ATOM   512  O O   . PHE A 1 65  ? -7.776  6.827   8.781   1.00 17.60 ? 64  PHE A O   1 
ATOM   513  C CB  . PHE A 1 65  ? -6.366  3.964   8.775   1.00 18.48 ? 64  PHE A CB  1 
ATOM   514  C CG  . PHE A 1 65  ? -5.788  2.706   8.178   1.00 18.68 ? 64  PHE A CG  1 
ATOM   515  C CD1 . PHE A 1 65  ? -4.624  2.746   7.427   1.00 19.87 ? 64  PHE A CD1 1 
ATOM   516  C CD2 . PHE A 1 65  ? -6.447  1.478   8.340   1.00 20.07 ? 64  PHE A CD2 1 
ATOM   517  C CE1 . PHE A 1 65  ? -4.111  1.572   6.829   1.00 20.40 ? 64  PHE A CE1 1 
ATOM   518  C CE2 . PHE A 1 65  ? -5.944  0.303   7.749   1.00 18.32 ? 64  PHE A CE2 1 
ATOM   519  C CZ  . PHE A 1 65  ? -4.776  0.353   6.993   1.00 17.87 ? 64  PHE A CZ  1 
ATOM   520  N N   . THR A 1 66  ? -9.314  5.303   9.383   1.00 20.06 ? 65  THR A N   1 
ATOM   521  C CA  . THR A 1 66  ? -10.067 6.240   10.216  1.00 21.80 ? 65  THR A CA  1 
ATOM   522  C C   . THR A 1 66  ? -9.658  5.974   11.671  1.00 20.59 ? 65  THR A C   1 
ATOM   523  O O   . THR A 1 66  ? -9.882  4.867   12.174  1.00 18.53 ? 65  THR A O   1 
ATOM   524  C CB  . THR A 1 66  ? -11.596 6.005   10.151  1.00 24.68 ? 65  THR A CB  1 
ATOM   525  O OG1 . THR A 1 66  ? -12.042 6.016   8.796   1.00 25.12 ? 65  THR A OG1 1 
ATOM   526  C CG2 . THR A 1 66  ? -12.310 7.100   10.953  1.00 22.96 ? 65  THR A CG2 1 
ATOM   527  N N   . THR A 1 67  ? -9.083  6.980   12.330  1.00 22.25 ? 66  THR A N   1 
ATOM   528  C CA  . THR A 1 67  ? -8.621  6.840   13.697  1.00 24.68 ? 66  THR A CA  1 
ATOM   529  C C   . THR A 1 67  ? -9.166  7.951   14.593  1.00 28.93 ? 66  THR A C   1 
ATOM   530  O O   . THR A 1 67  ? -9.723  8.957   14.130  1.00 26.71 ? 66  THR A O   1 
ATOM   531  C CB  . THR A 1 67  ? -7.095  6.900   13.763  1.00 26.51 ? 66  THR A CB  1 
ATOM   532  O OG1 . THR A 1 67  ? -6.676  8.256   13.577  1.00 22.51 ? 66  THR A OG1 1 
ATOM   533  C CG2 . THR A 1 67  ? -6.464  6.019   12.659  1.00 24.02 ? 66  THR A CG2 1 
ATOM   534  N N   . GLY A 1 68  ? -8.998  7.787   15.891  1.00 31.13 ? 67  GLY A N   1 
ATOM   535  C CA  . GLY A 1 68  ? -9.527  8.814   16.752  1.00 37.34 ? 67  GLY A CA  1 
ATOM   536  C C   . GLY A 1 68  ? -10.162 8.268   18.005  1.00 40.22 ? 67  GLY A C   1 
ATOM   537  O O   . GLY A 1 68  ? -11.093 7.462   17.998  1.00 39.96 ? 67  GLY A O   1 
ATOM   538  N N   . ASP A 1 69  ? -9.581  8.782   19.070  1.00 43.30 ? 68  ASP A N   1 
ATOM   539  C CA  . ASP A 1 69  ? -9.846  8.558   20.475  1.00 46.78 ? 68  ASP A CA  1 
ATOM   540  C C   . ASP A 1 69  ? -11.097 9.318   20.932  1.00 46.74 ? 68  ASP A C   1 
ATOM   541  O O   . ASP A 1 69  ? -11.968 8.785   21.635  1.00 47.79 ? 68  ASP A O   1 
ATOM   542  C CB  . ASP A 1 69  ? -8.622  9.119   21.194  1.00 50.41 ? 68  ASP A CB  1 
ATOM   543  C CG  . ASP A 1 69  ? -7.972  10.294  20.395  1.00 53.82 ? 68  ASP A CG  1 
ATOM   544  O OD1 . ASP A 1 69  ? -8.640  11.356  20.207  1.00 55.21 ? 68  ASP A OD1 1 
ATOM   545  O OD2 . ASP A 1 69  ? -6.809  10.143  19.936  1.00 53.02 ? 68  ASP A OD2 1 
ATOM   546  N N   . ALA A 1 70  ? -11.146 10.588  20.550  1.00 45.60 ? 69  ALA A N   1 
ATOM   547  C CA  . ALA A 1 70  ? -12.242 11.456  20.918  1.00 43.13 ? 69  ALA A CA  1 
ATOM   548  C C   . ALA A 1 70  ? -13.350 11.445  19.871  1.00 42.04 ? 69  ALA A C   1 
ATOM   549  O O   . ALA A 1 70  ? -13.351 10.640  18.933  1.00 39.29 ? 69  ALA A O   1 
ATOM   550  C CB  . ALA A 1 70  ? -11.724 12.874  21.132  1.00 44.36 ? 69  ALA A CB  1 
ATOM   551  N N   . MET A 1 71  ? -14.302 12.352  20.053  1.00 41.66 ? 70  MET A N   1 
ATOM   552  C CA  . MET A 1 71  ? -15.438 12.474  19.151  1.00 41.49 ? 70  MET A CA  1 
ATOM   553  C C   . MET A 1 71  ? -14.987 12.919  17.761  1.00 41.07 ? 70  MET A C   1 
ATOM   554  O O   . MET A 1 71  ? -15.651 12.634  16.754  1.00 40.88 ? 70  MET A O   1 
ATOM   555  C CB  . MET A 1 71  ? -16.422 13.488  19.717  1.00 43.46 ? 70  MET A CB  1 
ATOM   556  C CG  . MET A 1 71  ? -17.717 13.576  18.950  1.00 46.58 ? 70  MET A CG  1 
ATOM   557  S SD  . MET A 1 71  ? -18.918 14.402  19.966  1.00 49.46 ? 70  MET A SD  1 
ATOM   558  C CE  . MET A 1 71  ? -19.666 12.986  20.792  1.00 49.31 ? 70  MET A CE  1 
ATOM   559  N N   . SER A 1 72  ? -13.863 13.629  17.710  1.00 37.78 ? 71  SER A N   1 
ATOM   560  C CA  . SER A 1 72  ? -13.354 14.096  16.432  1.00 38.40 ? 71  SER A CA  1 
ATOM   561  C C   . SER A 1 72  ? -12.324 13.128  15.838  1.00 36.76 ? 71  SER A C   1 
ATOM   562  O O   . SER A 1 72  ? -11.165 13.088  16.245  1.00 35.94 ? 71  SER A O   1 
ATOM   563  C CB  . SER A 1 72  ? -12.785 15.506  16.591  1.00 37.73 ? 71  SER A CB  1 
ATOM   564  O OG  . SER A 1 72  ? -13.815 16.376  17.049  1.00 37.26 ? 71  SER A OG  1 
ATOM   565  N N   . LYS A 1 73  ? -12.794 12.329  14.884  1.00 35.11 ? 72  LYS A N   1 
ATOM   566  C CA  . LYS A 1 73  ? -11.978 11.343  14.208  1.00 34.42 ? 72  LYS A CA  1 
ATOM   567  C C   . LYS A 1 73  ? -11.036 12.032  13.220  1.00 34.40 ? 72  LYS A C   1 
ATOM   568  O O   . LYS A 1 73  ? -11.355 13.090  12.665  1.00 33.35 ? 72  LYS A O   1 
ATOM   569  C CB  . LYS A 1 73  ? -12.877 10.339  13.481  1.00 35.21 ? 72  LYS A CB  1 
ATOM   570  C CG  . LYS A 1 73  ? -13.962 9.720   14.366  1.00 34.30 ? 72  LYS A CG  1 
ATOM   571  C CD  . LYS A 1 73  ? -13.422 9.395   15.762  1.00 34.89 ? 72  LYS A CD  1 
ATOM   572  C CE  . LYS A 1 73  ? -14.442 8.604   16.552  1.00 33.72 ? 72  LYS A CE  1 
ATOM   573  N NZ  . LYS A 1 73  ? -13.884 8.164   17.844  1.00 32.43 ? 72  LYS A NZ  1 
ATOM   574  N N   . ARG A 1 74  ? -9.886  11.405  12.992  1.00 32.05 ? 73  ARG A N   1 
ATOM   575  C CA  . ARG A 1 74  ? -8.855  11.952  12.129  1.00 30.98 ? 73  ARG A CA  1 
ATOM   576  C C   . ARG A 1 74  ? -8.386  10.844  11.149  1.00 29.24 ? 73  ARG A C   1 
ATOM   577  O O   . ARG A 1 74  ? -8.097  9.706   11.568  1.00 28.05 ? 73  ARG A O   1 
ATOM   578  C CB  . ARG A 1 74  ? -7.702  12.420  13.045  1.00 32.59 ? 73  ARG A CB  1 
ATOM   579  C CG  . ARG A 1 74  ? -6.613  13.325  12.447  1.00 37.84 ? 73  ARG A CG  1 
ATOM   580  C CD  . ARG A 1 74  ? -5.353  12.522  12.094  1.00 41.47 ? 73  ARG A CD  1 
ATOM   581  N NE  . ARG A 1 74  ? -4.110  13.289  12.170  1.00 43.52 ? 73  ARG A NE  1 
ATOM   582  C CZ  . ARG A 1 74  ? -3.905  14.479  11.600  1.00 45.73 ? 73  ARG A CZ  1 
ATOM   583  N NH1 . ARG A 1 74  ? -4.853  15.079  10.904  1.00 47.86 ? 73  ARG A NH1 1 
ATOM   584  N NH2 . ARG A 1 74  ? -2.729  15.072  11.708  1.00 49.65 ? 73  ARG A NH2 1 
ATOM   585  N N   . SER A 1 75  ? -8.343  11.161  9.860   1.00 24.99 ? 74  SER A N   1 
ATOM   586  C CA  . SER A 1 75  ? -7.851  10.202  8.880   1.00 23.60 ? 74  SER A CA  1 
ATOM   587  C C   . SER A 1 75  ? -6.334  10.069  8.971   1.00 20.36 ? 74  SER A C   1 
ATOM   588  O O   . SER A 1 75  ? -5.640  11.055  9.150   1.00 19.55 ? 74  SER A O   1 
ATOM   589  C CB  . SER A 1 75  ? -8.184  10.656  7.449   1.00 24.57 ? 74  SER A CB  1 
ATOM   590  O OG  . SER A 1 75  ? -9.377  10.074  6.994   1.00 29.84 ? 74  SER A OG  1 
ATOM   591  N N   . LYS A 1 76  ? -5.819  8.845   8.867   1.00 18.33 ? 75  LYS A N   1 
ATOM   592  C CA  . LYS A 1 76  ? -4.390  8.659   8.815   1.00 18.29 ? 75  LYS A CA  1 
ATOM   593  C C   . LYS A 1 76  ? -4.086  7.797   7.601   1.00 17.40 ? 75  LYS A C   1 
ATOM   594  O O   . LYS A 1 76  ? -4.746  6.794   7.370   1.00 17.91 ? 75  LYS A O   1 
ATOM   595  C CB  . LYS A 1 76  ? -3.838  7.995   10.072  1.00 19.55 ? 75  LYS A CB  1 
ATOM   596  C CG  . LYS A 1 76  ? -3.820  8.898   11.259  1.00 22.58 ? 75  LYS A CG  1 
ATOM   597  C CD  . LYS A 1 76  ? -2.775  8.402   12.227  1.00 27.60 ? 75  LYS A CD  1 
ATOM   598  C CE  . LYS A 1 76  ? -2.592  9.389   13.336  1.00 30.74 ? 75  LYS A CE  1 
ATOM   599  N NZ  . LYS A 1 76  ? -1.543  8.894   14.223  1.00 35.24 ? 75  LYS A NZ  1 
ATOM   600  N N   . PHE A 1 77  ? -3.068  8.178   6.841   1.00 16.83 ? 76  PHE A N   1 
ATOM   601  C CA  . PHE A 1 77  ? -2.723  7.437   5.650   1.00 17.37 ? 76  PHE A CA  1 
ATOM   602  C C   . PHE A 1 77  ? -1.500  6.546   5.857   1.00 17.34 ? 76  PHE A C   1 
ATOM   603  O O   . PHE A 1 77  ? -0.552  6.927   6.538   1.00 16.26 ? 76  PHE A O   1 
ATOM   604  C CB  . PHE A 1 77  ? -2.443  8.416   4.499   1.00 18.69 ? 76  PHE A CB  1 
ATOM   605  C CG  . PHE A 1 77  ? -3.606  9.278   4.140   1.00 19.10 ? 76  PHE A CG  1 
ATOM   606  C CD1 . PHE A 1 77  ? -3.816  10.499  4.782   1.00 20.05 ? 76  PHE A CD1 1 
ATOM   607  C CD2 . PHE A 1 77  ? -4.505  8.869   3.164   1.00 18.22 ? 76  PHE A CD2 1 
ATOM   608  C CE1 . PHE A 1 77  ? -4.909  11.297  4.456   1.00 18.51 ? 76  PHE A CE1 1 
ATOM   609  C CE2 . PHE A 1 77  ? -5.598  9.660   2.829   1.00 18.01 ? 76  PHE A CE2 1 
ATOM   610  C CZ  . PHE A 1 77  ? -5.803  10.873  3.471   1.00 19.42 ? 76  PHE A CZ  1 
ATOM   611  N N   . ALA A 1 78  ? -1.510  5.365   5.247   1.00 16.25 ? 77  ALA A N   1 
ATOM   612  C CA  . ALA A 1 78  ? -0.374  4.460   5.368   1.00 15.03 ? 77  ALA A CA  1 
ATOM   613  C C   . ALA A 1 78  ? 0.103   3.955   4.033   1.00 14.90 ? 77  ALA A C   1 
ATOM   614  O O   . ALA A 1 78  ? -0.704  3.755   3.125   1.00 16.04 ? 77  ALA A O   1 
ATOM   615  C CB  . ALA A 1 78  ? -0.732  3.265   6.231   1.00 13.89 ? 77  ALA A CB  1 
ATOM   616  N N   . LEU A 1 79  ? 1.421   3.794   3.912   1.00 14.03 ? 78  LEU A N   1 
ATOM   617  C CA  . LEU A 1 79  ? 2.023   3.204   2.735   1.00 13.87 ? 78  LEU A CA  1 
ATOM   618  C C   . LEU A 1 79  ? 2.358   1.789   3.261   1.00 15.58 ? 78  LEU A C   1 
ATOM   619  O O   . LEU A 1 79  ? 2.940   1.636   4.355   1.00 14.93 ? 78  LEU A O   1 
ATOM   620  C CB  . LEU A 1 79  ? 3.319   3.915   2.336   1.00 13.87 ? 78  LEU A CB  1 
ATOM   621  C CG  . LEU A 1 79  ? 4.184   3.142   1.333   1.00 14.03 ? 78  LEU A CG  1 
ATOM   622  C CD1 . LEU A 1 79  ? 3.476   2.936   0.021   1.00 13.48 ? 78  LEU A CD1 1 
ATOM   623  C CD2 . LEU A 1 79  ? 5.499   3.909   1.131   1.00 16.60 ? 78  LEU A CD2 1 
ATOM   624  N N   . ILE A 1 80  ? 1.969   0.759   2.513   1.00 14.72 ? 79  ILE A N   1 
ATOM   625  C CA  . ILE A 1 80  ? 2.267   -0.607  2.936   1.00 13.55 ? 79  ILE A CA  1 
ATOM   626  C C   . ILE A 1 80  ? 2.968   -1.318  1.788   1.00 16.10 ? 79  ILE A C   1 
ATOM   627  O O   . ILE A 1 80  ? 2.486   -1.253  0.651   1.00 13.73 ? 79  ILE A O   1 
ATOM   628  C CB  . ILE A 1 80  ? 0.975   -1.411  3.266   1.00 15.95 ? 79  ILE A CB  1 
ATOM   629  C CG1 . ILE A 1 80  ? 0.225   -0.775  4.439   1.00 13.58 ? 79  ILE A CG1 1 
ATOM   630  C CG2 . ILE A 1 80  ? 1.325   -2.876  3.626   1.00 15.11 ? 79  ILE A CG2 1 
ATOM   631  C CD1 . ILE A 1 80  ? -1.143  -1.444  4.727   1.00 16.70 ? 79  ILE A CD1 1 
ATOM   632  N N   . THR A 1 81  ? 4.124   -1.929  2.074   1.00 13.31 ? 80  THR A N   1 
ATOM   633  C CA  . THR A 1 81  ? 4.822   -2.723  1.071   1.00 15.95 ? 80  THR A CA  1 
ATOM   634  C C   . THR A 1 81  ? 4.513   -4.132  1.556   1.00 16.46 ? 80  THR A C   1 
ATOM   635  O O   . THR A 1 81  ? 4.895   -4.505  2.667   1.00 17.19 ? 80  THR A O   1 
ATOM   636  C CB  . THR A 1 81  ? 6.354   -2.501  1.097   1.00 16.80 ? 80  THR A CB  1 
ATOM   637  O OG1 . THR A 1 81  ? 6.647   -1.178  0.628   1.00 18.98 ? 80  THR A OG1 1 
ATOM   638  C CG2 . THR A 1 81  ? 7.069   -3.541  0.183   1.00 18.45 ? 80  THR A CG2 1 
ATOM   639  N N   . TRP A 1 82  ? 3.778   -4.893  0.759   1.00 16.49 ? 81  TRP A N   1 
ATOM   640  C CA  . TRP A 1 82  ? 3.435   -6.259  1.141   1.00 17.09 ? 81  TRP A CA  1 
ATOM   641  C C   . TRP A 1 82  ? 4.304   -7.171  0.282   1.00 18.28 ? 81  TRP A C   1 
ATOM   642  O O   . TRP A 1 82  ? 4.280   -7.060  -0.949  1.00 13.58 ? 81  TRP A O   1 
ATOM   643  C CB  . TRP A 1 82  ? 1.961   -6.567  0.832   1.00 17.62 ? 81  TRP A CB  1 
ATOM   644  C CG  . TRP A 1 82  ? 1.646   -8.075  0.794   1.00 18.75 ? 81  TRP A CG  1 
ATOM   645  C CD1 . TRP A 1 82  ? 1.412   -8.853  -0.321  1.00 18.41 ? 81  TRP A CD1 1 
ATOM   646  C CD2 . TRP A 1 82  ? 1.596   -8.967  1.919   1.00 18.00 ? 81  TRP A CD2 1 
ATOM   647  N NE1 . TRP A 1 82  ? 1.221   -10.176 0.052   1.00 17.63 ? 81  TRP A NE1 1 
ATOM   648  C CE2 . TRP A 1 82  ? 1.331   -10.273 1.415   1.00 17.80 ? 81  TRP A CE2 1 
ATOM   649  C CE3 . TRP A 1 82  ? 1.745   -8.792  3.308   1.00 18.60 ? 81  TRP A CE3 1 
ATOM   650  C CZ2 . TRP A 1 82  ? 1.221   -11.390 2.252   1.00 13.95 ? 81  TRP A CZ2 1 
ATOM   651  C CZ3 . TRP A 1 82  ? 1.626   -9.906  4.144   1.00 17.51 ? 81  TRP A CZ3 1 
ATOM   652  C CH2 . TRP A 1 82  ? 1.370   -11.194 3.609   1.00 17.64 ? 81  TRP A CH2 1 
ATOM   653  N N   . ILE A 1 83  ? 5.056   -8.058  0.934   1.00 18.50 ? 82  ILE A N   1 
ATOM   654  C CA  . ILE A 1 83  ? 5.893   -9.006  0.224   1.00 19.57 ? 82  ILE A CA  1 
ATOM   655  C C   . ILE A 1 83  ? 5.496   -10.431 0.647   1.00 19.62 ? 82  ILE A C   1 
ATOM   656  O O   . ILE A 1 83  ? 5.878   -10.913 1.712   1.00 20.02 ? 82  ILE A O   1 
ATOM   657  C CB  . ILE A 1 83  ? 7.387   -8.782  0.526   1.00 22.67 ? 82  ILE A CB  1 
ATOM   658  C CG1 . ILE A 1 83  ? 7.773   -7.324  0.233   1.00 23.10 ? 82  ILE A CG1 1 
ATOM   659  C CG2 . ILE A 1 83  ? 8.210   -9.737  -0.340  1.00 20.81 ? 82  ILE A CG2 1 
ATOM   660  C CD1 . ILE A 1 83  ? 9.225   -6.989  0.583   1.00 28.48 ? 82  ILE A CD1 1 
ATOM   661  N N   . GLY A 1 84  ? 4.720   -11.102 -0.192  1.00 19.69 ? 83  GLY A N   1 
ATOM   662  C CA  . GLY A 1 84  ? 4.289   -12.440 0.143   1.00 19.63 ? 83  GLY A CA  1 
ATOM   663  C C   . GLY A 1 84  ? 5.432   -13.355 0.561   1.00 19.77 ? 83  GLY A C   1 
ATOM   664  O O   . GLY A 1 84  ? 6.530   -13.303 0.020   1.00 17.96 ? 83  GLY A O   1 
ATOM   665  N N   . GLU A 1 85  ? 5.142   -14.200 1.536   1.00 21.07 ? 84  GLU A N   1 
ATOM   666  C CA  . GLU A 1 85  ? 6.106   -15.147 2.064   1.00 23.99 ? 84  GLU A CA  1 
ATOM   667  C C   . GLU A 1 85  ? 6.719   -16.091 1.000   1.00 23.63 ? 84  GLU A C   1 
ATOM   668  O O   . GLU A 1 85  ? 7.846   -16.545 1.158   1.00 24.50 ? 84  GLU A O   1 
ATOM   669  C CB  . GLU A 1 85  ? 5.390   -15.906 3.185   1.00 25.52 ? 84  GLU A CB  1 
ATOM   670  C CG  . GLU A 1 85  ? 5.831   -17.297 3.492   1.00 31.67 ? 84  GLU A CG  1 
ATOM   671  C CD  . GLU A 1 85  ? 5.190   -17.796 4.784   1.00 34.71 ? 84  GLU A CD  1 
ATOM   672  O OE1 . GLU A 1 85  ? 3.939   -17.953 4.854   1.00 34.39 ? 84  GLU A OE1 1 
ATOM   673  O OE2 . GLU A 1 85  ? 5.957   -18.019 5.744   1.00 39.23 ? 84  GLU A OE2 1 
ATOM   674  N N   . ASN A 1 86  ? 6.009   -16.363 -0.097  1.00 22.30 ? 85  ASN A N   1 
ATOM   675  C CA  . ASN A 1 86  ? 6.568   -17.264 -1.099  1.00 21.35 ? 85  ASN A CA  1 
ATOM   676  C C   . ASN A 1 86  ? 7.285   -16.539 -2.222  1.00 22.29 ? 85  ASN A C   1 
ATOM   677  O O   . ASN A 1 86  ? 7.663   -17.171 -3.218  1.00 22.96 ? 85  ASN A O   1 
ATOM   678  C CB  . ASN A 1 86  ? 5.484   -18.151 -1.738  1.00 22.23 ? 85  ASN A CB  1 
ATOM   679  C CG  . ASN A 1 86  ? 4.603   -18.848 -0.723  1.00 23.02 ? 85  ASN A CG  1 
ATOM   680  O OD1 . ASN A 1 86  ? 5.070   -19.276 0.316   1.00 22.74 ? 85  ASN A OD1 1 
ATOM   681  N ND2 . ASN A 1 86  ? 3.309   -18.993 -1.047  1.00 22.75 ? 85  ASN A ND2 1 
ATOM   682  N N   . VAL A 1 87  ? 7.479   -15.227 -2.094  1.00 20.19 ? 86  VAL A N   1 
ATOM   683  C CA  . VAL A 1 87  ? 8.136   -14.482 -3.172  1.00 20.93 ? 86  VAL A CA  1 
ATOM   684  C C   . VAL A 1 87  ? 9.623   -14.841 -3.247  1.00 22.03 ? 86  VAL A C   1 
ATOM   685  O O   . VAL A 1 87  ? 10.288  -14.896 -2.225  1.00 19.66 ? 86  VAL A O   1 
ATOM   686  C CB  . VAL A 1 87  ? 7.930   -12.977 -2.973  1.00 19.51 ? 86  VAL A CB  1 
ATOM   687  C CG1 . VAL A 1 87  ? 8.849   -12.177 -3.897  1.00 19.53 ? 86  VAL A CG1 1 
ATOM   688  C CG2 . VAL A 1 87  ? 6.472   -12.677 -3.272  1.00 20.80 ? 86  VAL A CG2 1 
ATOM   689  N N   . SER A 1 88  ? 10.134  -15.072 -4.457  1.00 22.58 ? 87  SER A N   1 
ATOM   690  C CA  . SER A 1 88  ? 11.529  -15.482 -4.592  1.00 25.06 ? 87  SER A CA  1 
ATOM   691  C C   . SER A 1 88  ? 12.518  -14.496 -3.988  1.00 25.19 ? 87  SER A C   1 
ATOM   692  O O   . SER A 1 88  ? 12.288  -13.295 -3.991  1.00 25.37 ? 87  SER A O   1 
ATOM   693  C CB  . SER A 1 88  ? 11.872  -15.756 -6.074  1.00 25.53 ? 87  SER A CB  1 
ATOM   694  O OG  . SER A 1 88  ? 12.047  -14.554 -6.806  1.00 28.13 ? 87  SER A OG  1 
ATOM   695  N N   . GLY A 1 89  ? 13.622  -15.017 -3.471  1.00 25.24 ? 88  GLY A N   1 
ATOM   696  C CA  . GLY A 1 89  ? 14.632  -14.162 -2.877  1.00 27.42 ? 88  GLY A CA  1 
ATOM   697  C C   . GLY A 1 89  ? 15.021  -12.943 -3.696  1.00 27.92 ? 88  GLY A C   1 
ATOM   698  O O   . GLY A 1 89  ? 14.965  -11.814 -3.187  1.00 28.61 ? 88  GLY A O   1 
ATOM   699  N N   . LEU A 1 90  ? 15.419  -13.144 -4.955  1.00 28.47 ? 89  LEU A N   1 
ATOM   700  C CA  . LEU A 1 90  ? 15.823  -12.012 -5.789  1.00 29.74 ? 89  LEU A CA  1 
ATOM   701  C C   . LEU A 1 90  ? 14.720  -10.965 -5.920  1.00 29.84 ? 89  LEU A C   1 
ATOM   702  O O   . LEU A 1 90  ? 14.997  -9.769  -5.802  1.00 27.03 ? 89  LEU A O   1 
ATOM   703  C CB  . LEU A 1 90  ? 16.283  -12.477 -7.189  1.00 31.63 ? 89  LEU A CB  1 
ATOM   704  C CG  . LEU A 1 90  ? 17.677  -13.121 -7.196  1.00 32.94 ? 89  LEU A CG  1 
ATOM   705  C CD1 . LEU A 1 90  ? 18.125  -13.422 -8.622  1.00 33.50 ? 89  LEU A CD1 1 
ATOM   706  C CD2 . LEU A 1 90  ? 18.674  -12.160 -6.531  1.00 32.48 ? 89  LEU A CD2 1 
ATOM   707  N N   . GLN A 1 91  ? 13.477  -11.408 -6.135  1.00 30.27 ? 90  GLN A N   1 
ATOM   708  C CA  . GLN A 1 91  ? 12.369  -10.465 -6.286  1.00 30.73 ? 90  GLN A CA  1 
ATOM   709  C C   . GLN A 1 91  ? 11.950  -9.810  -4.968  1.00 30.25 ? 90  GLN A C   1 
ATOM   710  O O   . GLN A 1 91  ? 11.398  -8.708  -4.982  1.00 31.29 ? 90  GLN A O   1 
ATOM   711  C CB  . GLN A 1 91  ? 11.144  -11.123 -6.941  1.00 31.82 ? 90  GLN A CB  1 
ATOM   712  C CG  . GLN A 1 91  ? 11.263  -11.444 -8.449  1.00 35.47 ? 90  GLN A CG  1 
ATOM   713  C CD  . GLN A 1 91  ? 11.878  -10.309 -9.297  1.00 37.81 ? 90  GLN A CD  1 
ATOM   714  O OE1 . GLN A 1 91  ? 13.098  -10.120 -9.317  1.00 39.19 ? 90  GLN A OE1 1 
ATOM   715  N NE2 . GLN A 1 91  ? 11.028  -9.558  -10.001 1.00 39.27 ? 90  GLN A NE2 1 
ATOM   716  N N   . ARG A 1 92  ? 12.201  -10.465 -3.840  1.00 28.01 ? 91  ARG A N   1 
ATOM   717  C CA  . ARG A 1 92  ? 11.849  -9.879  -2.553  1.00 29.64 ? 91  ARG A CA  1 
ATOM   718  C C   . ARG A 1 92  ? 12.711  -8.658  -2.254  1.00 30.61 ? 91  ARG A C   1 
ATOM   719  O O   . ARG A 1 92  ? 12.237  -7.669  -1.683  1.00 30.51 ? 91  ARG A O   1 
ATOM   720  C CB  . ARG A 1 92  ? 12.036  -10.897 -1.434  1.00 30.06 ? 91  ARG A CB  1 
ATOM   721  C CG  . ARG A 1 92  ? 11.865  -10.319 -0.070  1.00 32.24 ? 91  ARG A CG  1 
ATOM   722  C CD  . ARG A 1 92  ? 12.074  -11.395 0.983   1.00 33.27 ? 91  ARG A CD  1 
ATOM   723  N NE  . ARG A 1 92  ? 11.078  -12.444 0.875   1.00 34.27 ? 91  ARG A NE  1 
ATOM   724  C CZ  . ARG A 1 92  ? 9.898   -12.433 1.493   1.00 35.90 ? 91  ARG A CZ  1 
ATOM   725  N NH1 . ARG A 1 92  ? 9.560   -11.422 2.285   1.00 31.69 ? 91  ARG A NH1 1 
ATOM   726  N NH2 . ARG A 1 92  ? 9.051   -13.435 1.295   1.00 34.48 ? 91  ARG A NH2 1 
ATOM   727  N N   . ALA A 1 93  ? 13.991  -8.767  -2.608  1.00 29.32 ? 92  ALA A N   1 
ATOM   728  C CA  . ALA A 1 93  ? 14.959  -7.699  -2.429  1.00 30.54 ? 92  ALA A CA  1 
ATOM   729  C C   . ALA A 1 93  ? 14.627  -6.568  -3.404  1.00 29.73 ? 92  ALA A C   1 
ATOM   730  O O   . ALA A 1 93  ? 14.586  -5.405  -3.023  1.00 31.46 ? 92  ALA A O   1 
ATOM   731  C CB  . ALA A 1 93  ? 16.378  -8.223  -2.711  1.00 30.88 ? 92  ALA A CB  1 
ATOM   732  N N   . LYS A 1 94  ? 14.406  -6.916  -4.664  1.00 29.55 ? 93  LYS A N   1 
ATOM   733  C CA  . LYS A 1 94  ? 14.074  -5.903  -5.655  1.00 30.48 ? 93  LYS A CA  1 
ATOM   734  C C   . LYS A 1 94  ? 12.862  -5.089  -5.159  1.00 29.79 ? 93  LYS A C   1 
ATOM   735  O O   . LYS A 1 94  ? 12.816  -3.856  -5.316  1.00 27.66 ? 93  LYS A O   1 
ATOM   736  C CB  . LYS A 1 94  ? 13.747  -6.563  -6.993  1.00 32.70 ? 93  LYS A CB  1 
ATOM   737  C CG  . LYS A 1 94  ? 13.864  -5.600  -8.172  1.00 37.44 ? 93  LYS A CG  1 
ATOM   738  C CD  . LYS A 1 94  ? 13.294  -6.143  -9.474  1.00 39.36 ? 93  LYS A CD  1 
ATOM   739  C CE  . LYS A 1 94  ? 11.764  -5.963  -9.563  1.00 41.60 ? 93  LYS A CE  1 
ATOM   740  N NZ  . LYS A 1 94  ? 11.260  -6.148  -10.973 1.00 42.43 ? 93  LYS A NZ  1 
ATOM   741  N N   . THR A 1 95  ? 11.897  -5.784  -4.550  1.00 29.39 ? 94  THR A N   1 
ATOM   742  C CA  . THR A 1 95  ? 10.668  -5.144  -4.042  1.00 29.31 ? 94  THR A CA  1 
ATOM   743  C C   . THR A 1 95  ? 10.985  -4.217  -2.875  1.00 28.51 ? 94  THR A C   1 
ATOM   744  O O   . THR A 1 95  ? 10.558  -3.051  -2.838  1.00 25.66 ? 94  THR A O   1 
ATOM   745  C CB  . THR A 1 95  ? 9.627   -6.197  -3.576  1.00 30.16 ? 94  THR A CB  1 
ATOM   746  O OG1 . THR A 1 95  ? 9.363   -7.119  -4.649  1.00 31.66 ? 94  THR A OG1 1 
ATOM   747  C CG2 . THR A 1 95  ? 8.314   -5.509  -3.164  1.00 27.96 ? 94  THR A CG2 1 
ATOM   748  N N   . GLY A 1 96  ? 11.762  -4.742  -1.933  1.00 29.82 ? 95  GLY A N   1 
ATOM   749  C CA  . GLY A 1 96  ? 12.131  -3.964  -0.774  1.00 30.94 ? 95  GLY A CA  1 
ATOM   750  C C   . GLY A 1 96  ? 12.737  -2.632  -1.165  1.00 32.51 ? 95  GLY A C   1 
ATOM   751  O O   . GLY A 1 96  ? 12.418  -1.608  -0.557  1.00 34.64 ? 95  GLY A O   1 
ATOM   752  N N   . THR A 1 97  ? 13.578  -2.628  -2.192  1.00 33.19 ? 96  THR A N   1 
ATOM   753  C CA  . THR A 1 97  ? 14.237  -1.398  -2.617  1.00 33.57 ? 96  THR A CA  1 
ATOM   754  C C   . THR A 1 97  ? 13.450  -0.576  -3.625  1.00 32.37 ? 96  THR A C   1 
ATOM   755  O O   . THR A 1 97  ? 13.733  0.595   -3.821  1.00 32.38 ? 96  THR A O   1 
ATOM   756  C CB  . THR A 1 97  ? 15.675  -1.684  -3.176  1.00 36.14 ? 96  THR A CB  1 
ATOM   757  O OG1 . THR A 1 97  ? 15.605  -2.558  -4.310  1.00 35.87 ? 96  THR A OG1 1 
ATOM   758  C CG2 . THR A 1 97  ? 16.551  -2.316  -2.085  1.00 37.18 ? 96  THR A CG2 1 
ATOM   759  N N   . ASP A 1 98  ? 12.470  -1.191  -4.273  1.00 31.31 ? 97  ASP A N   1 
ATOM   760  C CA  . ASP A 1 98  ? 11.630  -0.466  -5.211  1.00 30.59 ? 97  ASP A CA  1 
ATOM   761  C C   . ASP A 1 98  ? 10.720  0.499   -4.436  1.00 29.51 ? 97  ASP A C   1 
ATOM   762  O O   . ASP A 1 98  ? 10.173  1.412   -5.029  1.00 29.63 ? 97  ASP A O   1 
ATOM   763  C CB  . ASP A 1 98  ? 10.746  -1.434  -6.025  1.00 30.52 ? 97  ASP A CB  1 
ATOM   764  C CG  . ASP A 1 98  ? 11.471  -2.041  -7.226  1.00 32.05 ? 97  ASP A CG  1 
ATOM   765  O OD1 . ASP A 1 98  ? 10.970  -3.039  -7.789  1.00 33.43 ? 97  ASP A OD1 1 
ATOM   766  O OD2 . ASP A 1 98  ? 12.537  -1.518  -7.621  1.00 34.76 ? 97  ASP A OD2 1 
ATOM   767  N N   . LYS A 1 99  ? 10.557  0.320   -3.120  1.00 28.90 ? 98  LYS A N   1 
ATOM   768  C CA  . LYS A 1 99  ? 9.651   1.225   -2.401  1.00 27.48 ? 98  LYS A CA  1 
ATOM   769  C C   . LYS A 1 99  ? 10.082  2.695   -2.427  1.00 26.69 ? 98  LYS A C   1 
ATOM   770  O O   . LYS A 1 99  ? 9.234   3.572   -2.347  1.00 26.99 ? 98  LYS A O   1 
ATOM   771  C CB  . LYS A 1 99  ? 9.341   0.739   -0.963  1.00 27.13 ? 98  LYS A CB  1 
ATOM   772  C CG  . LYS A 1 99  ? 10.416  0.844   0.119   1.00 28.73 ? 98  LYS A CG  1 
ATOM   773  C CD  . LYS A 1 99  ? 9.918   0.075   1.385   1.00 27.47 ? 98  LYS A CD  1 
ATOM   774  C CE  . LYS A 1 99  ? 10.960  -0.031  2.511   1.00 29.16 ? 98  LYS A CE  1 
ATOM   775  N NZ  . LYS A 1 99  ? 12.113  -0.908  2.137   1.00 25.44 ? 98  LYS A NZ  1 
ATOM   776  N N   . THR A 1 100 ? 11.381  2.973   -2.572  1.00 25.30 ? 99  THR A N   1 
ATOM   777  C CA  . THR A 1 100 ? 11.845  4.361   -2.659  1.00 23.87 ? 99  THR A CA  1 
ATOM   778  C C   . THR A 1 100 ? 11.377  4.942   -3.978  1.00 20.76 ? 99  THR A C   1 
ATOM   779  O O   . THR A 1 100 ? 11.174  6.142   -4.110  1.00 22.07 ? 99  THR A O   1 
ATOM   780  C CB  . THR A 1 100 ? 13.383  4.491   -2.606  1.00 26.69 ? 99  THR A CB  1 
ATOM   781  O OG1 . THR A 1 100 ? 13.964  3.627   -3.599  1.00 32.50 ? 99  THR A OG1 1 
ATOM   782  C CG2 . THR A 1 100 ? 13.901  4.134   -1.205  1.00 28.42 ? 99  THR A CG2 1 
ATOM   783  N N   . LEU A 1 101 ? 11.230  4.088   -4.978  1.00 21.53 ? 100 LEU A N   1 
ATOM   784  C CA  . LEU A 1 101 ? 10.733  4.549   -6.260  1.00 20.12 ? 100 LEU A CA  1 
ATOM   785  C C   . LEU A 1 101 ? 9.232   4.898   -6.112  1.00 19.99 ? 100 LEU A C   1 
ATOM   786  O O   . LEU A 1 101 ? 8.755   5.948   -6.560  1.00 17.52 ? 100 LEU A O   1 
ATOM   787  C CB  . LEU A 1 101 ? 10.938  3.453   -7.303  1.00 22.58 ? 100 LEU A CB  1 
ATOM   788  C CG  . LEU A 1 101 ? 10.435  3.784   -8.711  1.00 20.79 ? 100 LEU A CG  1 
ATOM   789  C CD1 . LEU A 1 101 ? 11.118  5.073   -9.255  1.00 21.57 ? 100 LEU A CD1 1 
ATOM   790  C CD2 . LEU A 1 101 ? 10.692  2.571   -9.636  1.00 21.86 ? 100 LEU A CD2 1 
ATOM   791  N N   . VAL A 1 102 ? 8.491   4.010   -5.456  1.00 18.08 ? 101 VAL A N   1 
ATOM   792  C CA  . VAL A 1 102 ? 7.066   4.211   -5.245  1.00 16.00 ? 101 VAL A CA  1 
ATOM   793  C C   . VAL A 1 102 ? 6.827   5.463   -4.385  1.00 15.83 ? 101 VAL A C   1 
ATOM   794  O O   . VAL A 1 102 ? 5.833   6.165   -4.566  1.00 15.02 ? 101 VAL A O   1 
ATOM   795  C CB  . VAL A 1 102 ? 6.444   2.964   -4.531  1.00 17.14 ? 101 VAL A CB  1 
ATOM   796  C CG1 . VAL A 1 102 ? 4.967   3.237   -4.178  1.00 15.88 ? 101 VAL A CG1 1 
ATOM   797  C CG2 . VAL A 1 102 ? 6.556   1.727   -5.432  1.00 15.31 ? 101 VAL A CG2 1 
ATOM   798  N N   . LYS A 1 103 ? 7.722   5.734   -3.435  1.00 17.97 ? 102 LYS A N   1 
ATOM   799  C CA  . LYS A 1 103 ? 7.576   6.907   -2.581  1.00 18.99 ? 102 LYS A CA  1 
ATOM   800  C C   . LYS A 1 103 ? 7.785   8.230   -3.322  1.00 20.19 ? 102 LYS A C   1 
ATOM   801  O O   . LYS A 1 103 ? 7.510   9.312   -2.775  1.00 20.41 ? 102 LYS A O   1 
ATOM   802  C CB  . LYS A 1 103 ? 8.497   6.782   -1.359  1.00 20.09 ? 102 LYS A CB  1 
ATOM   803  C CG  . LYS A 1 103 ? 7.985   5.684   -0.403  1.00 24.43 ? 102 LYS A CG  1 
ATOM   804  C CD  . LYS A 1 103 ? 9.086   5.063   0.473   1.00 28.38 ? 102 LYS A CD  1 
ATOM   805  C CE  . LYS A 1 103 ? 9.508   5.992   1.573   1.00 31.31 ? 102 LYS A CE  1 
ATOM   806  N NZ  . LYS A 1 103 ? 10.614  5.356   2.366   1.00 32.58 ? 102 LYS A NZ  1 
ATOM   807  N N   . GLU A 1 104 ? 8.222   8.156   -4.576  1.00 21.51 ? 103 GLU A N   1 
ATOM   808  C CA  . GLU A 1 104 ? 8.389   9.375   -5.371  1.00 21.59 ? 103 GLU A CA  1 
ATOM   809  C C   . GLU A 1 104 ? 6.993   9.844   -5.730  1.00 21.84 ? 103 GLU A C   1 
ATOM   810  O O   . GLU A 1 104 ? 6.776   11.023  -5.980  1.00 21.95 ? 103 GLU A O   1 
ATOM   811  C CB  . GLU A 1 104 ? 9.192   9.115   -6.657  1.00 24.88 ? 103 GLU A CB  1 
ATOM   812  C CG  . GLU A 1 104 ? 10.638  8.743   -6.389  1.00 26.15 ? 103 GLU A CG  1 
ATOM   813  C CD  . GLU A 1 104 ? 11.454  8.572   -7.663  1.00 26.99 ? 103 GLU A CD  1 
ATOM   814  O OE1 . GLU A 1 104 ? 12.610  8.135   -7.539  1.00 25.93 ? 103 GLU A OE1 1 
ATOM   815  O OE2 . GLU A 1 104 ? 10.943  8.877   -8.776  1.00 25.51 ? 103 GLU A OE2 1 
ATOM   816  N N   . VAL A 1 105 ? 6.050   8.897   -5.755  1.00 21.22 ? 104 VAL A N   1 
ATOM   817  C CA  . VAL A 1 105 ? 4.634   9.165   -6.029  1.00 20.65 ? 104 VAL A CA  1 
ATOM   818  C C   . VAL A 1 105 ? 3.907   9.240   -4.672  1.00 20.52 ? 104 VAL A C   1 
ATOM   819  O O   . VAL A 1 105 ? 3.248   10.225  -4.385  1.00 18.07 ? 104 VAL A O   1 
ATOM   820  C CB  . VAL A 1 105 ? 4.010   8.034   -6.886  1.00 21.45 ? 104 VAL A CB  1 
ATOM   821  C CG1 . VAL A 1 105 ? 2.487   8.256   -7.087  1.00 23.10 ? 104 VAL A CG1 1 
ATOM   822  C CG2 . VAL A 1 105 ? 4.709   7.997   -8.253  1.00 24.22 ? 104 VAL A CG2 1 
ATOM   823  N N   . VAL A 1 106 ? 4.055   8.210   -3.831  1.00 19.58 ? 105 VAL A N   1 
ATOM   824  C CA  . VAL A 1 106 ? 3.383   8.188   -2.514  1.00 20.07 ? 105 VAL A CA  1 
ATOM   825  C C   . VAL A 1 106 ? 4.245   8.954   -1.521  1.00 19.97 ? 105 VAL A C   1 
ATOM   826  O O   . VAL A 1 106 ? 4.970   8.373   -0.678  1.00 17.80 ? 105 VAL A O   1 
ATOM   827  C CB  . VAL A 1 106 ? 3.171   6.748   -2.010  1.00 19.02 ? 105 VAL A CB  1 
ATOM   828  C CG1 . VAL A 1 106 ? 2.378   6.751   -0.701  1.00 19.90 ? 105 VAL A CG1 1 
ATOM   829  C CG2 . VAL A 1 106 ? 2.452   5.938   -3.057  1.00 19.59 ? 105 VAL A CG2 1 
ATOM   830  N N   . GLN A 1 107 ? 4.139   10.269  -1.631  1.00 22.81 ? 106 GLN A N   1 
ATOM   831  C CA  . GLN A 1 107 ? 4.929   11.186  -0.832  1.00 26.24 ? 106 GLN A CA  1 
ATOM   832  C C   . GLN A 1 107 ? 4.500   11.470  0.597   1.00 25.89 ? 106 GLN A C   1 
ATOM   833  O O   . GLN A 1 107 ? 5.332   11.763  1.463   1.00 26.41 ? 106 GLN A O   1 
ATOM   834  C CB  . GLN A 1 107 ? 5.025   12.520  -1.553  1.00 29.41 ? 106 GLN A CB  1 
ATOM   835  C CG  . GLN A 1 107 ? 5.742   12.462  -2.884  1.00 34.11 ? 106 GLN A CG  1 
ATOM   836  C CD  . GLN A 1 107 ? 6.344   13.802  -3.202  1.00 36.36 ? 106 GLN A CD  1 
ATOM   837  O OE1 . GLN A 1 107 ? 5.624   14.788  -3.400  1.00 38.40 ? 106 GLN A OE1 1 
ATOM   838  N NE2 . GLN A 1 107 ? 7.674   13.863  -3.219  1.00 37.22 ? 106 GLN A NE2 1 
ATOM   839  N N   . ASN A 1 108 ? 3.209   11.403  0.855   1.00 23.56 ? 107 ASN A N   1 
ATOM   840  C CA  . ASN A 1 108 ? 2.729   11.730  2.192   1.00 21.88 ? 107 ASN A CA  1 
ATOM   841  C C   . ASN A 1 108 ? 1.938   10.582  2.809   1.00 20.46 ? 107 ASN A C   1 
ATOM   842  O O   . ASN A 1 108 ? 1.048   10.036  2.181   1.00 19.40 ? 107 ASN A O   1 
ATOM   843  C CB  . ASN A 1 108 ? 1.834   12.980  2.127   1.00 25.08 ? 107 ASN A CB  1 
ATOM   844  C CG  . ASN A 1 108 ? 2.621   14.279  1.875   1.00 27.09 ? 107 ASN A CG  1 
ATOM   845  O OD1 . ASN A 1 108 ? 2.294   15.062  0.970   1.00 28.46 ? 107 ASN A OD1 1 
ATOM   846  N ND2 . ASN A 1 108 ? 3.634   14.523  2.693   1.00 26.77 ? 107 ASN A ND2 1 
ATOM   847  N N   . PHE A 1 109 ? 2.280   10.242  4.044   1.00 17.19 ? 108 PHE A N   1 
ATOM   848  C CA  . PHE A 1 109 ? 1.623   9.203   4.800   1.00 17.11 ? 108 PHE A CA  1 
ATOM   849  C C   . PHE A 1 109 ? 2.043   9.348   6.271   1.00 17.68 ? 108 PHE A C   1 
ATOM   850  O O   . PHE A 1 109 ? 3.098   9.911   6.566   1.00 16.35 ? 108 PHE A O   1 
ATOM   851  C CB  . PHE A 1 109 ? 2.030   7.815   4.261   1.00 15.93 ? 108 PHE A CB  1 
ATOM   852  C CG  . PHE A 1 109 ? 3.512   7.656   4.042   1.00 18.00 ? 108 PHE A CG  1 
ATOM   853  C CD1 . PHE A 1 109 ? 4.363   7.379   5.108   1.00 17.76 ? 108 PHE A CD1 1 
ATOM   854  C CD2 . PHE A 1 109 ? 4.059   7.769   2.751   1.00 16.53 ? 108 PHE A CD2 1 
ATOM   855  C CE1 . PHE A 1 109 ? 5.739   7.208   4.906   1.00 18.30 ? 108 PHE A CE1 1 
ATOM   856  C CE2 . PHE A 1 109 ? 5.430   7.604   2.542   1.00 17.64 ? 108 PHE A CE2 1 
ATOM   857  C CZ  . PHE A 1 109 ? 6.275   7.319   3.624   1.00 19.81 ? 108 PHE A CZ  1 
ATOM   858  N N   . ALA A 1 110 ? 1.203   8.875   7.191   1.00 17.23 ? 109 ALA A N   1 
ATOM   859  C CA  . ALA A 1 110 ? 1.534   8.943   8.614   1.00 18.60 ? 109 ALA A CA  1 
ATOM   860  C C   . ALA A 1 110 ? 2.634   7.937   8.953   1.00 18.01 ? 109 ALA A C   1 
ATOM   861  O O   . ALA A 1 110 ? 3.538   8.220   9.724   1.00 17.27 ? 109 ALA A O   1 
ATOM   862  C CB  . ALA A 1 110 ? 0.280   8.643   9.461   1.00 17.60 ? 109 ALA A CB  1 
ATOM   863  N N   . LYS A 1 111 ? 2.534   6.733   8.400   1.00 18.16 ? 110 LYS A N   1 
ATOM   864  C CA  . LYS A 1 111 ? 3.531   5.710   8.672   1.00 18.07 ? 110 LYS A CA  1 
ATOM   865  C C   . LYS A 1 111 ? 3.634   4.783   7.482   1.00 17.61 ? 110 LYS A C   1 
ATOM   866  O O   . LYS A 1 111 ? 2.654   4.586   6.754   1.00 16.14 ? 110 LYS A O   1 
ATOM   867  C CB  . LYS A 1 111 ? 3.124   4.812   9.861   1.00 22.16 ? 110 LYS A CB  1 
ATOM   868  C CG  . LYS A 1 111 ? 3.123   5.428   11.238  1.00 22.71 ? 110 LYS A CG  1 
ATOM   869  C CD  . LYS A 1 111 ? 4.520   5.785   11.664  1.00 27.24 ? 110 LYS A CD  1 
ATOM   870  C CE  . LYS A 1 111 ? 4.560   6.007   13.158  1.00 29.06 ? 110 LYS A CE  1 
ATOM   871  N NZ  . LYS A 1 111 ? 3.510   6.972   13.519  1.00 32.72 ? 110 LYS A NZ  1 
ATOM   872  N N   . GLU A 1 112 ? 4.822   4.221   7.279   1.00 15.63 ? 111 GLU A N   1 
ATOM   873  C CA  . GLU A 1 112 ? 4.958   3.237   6.213   1.00 16.56 ? 111 GLU A CA  1 
ATOM   874  C C   . GLU A 1 112 ? 5.318   1.905   6.873   1.00 14.62 ? 111 GLU A C   1 
ATOM   875  O O   . GLU A 1 112 ? 6.032   1.860   7.882   1.00 14.81 ? 111 GLU A O   1 
ATOM   876  C CB  . GLU A 1 112 ? 6.008   3.638   5.170   1.00 18.60 ? 111 GLU A CB  1 
ATOM   877  C CG  . GLU A 1 112 ? 7.437   3.337   5.500   1.00 19.78 ? 111 GLU A CG  1 
ATOM   878  C CD  . GLU A 1 112 ? 8.378   3.637   4.308   1.00 20.36 ? 111 GLU A CD  1 
ATOM   879  O OE1 . GLU A 1 112 ? 8.421   2.858   3.323   1.00 23.28 ? 111 GLU A OE1 1 
ATOM   880  O OE2 . GLU A 1 112 ? 9.061   4.668   4.361   1.00 19.94 ? 111 GLU A OE2 1 
ATOM   881  N N   . PHE A 1 113 ? 4.814   0.823   6.297   1.00 15.26 ? 112 PHE A N   1 
ATOM   882  C CA  . PHE A 1 113 ? 5.041   -0.538  6.800   1.00 13.95 ? 112 PHE A CA  1 
ATOM   883  C C   . PHE A 1 113 ? 5.661   -1.412  5.715   1.00 15.39 ? 112 PHE A C   1 
ATOM   884  O O   . PHE A 1 113 ? 5.458   -1.152  4.525   1.00 14.32 ? 112 PHE A O   1 
ATOM   885  C CB  . PHE A 1 113 ? 3.714   -1.206  7.161   1.00 14.60 ? 112 PHE A CB  1 
ATOM   886  C CG  . PHE A 1 113 ? 2.899   -0.473  8.177   1.00 14.19 ? 112 PHE A CG  1 
ATOM   887  C CD1 . PHE A 1 113 ? 2.261   0.723   7.868   1.00 14.05 ? 112 PHE A CD1 1 
ATOM   888  C CD2 . PHE A 1 113 ? 2.757   -1.009  9.465   1.00 16.29 ? 112 PHE A CD2 1 
ATOM   889  C CE1 . PHE A 1 113 ? 1.466   1.408   8.856   1.00 15.66 ? 112 PHE A CE1 1 
ATOM   890  C CE2 . PHE A 1 113 ? 1.985   -0.358  10.454  1.00 16.20 ? 112 PHE A CE2 1 
ATOM   891  C CZ  . PHE A 1 113 ? 1.338   0.860   10.151  1.00 16.97 ? 112 PHE A CZ  1 
ATOM   892  N N   . VAL A 1 114 ? 6.411   -2.439  6.129   1.00 14.84 ? 113 VAL A N   1 
ATOM   893  C CA  . VAL A 1 114 ? 6.999   -3.434  5.203   1.00 15.51 ? 113 VAL A CA  1 
ATOM   894  C C   . VAL A 1 114 ? 6.538   -4.730  5.894   1.00 16.19 ? 113 VAL A C   1 
ATOM   895  O O   . VAL A 1 114 ? 7.006   -5.092  6.986   1.00 17.07 ? 113 VAL A O   1 
ATOM   896  C CB  . VAL A 1 114 ? 8.553   -3.311  5.106   1.00 17.70 ? 113 VAL A CB  1 
ATOM   897  C CG1 . VAL A 1 114 ? 9.126   -4.422  4.172   1.00 13.58 ? 113 VAL A CG1 1 
ATOM   898  C CG2 . VAL A 1 114 ? 8.913   -1.899  4.543   1.00 16.90 ? 113 VAL A CG2 1 
ATOM   899  N N   . ILE A 1 115 ? 5.577   -5.392  5.263   1.00 15.04 ? 114 ILE A N   1 
ATOM   900  C CA  . ILE A 1 115 ? 4.937   -6.546  5.857   1.00 15.70 ? 114 ILE A CA  1 
ATOM   901  C C   . ILE A 1 115 ? 4.990   -7.835  5.034   1.00 16.86 ? 114 ILE A C   1 
ATOM   902  O O   . ILE A 1 115 ? 4.728   -7.810  3.837   1.00 16.49 ? 114 ILE A O   1 
ATOM   903  C CB  . ILE A 1 115 ? 3.450   -6.175  6.135   1.00 14.23 ? 114 ILE A CB  1 
ATOM   904  C CG1 . ILE A 1 115 ? 3.411   -4.992  7.111   1.00 14.58 ? 114 ILE A CG1 1 
ATOM   905  C CG2 . ILE A 1 115 ? 2.666   -7.384  6.708   1.00 12.54 ? 114 ILE A CG2 1 
ATOM   906  C CD1 . ILE A 1 115 ? 2.014   -4.461  7.425   1.00 14.03 ? 114 ILE A CD1 1 
ATOM   907  N N   . SER A 1 116 ? 5.332   -8.944  5.697   1.00 16.96 ? 115 SER A N   1 
ATOM   908  C CA  . SER A 1 116 ? 5.359   -10.271 5.067   1.00 19.35 ? 115 SER A CA  1 
ATOM   909  C C   . SER A 1 116 ? 4.538   -11.272 5.888   1.00 19.68 ? 115 SER A C   1 
ATOM   910  O O   . SER A 1 116 ? 4.409   -12.428 5.498   1.00 19.84 ? 115 SER A O   1 
ATOM   911  C CB  . SER A 1 116 ? 6.791   -10.784 4.923   1.00 21.61 ? 115 SER A CB  1 
ATOM   912  O OG  . SER A 1 116 ? 7.527   -9.930  4.074   1.00 25.67 ? 115 SER A OG  1 
ATOM   913  N N   . ASP A 1 117 ? 3.977   -10.810 7.013   1.00 18.61 ? 116 ASP A N   1 
ATOM   914  C CA  . ASP A 1 117 ? 3.153   -11.641 7.895   1.00 20.42 ? 116 ASP A CA  1 
ATOM   915  C C   . ASP A 1 117 ? 1.717   -11.142 7.743   1.00 20.00 ? 116 ASP A C   1 
ATOM   916  O O   . ASP A 1 117 ? 1.386   -10.017 8.148   1.00 19.81 ? 116 ASP A O   1 
ATOM   917  C CB  . ASP A 1 117 ? 3.627   -11.493 9.343   1.00 20.74 ? 116 ASP A CB  1 
ATOM   918  C CG  . ASP A 1 117 ? 2.776   -12.287 10.348  1.00 23.27 ? 116 ASP A CG  1 
ATOM   919  O OD1 . ASP A 1 117 ? 1.770   -12.899 9.966   1.00 21.37 ? 116 ASP A OD1 1 
ATOM   920  O OD2 . ASP A 1 117 ? 3.134   -12.279 11.549  1.00 25.48 ? 116 ASP A OD2 1 
ATOM   921  N N   . ARG A 1 118 ? 0.870   -11.963 7.145   1.00 19.65 ? 117 ARG A N   1 
ATOM   922  C CA  . ARG A 1 118 ? -0.504  -11.562 6.930   1.00 22.03 ? 117 ARG A CA  1 
ATOM   923  C C   . ARG A 1 118 ? -1.214  -11.076 8.184   1.00 20.46 ? 117 ARG A C   1 
ATOM   924  O O   . ARG A 1 118 ? -2.109  -10.248 8.092   1.00 17.22 ? 117 ARG A O   1 
ATOM   925  C CB  . ARG A 1 118 ? -1.321  -12.686 6.263   1.00 25.68 ? 117 ARG A CB  1 
ATOM   926  C CG  . ARG A 1 118 ? -2.795  -12.270 6.069   1.00 32.01 ? 117 ARG A CG  1 
ATOM   927  C CD  . ARG A 1 118 ? -3.604  -13.158 5.123   1.00 37.67 ? 117 ARG A CD  1 
ATOM   928  N NE  . ARG A 1 118 ? -2.915  -13.282 3.850   1.00 36.73 ? 117 ARG A NE  1 
ATOM   929  C CZ  . ARG A 1 118 ? -2.146  -14.314 3.529   1.00 39.25 ? 117 ARG A CZ  1 
ATOM   930  N NH1 . ARG A 1 118 ? -1.986  -15.326 4.386   1.00 38.98 ? 117 ARG A NH1 1 
ATOM   931  N NH2 . ARG A 1 118 ? -1.501  -14.314 2.375   1.00 37.62 ? 117 ARG A NH2 1 
ATOM   932  N N   . LYS A 1 119 ? -0.825  -11.583 9.358   1.00 21.35 ? 118 LYS A N   1 
ATOM   933  C CA  . LYS A 1 119 ? -1.462  -11.149 10.610  1.00 19.59 ? 118 LYS A CA  1 
ATOM   934  C C   . LYS A 1 119 ? -1.287  -9.656  10.914  1.00 18.74 ? 118 LYS A C   1 
ATOM   935  O O   . LYS A 1 119 ? -2.101  -9.064  11.630  1.00 17.25 ? 118 LYS A O   1 
ATOM   936  C CB  . LYS A 1 119 ? -0.936  -11.970 11.784  1.00 23.05 ? 118 LYS A CB  1 
ATOM   937  C CG  . LYS A 1 119 ? -1.199  -13.472 11.635  1.00 25.93 ? 118 LYS A CG  1 
ATOM   938  C CD  . LYS A 1 119 ? -0.550  -14.238 12.763  1.00 32.35 ? 118 LYS A CD  1 
ATOM   939  C CE  . LYS A 1 119 ? -0.600  -15.755 12.490  1.00 36.07 ? 118 LYS A CE  1 
ATOM   940  N NZ  . LYS A 1 119 ? 0.165   -16.542 13.517  1.00 37.23 ? 118 LYS A NZ  1 
ATOM   941  N N   . GLU A 1 120 ? -0.227  -9.058  10.370  1.00 16.86 ? 119 GLU A N   1 
ATOM   942  C CA  . GLU A 1 120 ? 0.047   -7.645  10.583  1.00 16.86 ? 119 GLU A CA  1 
ATOM   943  C C   . GLU A 1 120 ? -0.802  -6.719  9.699   1.00 17.21 ? 119 GLU A C   1 
ATOM   944  O O   . GLU A 1 120 ? -0.802  -5.501  9.881   1.00 17.76 ? 119 GLU A O   1 
ATOM   945  C CB  . GLU A 1 120 ? 1.537   -7.350  10.359  1.00 15.96 ? 119 GLU A CB  1 
ATOM   946  C CG  . GLU A 1 120 ? 2.444   -8.021  11.369  1.00 17.31 ? 119 GLU A CG  1 
ATOM   947  C CD  . GLU A 1 120 ? 3.905   -7.657  11.165  1.00 20.64 ? 119 GLU A CD  1 
ATOM   948  O OE1 . GLU A 1 120 ? 4.306   -7.139  10.077  1.00 20.92 ? 119 GLU A OE1 1 
ATOM   949  O OE2 . GLU A 1 120 ? 4.670   -7.910  12.105  1.00 21.56 ? 119 GLU A OE2 1 
ATOM   950  N N   . LEU A 1 121 ? -1.516  -7.283  8.738   1.00 18.59 ? 120 LEU A N   1 
ATOM   951  C CA  . LEU A 1 121 ? -2.382  -6.464  7.886   1.00 19.06 ? 120 LEU A CA  1 
ATOM   952  C C   . LEU A 1 121 ? -3.718  -6.204  8.586   1.00 19.32 ? 120 LEU A C   1 
ATOM   953  O O   . LEU A 1 121 ? -4.532  -5.388  8.114   1.00 19.06 ? 120 LEU A O   1 
ATOM   954  C CB  . LEU A 1 121 ? -2.659  -7.184  6.571   1.00 18.32 ? 120 LEU A CB  1 
ATOM   955  C CG  . LEU A 1 121 ? -1.527  -7.414  5.590   1.00 19.29 ? 120 LEU A CG  1 
ATOM   956  C CD1 . LEU A 1 121 ? -2.077  -8.169  4.421   1.00 22.82 ? 120 LEU A CD1 1 
ATOM   957  C CD2 . LEU A 1 121 ? -0.943  -6.102  5.131   1.00 18.77 ? 120 LEU A CD2 1 
ATOM   958  N N   . GLU A 1 122 ? -3.962  -6.897  9.694   1.00 17.38 ? 121 GLU A N   1 
ATOM   959  C CA  . GLU A 1 122 ? -5.224  -6.720  10.411  1.00 20.39 ? 121 GLU A CA  1 
ATOM   960  C C   . GLU A 1 122 ? -5.385  -5.278  10.808  1.00 20.72 ? 121 GLU A C   1 
ATOM   961  O O   . GLU A 1 122 ? -4.432  -4.682  11.312  1.00 18.75 ? 121 GLU A O   1 
ATOM   962  C CB  . GLU A 1 122 ? -5.280  -7.625  11.629  1.00 20.61 ? 121 GLU A CB  1 
ATOM   963  C CG  . GLU A 1 122 ? -5.478  -9.076  11.253  1.00 25.71 ? 121 GLU A CG  1 
ATOM   964  C CD  . GLU A 1 122 ? -6.753  -9.315  10.426  1.00 29.17 ? 121 GLU A CD  1 
ATOM   965  O OE1 . GLU A 1 122 ? -7.845  -8.865  10.840  1.00 32.79 ? 121 GLU A OE1 1 
ATOM   966  O OE2 . GLU A 1 122 ? -6.654  -9.964  9.364   1.00 31.65 ? 121 GLU A OE2 1 
ATOM   967  N N   . GLU A 1 123 ? -6.577  -4.697  10.602  1.00 22.15 ? 122 GLU A N   1 
ATOM   968  C CA  . GLU A 1 123 ? -6.717  -3.260  10.905  1.00 26.65 ? 122 GLU A CA  1 
ATOM   969  C C   . GLU A 1 123 ? -6.352  -2.883  12.338  1.00 25.97 ? 122 GLU A C   1 
ATOM   970  O O   . GLU A 1 123 ? -5.741  -1.850  12.568  1.00 26.50 ? 122 GLU A O   1 
ATOM   971  C CB  . GLU A 1 123 ? -8.122  -2.711  10.537  1.00 29.56 ? 122 GLU A CB  1 
ATOM   972  C CG  . GLU A 1 123 ? -9.235  -3.737  10.414  1.00 35.74 ? 122 GLU A CG  1 
ATOM   973  C CD  . GLU A 1 123 ? -10.490 -3.374  11.223  1.00 39.99 ? 122 GLU A CD  1 
ATOM   974  O OE1 . GLU A 1 123 ? -11.059 -2.262  11.034  1.00 37.05 ? 122 GLU A OE1 1 
ATOM   975  O OE2 . GLU A 1 123 ? -10.901 -4.230  12.057  1.00 43.18 ? 122 GLU A OE2 1 
ATOM   976  N N   . ASP A 1 124 ? -6.692  -3.736  13.294  1.00 25.37 ? 123 ASP A N   1 
ATOM   977  C CA  . ASP A 1 124 ? -6.390  -3.479  14.704  1.00 28.39 ? 123 ASP A CA  1 
ATOM   978  C C   . ASP A 1 124 ? -4.889  -3.306  14.913  1.00 26.33 ? 123 ASP A C   1 
ATOM   979  O O   . ASP A 1 124 ? -4.441  -2.421  15.673  1.00 24.24 ? 123 ASP A O   1 
ATOM   980  C CB  . ASP A 1 124 ? -6.911  -4.643  15.555  1.00 33.35 ? 123 ASP A CB  1 
ATOM   981  C CG  . ASP A 1 124 ? -7.079  -5.924  14.739  1.00 37.59 ? 123 ASP A CG  1 
ATOM   982  O OD1 . ASP A 1 124 ? -8.080  -6.026  13.995  1.00 41.81 ? 123 ASP A OD1 1 
ATOM   983  O OD2 . ASP A 1 124 ? -6.207  -6.828  14.820  1.00 40.81 ? 123 ASP A OD2 1 
ATOM   984  N N   . PHE A 1 125 ? -4.117  -4.152  14.229  1.00 23.96 ? 124 PHE A N   1 
ATOM   985  C CA  . PHE A 1 125 ? -2.665  -4.110  14.312  1.00 22.85 ? 124 PHE A CA  1 
ATOM   986  C C   . PHE A 1 125 ? -2.143  -2.869  13.648  1.00 22.18 ? 124 PHE A C   1 
ATOM   987  O O   . PHE A 1 125 ? -1.372  -2.130  14.240  1.00 20.18 ? 124 PHE A O   1 
ATOM   988  C CB  . PHE A 1 125 ? -2.024  -5.292  13.606  1.00 24.18 ? 124 PHE A CB  1 
ATOM   989  C CG  . PHE A 1 125 ? -0.526  -5.322  13.744  1.00 25.00 ? 124 PHE A CG  1 
ATOM   990  C CD1 . PHE A 1 125 ? 0.067   -5.871  14.878  1.00 25.46 ? 124 PHE A CD1 1 
ATOM   991  C CD2 . PHE A 1 125 ? 0.289   -4.776  12.760  1.00 23.65 ? 124 PHE A CD2 1 
ATOM   992  C CE1 . PHE A 1 125 ? 1.456   -5.877  15.024  1.00 25.08 ? 124 PHE A CE1 1 
ATOM   993  C CE2 . PHE A 1 125 ? 1.668   -4.777  12.900  1.00 25.83 ? 124 PHE A CE2 1 
ATOM   994  C CZ  . PHE A 1 125 ? 2.253   -5.330  14.037  1.00 24.61 ? 124 PHE A CZ  1 
ATOM   995  N N   . ILE A 1 126 ? -2.509  -2.670  12.379  1.00 20.84 ? 125 ILE A N   1 
ATOM   996  C CA  . ILE A 1 126 ? -2.061  -1.481  11.678  1.00 20.91 ? 125 ILE A CA  1 
ATOM   997  C C   . ILE A 1 126 ? -2.351  -0.216  12.501  1.00 20.35 ? 125 ILE A C   1 
ATOM   998  O O   . ILE A 1 126 ? -1.466  0.614   12.694  1.00 20.04 ? 125 ILE A O   1 
ATOM   999  C CB  . ILE A 1 126 ? -2.772  -1.310  10.317  1.00 22.17 ? 125 ILE A CB  1 
ATOM   1000 C CG1 . ILE A 1 126 ? -2.411  -2.447  9.361   1.00 19.78 ? 125 ILE A CG1 1 
ATOM   1001 C CG2 . ILE A 1 126 ? -2.345  0.029   9.706   1.00 22.37 ? 125 ILE A CG2 1 
ATOM   1002 C CD1 . ILE A 1 126 ? -1.038  -2.309  8.788   1.00 22.31 ? 125 ILE A CD1 1 
ATOM   1003 N N   . LYS A 1 127 ? -3.579  -0.067  13.005  1.00 21.07 ? 126 LYS A N   1 
ATOM   1004 C CA  . LYS A 1 127 ? -3.952  1.149   13.741  1.00 21.76 ? 126 LYS A CA  1 
ATOM   1005 C C   . LYS A 1 127 ? -3.225  1.343   15.052  1.00 23.35 ? 126 LYS A C   1 
ATOM   1006 O O   . LYS A 1 127 ? -2.946  2.473   15.453  1.00 24.30 ? 126 LYS A O   1 
ATOM   1007 C CB  . LYS A 1 127 ? -5.470  1.204   13.970  1.00 25.03 ? 126 LYS A CB  1 
ATOM   1008 C CG  . LYS A 1 127 ? -6.259  1.506   12.663  1.00 24.97 ? 126 LYS A CG  1 
ATOM   1009 C CD  . LYS A 1 127 ? -7.729  1.712   12.929  1.00 25.26 ? 126 LYS A CD  1 
ATOM   1010 C CE  . LYS A 1 127 ? -8.436  2.126   11.682  1.00 24.84 ? 126 LYS A CE  1 
ATOM   1011 N NZ  . LYS A 1 127 ? -9.909  1.877   11.786  1.00 27.12 ? 126 LYS A NZ  1 
ATOM   1012 N N   . SER A 1 128 ? -2.906  0.250   15.728  1.00 23.77 ? 127 SER A N   1 
ATOM   1013 C CA  . SER A 1 128 ? -2.167  0.358   16.975  1.00 25.80 ? 127 SER A CA  1 
ATOM   1014 C C   . SER A 1 128 ? -0.768  0.866   16.627  1.00 25.08 ? 127 SER A C   1 
ATOM   1015 O O   . SER A 1 128 ? -0.171  1.648   17.372  1.00 23.65 ? 127 SER A O   1 
ATOM   1016 C CB  . SER A 1 128 ? -2.095  -1.008  17.680  1.00 26.79 ? 127 SER A CB  1 
ATOM   1017 O OG  . SER A 1 128 ? -1.446  -1.975  16.857  1.00 32.61 ? 127 SER A OG  1 
ATOM   1018 N N   . GLU A 1 129 ? -0.243  0.445   15.479  1.00 25.20 ? 128 GLU A N   1 
ATOM   1019 C CA  . GLU A 1 129 ? 1.072   0.916   15.067  1.00 25.88 ? 128 GLU A CA  1 
ATOM   1020 C C   . GLU A 1 129 ? 1.041   2.377   14.649  1.00 27.83 ? 128 GLU A C   1 
ATOM   1021 O O   . GLU A 1 129 ? 2.027   3.103   14.856  1.00 28.81 ? 128 GLU A O   1 
ATOM   1022 C CB  . GLU A 1 129 ? 1.622   0.071   13.914  1.00 26.34 ? 128 GLU A CB  1 
ATOM   1023 C CG  . GLU A 1 129 ? 2.059   -1.335  14.325  1.00 26.57 ? 128 GLU A CG  1 
ATOM   1024 C CD  . GLU A 1 129 ? 3.138   -1.314  15.382  1.00 27.28 ? 128 GLU A CD  1 
ATOM   1025 O OE1 . GLU A 1 129 ? 4.086   -0.538  15.215  1.00 28.65 ? 128 GLU A OE1 1 
ATOM   1026 O OE2 . GLU A 1 129 ? 3.034   -2.062  16.373  1.00 28.11 ? 128 GLU A OE2 1 
ATOM   1027 N N   . LEU A 1 130 ? -0.074  2.815   14.048  1.00 27.83 ? 129 LEU A N   1 
ATOM   1028 C CA  . LEU A 1 130 ? -0.214  4.207   13.615  1.00 28.87 ? 129 LEU A CA  1 
ATOM   1029 C C   . LEU A 1 130 ? -0.231  5.160   14.806  1.00 31.14 ? 129 LEU A C   1 
ATOM   1030 O O   . LEU A 1 130 ? 0.048   6.351   14.658  1.00 32.57 ? 129 LEU A O   1 
ATOM   1031 C CB  . LEU A 1 130 ? -1.511  4.410   12.831  1.00 28.76 ? 129 LEU A CB  1 
ATOM   1032 C CG  . LEU A 1 130 ? -1.667  3.888   11.409  1.00 27.96 ? 129 LEU A CG  1 
ATOM   1033 C CD1 . LEU A 1 130 ? -3.084  4.199   10.943  1.00 29.00 ? 129 LEU A CD1 1 
ATOM   1034 C CD2 . LEU A 1 130 ? -0.666  4.565   10.472  1.00 28.79 ? 129 LEU A CD2 1 
ATOM   1035 N N   . LYS A 1 131 ? -0.565  4.648   15.984  1.00 32.27 ? 130 LYS A N   1 
ATOM   1036 C CA  . LYS A 1 131 ? -0.627  5.487   17.181  1.00 35.93 ? 130 LYS A CA  1 
ATOM   1037 C C   . LYS A 1 131 ? 0.726   5.713   17.830  1.00 36.30 ? 130 LYS A C   1 
ATOM   1038 O O   . LYS A 1 131 ? 0.820   6.450   18.813  1.00 36.30 ? 130 LYS A O   1 
ATOM   1039 C CB  . LYS A 1 131 ? -1.551  4.862   18.231  1.00 37.92 ? 130 LYS A CB  1 
ATOM   1040 C CG  . LYS A 1 131 ? -3.012  5.235   18.177  1.00 41.28 ? 130 LYS A CG  1 
ATOM   1041 C CD  . LYS A 1 131 ? -3.766  4.409   19.242  1.00 44.48 ? 130 LYS A CD  1 
ATOM   1042 C CE  . LYS A 1 131 ? -5.198  4.898   19.488  1.00 45.66 ? 130 LYS A CE  1 
ATOM   1043 N NZ  . LYS A 1 131 ? -5.228  6.221   20.176  1.00 45.85 ? 130 LYS A NZ  1 
ATOM   1044 N N   . LYS A 1 132 ? 1.772   5.066   17.319  1.00 36.97 ? 131 LYS A N   1 
ATOM   1045 C CA  . LYS A 1 132 ? 3.104   5.233   17.903  1.00 38.52 ? 131 LYS A CA  1 
ATOM   1046 C C   . LYS A 1 132 ? 3.887   6.390   17.249  1.00 38.92 ? 131 LYS A C   1 
ATOM   1047 O O   . LYS A 1 132 ? 3.446   6.910   16.208  1.00 38.09 ? 131 LYS A O   1 
ATOM   1048 C CB  . LYS A 1 132 ? 3.922   3.931   17.778  1.00 39.00 ? 131 LYS A CB  1 
ATOM   1049 C CG  . LYS A 1 132 ? 3.319   2.686   18.432  1.00 38.92 ? 131 LYS A CG  1 
ATOM   1050 C CD  . LYS A 1 132 ? 4.359   1.555   18.427  1.00 39.93 ? 131 LYS A CD  1 
ATOM   1051 C CE  . LYS A 1 132 ? 3.757   0.193   18.719  1.00 40.36 ? 131 LYS A CE  1 
ATOM   1052 N NZ  . LYS A 1 132 ? 3.063   0.146   20.031  1.00 41.24 ? 131 LYS A NZ  1 
HETATM 1053 O O   . HOH B 2 .   ? -13.655 -4.042  5.699   1.00 21.45 ? 143 HOH A O   1 
HETATM 1054 O O   . HOH B 2 .   ? 6.254   -5.501  9.517   1.00 18.79 ? 144 HOH A O   1 
HETATM 1055 O O   . HOH B 2 .   ? -3.173  -9.300  14.074  1.00 20.28 ? 145 HOH A O   1 
HETATM 1056 O O   . HOH B 2 .   ? -12.881 -3.486  -3.804  1.00 25.45 ? 146 HOH A O   1 
HETATM 1057 O O   . HOH B 2 .   ? -10.064 2.511   9.159   1.00 21.71 ? 147 HOH A O   1 
HETATM 1058 O O   . HOH B 2 .   ? -1.729  10.879  7.489   1.00 18.55 ? 148 HOH A O   1 
HETATM 1059 O O   . HOH B 2 .   ? -10.432 -2.307  -8.538  1.00 15.84 ? 149 HOH A O   1 
HETATM 1060 O O   . HOH B 2 .   ? -4.715  0.963   -7.726  1.00 22.06 ? 150 HOH A O   1 
HETATM 1061 O O   . HOH B 2 .   ? -2.199  11.450  -12.724 1.00 25.92 ? 151 HOH A O   1 
HETATM 1062 O O   . HOH B 2 .   ? 2.809   -7.713  -8.461  1.00 26.33 ? 152 HOH A O   1 
HETATM 1063 O O   . HOH B 2 .   ? 6.512   0.613   2.731   1.00 20.19 ? 153 HOH A O   1 
HETATM 1064 O O   . HOH B 2 .   ? -6.171  14.181  -3.621  1.00 24.31 ? 154 HOH A O   1 
HETATM 1065 O O   . HOH B 2 .   ? -15.244 2.560   -3.768  1.00 15.94 ? 155 HOH A O   1 
HETATM 1066 O O   . HOH B 2 .   ? 13.077  3.546   1.971   1.00 24.78 ? 156 HOH A O   1 
HETATM 1067 O O   . HOH B 2 .   ? 5.901   -8.839  8.513   1.00 19.55 ? 157 HOH A O   1 
HETATM 1068 O O   . HOH B 2 .   ? -10.879 8.871   -0.462  1.00 39.85 ? 158 HOH A O   1 
HETATM 1069 O O   . HOH B 2 .   ? 9.257   -7.605  -11.769 1.00 29.30 ? 159 HOH A O   1 
HETATM 1070 O O   . HOH B 2 .   ? -3.427  -9.994  -5.547  1.00 26.36 ? 160 HOH A O   1 
HETATM 1071 O O   . HOH B 2 .   ? -11.206 17.873  0.295   1.00 31.75 ? 161 HOH A O   1 
HETATM 1072 O O   . HOH B 2 .   ? -4.837  5.251   -12.114 1.00 23.99 ? 162 HOH A O   1 
HETATM 1073 O O   . HOH B 2 .   ? -7.452  10.497  -8.935  1.00 23.19 ? 163 HOH A O   1 
HETATM 1074 O O   . HOH B 2 .   ? 0.120   13.756  -6.104  1.00 30.96 ? 164 HOH A O   1 
HETATM 1075 O O   . HOH B 2 .   ? 8.621   -7.942  5.192   1.00 23.37 ? 165 HOH A O   1 
HETATM 1076 O O   . HOH B 2 .   ? -6.699  -0.376  -11.360 1.00 37.43 ? 166 HOH A O   1 
HETATM 1077 O O   . HOH B 2 .   ? -15.844 -2.570  5.212   1.00 34.39 ? 167 HOH A O   1 
HETATM 1078 O O   . HOH B 2 .   ? -10.208 -7.962  -3.016  1.00 26.05 ? 168 HOH A O   1 
HETATM 1079 O O   . HOH B 2 .   ? 5.624   13.663  3.436   1.00 33.38 ? 169 HOH A O   1 
HETATM 1080 O O   . HOH B 2 .   ? -4.542  -10.993 8.193   1.00 40.80 ? 170 HOH A O   1 
HETATM 1081 O O   . HOH B 2 .   ? -6.449  3.307   -11.801 1.00 23.49 ? 171 HOH A O   1 
HETATM 1082 O O   . HOH B 2 .   ? 11.552  7.963   2.172   1.00 32.36 ? 172 HOH A O   1 
HETATM 1083 O O   . HOH B 2 .   ? -12.900 -0.147  5.530   1.00 22.28 ? 173 HOH A O   1 
HETATM 1084 O O   . HOH B 2 .   ? -2.951  13.936  -3.626  1.00 37.44 ? 174 HOH A O   1 
HETATM 1085 O O   . HOH B 2 .   ? -17.318 13.516  14.825  1.00 37.71 ? 175 HOH A O   1 
HETATM 1086 O O   . HOH B 2 .   ? 13.911  10.055  -6.193  1.00 32.77 ? 176 HOH A O   1 
HETATM 1087 O O   . HOH B 2 .   ? -11.844 11.550  -6.825  1.00 30.30 ? 177 HOH A O   1 
HETATM 1088 O O   . HOH B 2 .   ? -15.036 13.107  13.250  1.00 34.06 ? 178 HOH A O   1 
HETATM 1089 O O   . HOH B 2 .   ? 7.505   -7.856  11.648  1.00 17.09 ? 179 HOH A O   1 
HETATM 1090 O O   . HOH B 2 .   ? 2.448   12.398  -6.024  1.00 23.18 ? 180 HOH A O   1 
HETATM 1091 O O   . HOH B 2 .   ? 6.176   10.106  6.650   1.00 36.38 ? 181 HOH A O   1 
HETATM 1092 O O   . HOH B 2 .   ? 5.836   -15.386 -5.838  1.00 26.50 ? 182 HOH A O   1 
HETATM 1093 O O   . HOH B 2 .   ? 1.067   -8.379  -16.294 1.00 33.08 ? 183 HOH A O   1 
HETATM 1094 O O   . HOH B 2 .   ? 15.607  -11.762 -0.768  1.00 46.37 ? 184 HOH A O   1 
HETATM 1095 O O   . HOH B 2 .   ? 3.587   8.301   -16.339 1.00 35.54 ? 185 HOH A O   1 
HETATM 1096 O O   . HOH B 2 .   ? 7.423   -19.922 1.167   1.00 35.08 ? 186 HOH A O   1 
HETATM 1097 O O   . HOH B 2 .   ? -0.066  1.359   -17.258 1.00 50.14 ? 187 HOH A O   1 
HETATM 1098 O O   . HOH B 2 .   ? 1.448   14.365  -1.840  1.00 31.87 ? 188 HOH A O   1 
HETATM 1099 O O   . HOH B 2 .   ? -9.295  11.988  -7.326  1.00 34.42 ? 189 HOH A O   1 
HETATM 1100 O O   . HOH B 2 .   ? -6.917  14.388  2.626   1.00 40.51 ? 190 HOH A O   1 
HETATM 1101 O O   . HOH B 2 .   ? -7.555  13.316  22.101  1.00 35.75 ? 191 HOH A O   1 
HETATM 1102 O O   . HOH B 2 .   ? -10.368 -11.492 4.834   1.00 43.82 ? 192 HOH A O   1 
HETATM 1103 O O   . HOH B 2 .   ? -7.355  -14.354 -1.459  1.00 35.79 ? 193 HOH A O   1 
HETATM 1104 O O   . HOH B 2 .   ? 9.382   -19.288 -3.580  1.00 49.23 ? 194 HOH A O   1 
HETATM 1105 O O   . HOH B 2 .   ? -1.226  14.895  -1.218  1.00 45.23 ? 195 HOH A O   1 
HETATM 1106 O O   . HOH B 2 .   ? 14.324  1.108   -11.275 1.00 37.56 ? 196 HOH A O   1 
HETATM 1107 O O   . HOH B 2 .   ? 0.358   12.842  -17.106 1.00 41.77 ? 197 HOH A O   1 
HETATM 1108 O O   . HOH B 2 .   ? -1.589  12.376  10.515  1.00 32.11 ? 198 HOH A O   1 
HETATM 1109 O O   . HOH B 2 .   ? 16.379  -5.204  -19.891 1.00 51.70 ? 199 HOH A O   1 
HETATM 1110 O O   . HOH B 2 .   ? -8.568  17.028  2.915   1.00 53.93 ? 200 HOH A O   1 
HETATM 1111 O O   . HOH B 2 .   ? 18.678  -6.211  -11.903 1.00 50.61 ? 201 HOH A O   1 
HETATM 1112 O O   . HOH B 2 .   ? 15.133  -1.602  -9.387  1.00 30.34 ? 202 HOH A O   1 
HETATM 1113 O O   . HOH B 2 .   ? 15.133  -6.887  -11.928 1.00 52.93 ? 203 HOH A O   1 
HETATM 1114 O O   . HOH B 2 .   ? 6.685   0.555   -18.719 1.00 35.13 ? 204 HOH A O   1 
HETATM 1115 O O   . HOH B 2 .   ? -3.233  -0.236  -14.167 1.00 27.19 ? 205 HOH A O   1 
HETATM 1116 O O   . HOH B 2 .   ? -5.778  -1.140  17.615  1.00 38.26 ? 206 HOH A O   1 
HETATM 1117 O O   . HOH B 2 .   ? 2.315   12.609  7.333   1.00 36.77 ? 207 HOH A O   1 
HETATM 1118 O O   . HOH B 2 .   ? -14.592 6.364   8.246   1.00 37.61 ? 208 HOH A O   1 
HETATM 1119 O O   . HOH B 2 .   ? 2.258   -10.977 14.216  1.00 47.44 ? 209 HOH A O   1 
HETATM 1120 O O   . HOH B 2 .   ? 11.618  8.599   -2.663  1.00 42.37 ? 210 HOH A O   1 
HETATM 1121 O O   . HOH B 2 .   ? -0.420  -8.013  -12.944 1.00 48.10 ? 211 HOH A O   1 
HETATM 1122 O O   . HOH B 2 .   ? 14.240  0.897   2.584   1.00 27.03 ? 212 HOH A O   1 
HETATM 1123 O O   . HOH B 2 .   ? -11.741 -5.927  -4.248  1.00 17.10 ? 213 HOH A O   1 
HETATM 1124 O O   . HOH B 2 .   ? 0.266   12.166  5.807   1.00 22.82 ? 214 HOH A O   1 
HETATM 1125 O O   . HOH B 2 .   ? -1.945  -0.290  -16.367 1.00 29.38 ? 215 HOH A O   1 
HETATM 1126 O O   . HOH B 2 .   ? -9.671  -13.939 -3.176  1.00 43.53 ? 216 HOH A O   1 
HETATM 1127 O O   . HOH B 2 .   ? -11.291 -5.680  -6.791  1.00 35.31 ? 217 HOH A O   1 
HETATM 1128 O O   . HOH B 2 .   ? -7.631  14.475  -6.189  1.00 35.90 ? 218 HOH A O   1 
HETATM 1129 O O   . HOH B 2 .   ? -9.585  -0.760  -10.534 1.00 34.22 ? 219 HOH A O   1 
HETATM 1130 O O   . HOH B 2 .   ? 9.360   9.513   3.379   1.00 41.83 ? 220 HOH A O   1 
HETATM 1131 O O   . HOH B 2 .   ? 5.851   11.127  4.391   1.00 35.46 ? 221 HOH A O   1 
HETATM 1132 O O   . HOH B 2 .   ? 8.437   9.206   5.991   1.00 31.17 ? 222 HOH A O   1 
HETATM 1133 O O   . HOH B 2 .   ? 0.287   10.697  12.929  1.00 49.89 ? 223 HOH A O   1 
HETATM 1134 O O   . HOH B 2 .   ? -5.736  0.333   -13.541 1.00 39.88 ? 224 HOH A O   1 
HETATM 1135 O O   . HOH B 2 .   ? 4.751   12.688  -7.820  1.00 39.43 ? 225 HOH A O   1 
HETATM 1136 O O   . HOH B 2 .   ? 4.455   12.712  5.939   1.00 42.98 ? 226 HOH A O   1 
HETATM 1137 O O   . HOH B 2 .   ? -6.619  -3.846  -11.884 1.00 42.04 ? 227 HOH A O   1 
HETATM 1138 O O   . HOH B 2 .   ? -8.624  -12.851 5.658   1.00 45.53 ? 228 HOH A O   1 
HETATM 1139 O O   . HOH B 2 .   ? 17.681  -8.463  -6.219  1.00 41.19 ? 229 HOH A O   1 
HETATM 1140 O O   . HOH B 2 .   ? -11.244 -10.512 -3.823  1.00 48.91 ? 230 HOH A O   1 
HETATM 1141 O O   . HOH B 2 .   ? -9.525  16.408  -1.179  1.00 32.83 ? 231 HOH A O   1 
HETATM 1142 O O   . HOH B 2 .   ? 1.612   -15.314 8.998   1.00 39.63 ? 232 HOH A O   1 
HETATM 1143 O O   . HOH B 2 .   ? -13.572 5.793   5.294   1.00 43.27 ? 233 HOH A O   1 
HETATM 1144 O O   . HOH B 2 .   ? 0.275   -8.485  -8.939  1.00 36.93 ? 234 HOH A O   1 
HETATM 1145 O O   . HOH B 2 .   ? -6.176  15.924  9.013   1.00 35.40 ? 235 HOH A O   1 
HETATM 1146 O O   . HOH B 2 .   ? 7.536   -4.197  -18.288 1.00 39.66 ? 236 HOH A O   1 
HETATM 1147 O O   . HOH B 2 .   ? -6.246  -14.657 -4.128  1.00 51.34 ? 237 HOH A O   1 
HETATM 1148 O O   . HOH B 2 .   ? 4.646   2.119   14.374  1.00 41.22 ? 238 HOH A O   1 
HETATM 1149 O O   . HOH B 2 .   ? 2.797   -1.408  -18.142 1.00 44.04 ? 239 HOH A O   1 
HETATM 1150 O O   . HOH B 2 .   ? -0.750  1.210   -19.858 1.00 46.82 ? 240 HOH A O   1 
HETATM 1151 O O   . HOH B 2 .   ? -8.812  -6.411  9.772   1.00 26.77 ? 241 HOH A O   1 
HETATM 1152 O O   . HOH B 2 .   ? 8.488   -6.698  -18.834 1.00 39.97 ? 242 HOH A O   1 
HETATM 1153 O O   . HOH B 2 .   ? -3.764  12.786  8.511   1.00 45.23 ? 243 HOH A O   1 
HETATM 1154 O O   . HOH B 2 .   ? 1.709   -14.343 5.811   1.00 33.94 ? 244 HOH A O   1 
HETATM 1155 O O   . HOH B 2 .   ? 6.369   7.714   -15.597 1.00 41.84 ? 245 HOH A O   1 
HETATM 1156 O O   . HOH B 2 .   ? -5.155  1.090   18.450  1.00 48.15 ? 246 HOH A O   1 
HETATM 1157 O O   . HOH B 2 .   ? -3.661  -0.249  -18.419 1.00 39.10 ? 247 HOH A O   1 
HETATM 1158 O O   . HOH B 2 .   ? 6.948   2.189   15.351  1.00 38.06 ? 248 HOH A O   1 
HETATM 1159 O O   . HOH B 2 .   ? -13.189 15.359  19.996  1.00 43.49 ? 249 HOH A O   1 
HETATM 1160 O O   . HOH B 2 .   ? 2.683   1.369   -18.051 1.00 49.96 ? 250 HOH A O   1 
HETATM 1161 O O   . HOH B 2 .   ? -15.156 12.331  10.665  1.00 45.34 ? 251 HOH A O   1 
HETATM 1162 O O   . HOH B 2 .   ? 12.358  -19.110 -2.399  1.00 43.42 ? 252 HOH A O   1 
# 
